data_1GUM
#
_entry.id   1GUM
#
_cell.length_a   155.300
_cell.length_b   156.100
_cell.length_c   101.300
_cell.angle_alpha   90.00
_cell.angle_beta   90.00
_cell.angle_gamma   90.00
#
_symmetry.space_group_name_H-M   'P 21 21 2'
#
loop_
_entity.id
_entity.type
_entity.pdbx_description
1 polymer 'PROTEIN (GLUTATHIONE TRANSFERASE A4-4)'
2 water water
#
_entity_poly.entity_id   1
_entity_poly.type   'polypeptide(L)'
_entity_poly.pdbx_seq_one_letter_code
;MAARPKLHYPNGRGRMESVRWVLAAAGVEFDEEFLETKEQLYKLQDGNHLLFQQVPMVEIDGMKLVQTRSILHYIADKHN
LFGKNLKERTLIDMYVEGTLDLLELLIMHPFLKPDDQQKEVVNMAQKAIIRYFPVFEKILRGHGQSFLVGNQLSLADVIL
LQTILALEEKIPNILSAFPFLQEYTVKLSNIPTIKRFLEPGSKKKPPPDEIYVRTVYNIFRP
;
_entity_poly.pdbx_strand_id   A,B,C,D,E,F,G,H
#
# COMPACT_ATOMS: atom_id res chain seq x y z
N ARG A 4 57.71 -11.79 32.84
CA ARG A 4 57.65 -10.66 33.80
C ARG A 4 57.14 -9.36 33.15
N PRO A 5 55.92 -8.98 33.51
CA PRO A 5 55.31 -7.85 32.90
C PRO A 5 56.07 -6.58 33.04
N LYS A 6 56.10 -5.87 31.90
CA LYS A 6 56.77 -4.61 31.81
C LYS A 6 55.80 -3.46 31.56
N LEU A 7 55.96 -2.52 32.48
CA LEU A 7 55.17 -1.36 32.53
C LEU A 7 55.85 -0.17 31.94
N HIS A 8 55.18 0.43 30.96
CA HIS A 8 55.65 1.67 30.39
C HIS A 8 54.91 2.89 30.87
N TYR A 9 55.62 3.83 31.40
CA TYR A 9 54.98 4.98 31.92
C TYR A 9 56.00 5.77 32.65
N PRO A 10 55.67 7.02 32.88
CA PRO A 10 56.48 7.93 33.63
C PRO A 10 56.57 7.36 34.99
N ASN A 11 57.57 7.84 35.69
CA ASN A 11 57.67 7.34 37.03
C ASN A 11 56.79 8.16 37.94
N GLY A 12 55.62 7.64 38.15
CA GLY A 12 54.65 8.25 39.01
C GLY A 12 53.42 7.38 38.99
N ARG A 13 52.44 7.83 39.77
CA ARG A 13 51.18 7.12 39.91
C ARG A 13 50.37 7.04 38.63
N GLY A 14 49.91 8.22 38.23
CA GLY A 14 49.08 8.42 37.04
C GLY A 14 47.97 7.43 37.00
N ARG A 15 47.76 6.96 35.81
CA ARG A 15 46.76 5.96 35.61
C ARG A 15 47.29 4.55 35.76
N MET A 16 48.61 4.40 35.70
CA MET A 16 49.28 3.10 35.81
C MET A 16 49.17 2.50 37.21
N GLU A 17 48.85 3.34 38.18
CA GLU A 17 48.78 2.86 39.51
C GLU A 17 47.90 1.68 39.75
N SER A 18 46.74 1.74 39.17
CA SER A 18 45.81 0.67 39.36
C SER A 18 46.37 -0.59 38.76
N VAL A 19 47.25 -0.41 37.84
CA VAL A 19 47.82 -1.62 37.30
C VAL A 19 48.76 -2.29 38.27
N ARG A 20 49.63 -1.46 38.81
CA ARG A 20 50.54 -1.91 39.84
C ARG A 20 49.74 -2.55 40.96
N TRP A 21 48.69 -1.90 41.33
CA TRP A 21 47.85 -2.43 42.35
C TRP A 21 47.37 -3.82 42.07
N VAL A 22 46.81 -4.02 40.93
CA VAL A 22 46.31 -5.34 40.66
C VAL A 22 47.40 -6.35 40.58
N LEU A 23 48.46 -5.98 39.87
CA LEU A 23 49.54 -6.91 39.69
C LEU A 23 50.02 -7.42 41.00
N ALA A 24 50.27 -6.44 41.89
CA ALA A 24 50.74 -6.67 43.24
C ALA A 24 49.83 -7.58 44.03
N ALA A 25 48.57 -7.30 43.96
CA ALA A 25 47.63 -8.06 44.73
C ALA A 25 47.62 -9.47 44.28
N ALA A 26 47.77 -9.64 42.96
CA ALA A 26 47.81 -10.94 42.30
C ALA A 26 49.15 -11.58 42.66
N GLY A 27 49.94 -10.82 43.39
CA GLY A 27 51.22 -11.32 43.74
C GLY A 27 52.09 -11.60 42.52
N VAL A 28 51.90 -10.78 41.48
CA VAL A 28 52.70 -10.86 40.28
C VAL A 28 53.78 -9.80 40.27
N GLU A 29 55.03 -10.25 40.14
CA GLU A 29 56.16 -9.33 40.06
C GLU A 29 56.24 -8.82 38.65
N PHE A 30 56.66 -7.58 38.51
CA PHE A 30 56.70 -7.00 37.19
C PHE A 30 57.74 -5.94 37.16
N ASP A 31 58.06 -5.41 36.00
CA ASP A 31 59.09 -4.39 35.95
C ASP A 31 58.58 -3.16 35.29
N GLU A 32 59.43 -2.13 35.34
CA GLU A 32 59.10 -0.82 34.85
C GLU A 32 60.14 -0.14 34.02
N GLU A 33 59.65 0.50 32.96
CA GLU A 33 60.47 1.29 32.06
C GLU A 33 59.89 2.67 32.04
N PHE A 34 60.61 3.57 32.61
CA PHE A 34 60.08 4.89 32.81
C PHE A 34 60.15 5.88 31.72
N LEU A 35 59.04 6.51 31.45
CA LEU A 35 59.26 7.62 30.55
C LEU A 35 59.73 8.84 31.31
N GLU A 36 60.72 9.54 30.75
CA GLU A 36 61.20 10.86 31.25
C GLU A 36 61.21 11.94 30.17
N THR A 37 61.10 11.54 28.88
CA THR A 37 61.14 12.47 27.76
C THR A 37 60.20 12.19 26.62
N LYS A 38 59.88 13.30 25.95
CA LYS A 38 59.09 13.29 24.75
C LYS A 38 59.67 12.28 23.78
N GLU A 39 60.96 12.39 23.72
CA GLU A 39 61.72 11.54 22.86
C GLU A 39 61.63 10.05 23.18
N GLN A 40 61.84 9.70 24.43
CA GLN A 40 61.70 8.27 24.76
C GLN A 40 60.31 7.75 24.38
N LEU A 41 59.38 8.70 24.50
CA LEU A 41 58.06 8.44 24.12
C LEU A 41 58.03 8.20 22.62
N TYR A 42 58.65 9.12 21.89
CA TYR A 42 58.71 8.98 20.47
C TYR A 42 59.17 7.64 20.03
N LYS A 43 60.22 7.17 20.65
CA LYS A 43 60.73 5.91 20.16
C LYS A 43 59.77 4.80 20.38
N LEU A 44 59.05 5.01 21.41
CA LEU A 44 58.15 4.00 21.80
C LEU A 44 57.08 3.93 20.74
N GLN A 45 56.60 5.11 20.39
CA GLN A 45 55.57 5.17 19.42
C GLN A 45 56.15 4.81 18.13
N ASP A 46 57.32 5.40 17.86
CA ASP A 46 58.00 5.09 16.62
C ASP A 46 58.16 3.58 16.40
N GLY A 47 58.48 2.88 17.47
CA GLY A 47 58.67 1.46 17.27
C GLY A 47 57.38 0.72 17.00
N ASN A 48 56.26 1.41 17.15
CA ASN A 48 55.00 0.75 16.93
C ASN A 48 54.62 -0.14 18.11
N HIS A 49 54.98 0.36 19.29
CA HIS A 49 54.73 -0.35 20.53
C HIS A 49 53.43 -0.03 21.22
N LEU A 50 53.02 1.21 21.05
CA LEU A 50 51.82 1.73 21.61
C LEU A 50 50.74 1.65 20.59
N LEU A 51 49.86 0.65 20.71
CA LEU A 51 48.75 0.46 19.78
C LEU A 51 48.09 1.73 19.35
N PHE A 52 47.88 2.66 20.29
CA PHE A 52 47.18 3.90 19.96
C PHE A 52 47.93 5.13 20.35
N GLN A 53 49.26 4.95 20.43
CA GLN A 53 50.21 5.99 20.56
C GLN A 53 50.31 6.50 21.90
N GLN A 54 49.77 5.76 22.85
CA GLN A 54 49.81 6.27 24.20
C GLN A 54 50.08 5.23 25.22
N VAL A 55 50.40 5.70 26.46
CA VAL A 55 50.60 4.86 27.66
C VAL A 55 49.44 5.09 28.62
N PRO A 56 49.12 4.18 29.48
CA PRO A 56 49.77 2.96 29.75
C PRO A 56 49.90 1.99 28.64
N MET A 57 51.07 1.40 28.65
CA MET A 57 51.28 0.25 27.86
C MET A 57 51.91 -0.76 28.76
N VAL A 58 51.46 -1.97 28.60
CA VAL A 58 51.98 -3.06 29.36
C VAL A 58 52.20 -4.29 28.53
N GLU A 59 53.43 -4.72 28.63
CA GLU A 59 53.90 -5.90 27.94
C GLU A 59 53.65 -7.08 28.81
N ILE A 60 52.75 -7.88 28.35
CA ILE A 60 52.40 -8.99 29.13
C ILE A 60 51.96 -10.12 28.27
N ASP A 61 52.45 -11.28 28.62
CA ASP A 61 52.07 -12.50 27.89
C ASP A 61 52.26 -12.39 26.39
N GLY A 62 53.37 -11.72 26.10
CA GLY A 62 53.80 -11.45 24.75
C GLY A 62 52.90 -10.44 24.03
N MET A 63 52.18 -9.63 24.81
CA MET A 63 51.32 -8.66 24.23
C MET A 63 51.74 -7.27 24.65
N LYS A 64 51.23 -6.28 23.93
CA LYS A 64 51.54 -4.96 24.39
C LYS A 64 50.23 -4.30 24.73
N LEU A 65 49.77 -4.54 25.94
CA LEU A 65 48.49 -3.98 26.21
C LEU A 65 48.47 -2.51 26.46
N VAL A 66 47.42 -1.91 25.91
CA VAL A 66 47.08 -0.51 26.09
C VAL A 66 45.62 -0.36 26.54
N GLN A 67 45.26 0.76 27.19
CA GLN A 67 43.91 0.97 27.71
C GLN A 67 43.79 0.31 29.05
N THR A 68 43.89 1.15 30.00
CA THR A 68 43.89 0.77 31.38
C THR A 68 42.79 -0.21 31.75
N ARG A 69 41.57 0.15 31.44
CA ARG A 69 40.51 -0.77 31.73
C ARG A 69 40.74 -2.12 31.04
N SER A 70 41.25 -2.01 29.84
CA SER A 70 41.51 -3.15 29.04
C SER A 70 42.49 -4.09 29.67
N ILE A 71 43.51 -3.46 30.18
CA ILE A 71 44.58 -4.17 30.82
C ILE A 71 44.11 -4.82 32.11
N LEU A 72 43.46 -4.01 32.93
CA LEU A 72 42.99 -4.55 34.18
C LEU A 72 42.10 -5.71 33.95
N HIS A 73 41.26 -5.63 32.93
CA HIS A 73 40.40 -6.77 32.69
C HIS A 73 41.21 -7.99 32.33
N TYR A 74 42.32 -7.78 31.60
CA TYR A 74 43.11 -8.93 31.22
C TYR A 74 43.64 -9.64 32.45
N ILE A 75 44.45 -8.90 33.18
CA ILE A 75 45.01 -9.43 34.37
C ILE A 75 44.00 -10.07 35.30
N ALA A 76 42.87 -9.41 35.46
CA ALA A 76 41.82 -9.98 36.32
C ALA A 76 41.47 -11.33 35.80
N ASP A 77 41.27 -11.39 34.51
CA ASP A 77 40.90 -12.64 33.93
C ASP A 77 41.99 -13.65 33.99
N LYS A 78 43.23 -13.20 33.95
CA LYS A 78 44.29 -14.13 34.11
C LYS A 78 44.42 -14.58 35.56
N HIS A 79 43.83 -13.89 36.53
CA HIS A 79 44.05 -14.32 37.88
C HIS A 79 42.86 -14.39 38.78
N ASN A 80 41.71 -14.77 38.27
CA ASN A 80 40.62 -14.92 39.17
C ASN A 80 40.23 -13.72 40.02
N LEU A 81 40.33 -12.56 39.43
CA LEU A 81 39.93 -11.37 40.11
C LEU A 81 38.68 -10.87 39.48
N PHE A 82 38.18 -11.66 38.53
CA PHE A 82 37.00 -11.28 37.77
C PHE A 82 35.73 -12.07 38.07
N GLY A 83 35.70 -12.74 39.21
CA GLY A 83 34.50 -13.49 39.55
C GLY A 83 34.45 -14.89 38.95
N LYS A 84 33.24 -15.50 39.00
CA LYS A 84 32.99 -16.88 38.56
C LYS A 84 31.76 -17.01 37.68
N ASN A 85 31.17 -15.88 37.36
CA ASN A 85 30.11 -15.93 36.39
C ASN A 85 29.68 -14.58 35.85
N LEU A 86 28.74 -14.60 34.93
CA LEU A 86 28.33 -13.38 34.37
C LEU A 86 27.79 -12.39 35.37
N LYS A 87 26.92 -12.88 36.24
CA LYS A 87 26.31 -12.02 37.25
C LYS A 87 27.35 -11.41 38.12
N GLU A 88 28.27 -12.28 38.55
CA GLU A 88 29.40 -11.81 39.32
C GLU A 88 30.12 -10.74 38.54
N ARG A 89 30.63 -11.18 37.42
CA ARG A 89 31.38 -10.39 36.49
C ARG A 89 30.77 -9.06 36.23
N THR A 90 29.51 -9.15 35.98
CA THR A 90 28.79 -7.95 35.71
C THR A 90 28.85 -6.89 36.82
N LEU A 91 28.78 -7.35 38.08
CA LEU A 91 28.83 -6.46 39.22
C LEU A 91 30.17 -5.85 39.34
N ILE A 92 31.12 -6.73 39.31
CA ILE A 92 32.48 -6.32 39.45
C ILE A 92 32.80 -5.21 38.50
N ASP A 93 32.29 -5.46 37.31
CA ASP A 93 32.48 -4.50 36.28
C ASP A 93 31.90 -3.11 36.63
N MET A 94 30.62 -3.09 36.95
CA MET A 94 30.06 -1.86 37.31
C MET A 94 30.71 -1.23 38.48
N TYR A 95 31.04 -2.01 39.48
CA TYR A 95 31.70 -1.41 40.63
C TYR A 95 32.98 -0.77 40.22
N VAL A 96 33.67 -1.49 39.39
CA VAL A 96 34.90 -0.96 38.89
C VAL A 96 34.78 0.34 38.11
N GLU A 97 33.89 0.35 37.13
CA GLU A 97 33.70 1.54 36.36
C GLU A 97 33.34 2.74 37.26
N GLY A 98 32.35 2.51 38.14
CA GLY A 98 31.98 3.57 39.02
C GLY A 98 33.18 4.07 39.84
N THR A 99 33.95 3.16 40.36
CA THR A 99 35.04 3.63 41.19
C THR A 99 36.06 4.46 40.44
N LEU A 100 36.34 3.98 39.27
CA LEU A 100 37.25 4.61 38.39
C LEU A 100 36.81 6.05 38.16
N ASP A 101 35.51 6.23 38.17
CA ASP A 101 35.02 7.57 38.00
C ASP A 101 35.38 8.50 39.14
N LEU A 102 35.41 7.97 40.32
CA LEU A 102 35.78 8.72 41.46
C LEU A 102 37.28 8.87 41.48
N LEU A 103 37.99 7.79 41.22
CA LEU A 103 39.42 7.83 41.22
C LEU A 103 39.99 8.93 40.36
N GLU A 104 39.24 9.20 39.36
CA GLU A 104 39.63 10.17 38.41
C GLU A 104 39.92 11.53 38.96
N LEU A 105 39.10 11.89 39.87
CA LEU A 105 39.26 13.15 40.48
C LEU A 105 40.62 13.27 41.09
N LEU A 106 41.08 12.15 41.53
CA LEU A 106 42.37 12.07 42.15
C LEU A 106 43.42 12.24 41.11
N ILE A 107 43.15 11.52 40.06
CA ILE A 107 44.02 11.54 38.91
C ILE A 107 44.19 12.90 38.30
N MET A 108 43.12 13.69 38.25
CA MET A 108 43.23 14.96 37.60
C MET A 108 43.79 16.03 38.48
N HIS A 109 43.61 15.77 39.74
CA HIS A 109 43.91 16.69 40.78
C HIS A 109 45.17 17.52 40.64
N PRO A 110 46.28 16.83 40.54
CA PRO A 110 47.59 17.46 40.41
C PRO A 110 47.71 18.41 39.27
N PHE A 111 46.88 18.29 38.28
CA PHE A 111 47.07 19.24 37.19
C PHE A 111 46.12 20.42 37.24
N LEU A 112 45.65 20.71 38.43
CA LEU A 112 44.70 21.74 38.64
C LEU A 112 45.39 22.97 39.01
N LYS A 113 44.67 24.06 38.83
CA LYS A 113 45.17 25.34 39.21
C LYS A 113 44.95 25.40 40.68
N PRO A 114 46.02 25.23 41.38
CA PRO A 114 46.17 25.26 42.84
C PRO A 114 44.98 25.81 43.60
N ASP A 115 44.41 26.83 43.00
CA ASP A 115 43.22 27.45 43.53
C ASP A 115 42.02 26.49 43.46
N ASP A 116 41.91 25.81 42.34
CA ASP A 116 40.87 24.86 42.08
C ASP A 116 41.13 23.57 42.81
N GLN A 117 42.38 23.36 43.12
CA GLN A 117 42.72 22.14 43.81
C GLN A 117 41.93 21.96 45.08
N GLN A 118 41.74 23.08 45.75
CA GLN A 118 41.01 22.98 46.96
C GLN A 118 39.55 22.67 46.84
N LYS A 119 38.92 23.42 45.97
CA LYS A 119 37.50 23.22 45.72
C LYS A 119 37.24 21.75 45.45
N GLU A 120 38.12 21.27 44.64
CA GLU A 120 38.11 19.92 44.19
C GLU A 120 38.23 18.85 45.24
N VAL A 121 38.97 19.12 46.27
CA VAL A 121 39.04 18.17 47.31
C VAL A 121 37.73 18.03 47.98
N VAL A 122 37.20 19.19 48.28
CA VAL A 122 35.87 19.21 48.84
C VAL A 122 34.91 18.39 47.95
N ASN A 123 35.03 18.60 46.64
CA ASN A 123 34.16 17.81 45.81
C ASN A 123 34.32 16.28 45.90
N MET A 124 35.57 15.80 45.97
CA MET A 124 35.79 14.37 46.09
C MET A 124 35.05 13.89 47.28
N ALA A 125 35.26 14.66 48.34
CA ALA A 125 34.69 14.31 49.61
C ALA A 125 33.21 14.11 49.47
N GLN A 126 32.58 15.06 48.82
CA GLN A 126 31.20 14.88 48.69
C GLN A 126 30.81 13.69 47.82
N LYS A 127 31.41 13.52 46.67
CA LYS A 127 30.99 12.41 45.87
C LYS A 127 31.22 11.10 46.58
N ALA A 128 32.35 11.02 47.25
CA ALA A 128 32.65 9.77 47.86
C ALA A 128 31.57 9.40 48.85
N ILE A 129 31.32 10.40 49.68
CA ILE A 129 30.42 10.29 50.80
C ILE A 129 29.02 10.08 50.35
N ILE A 130 28.73 10.80 49.31
CA ILE A 130 27.38 10.77 48.85
C ILE A 130 27.04 9.72 47.81
N ARG A 131 27.86 9.64 46.79
CA ARG A 131 27.60 8.75 45.69
C ARG A 131 28.06 7.33 45.79
N TYR A 132 29.31 7.12 46.22
CA TYR A 132 29.96 5.83 46.26
C TYR A 132 29.97 5.03 47.54
N PHE A 133 30.68 5.52 48.55
CA PHE A 133 30.82 4.85 49.84
C PHE A 133 29.55 4.19 50.34
N PRO A 134 28.47 4.89 50.16
CA PRO A 134 27.24 4.35 50.62
C PRO A 134 26.83 3.05 49.94
N VAL A 135 27.09 2.95 48.65
CA VAL A 135 26.71 1.82 47.86
C VAL A 135 27.44 0.60 48.40
N PHE A 136 28.73 0.83 48.54
CA PHE A 136 29.56 -0.23 49.02
C PHE A 136 29.23 -0.66 50.42
N GLU A 137 29.07 0.33 51.32
CA GLU A 137 28.76 0.05 52.72
C GLU A 137 27.57 -0.88 52.77
N LYS A 138 26.54 -0.48 52.09
CA LYS A 138 25.35 -1.28 52.00
C LYS A 138 25.59 -2.72 51.55
N ILE A 139 26.30 -2.87 50.47
CA ILE A 139 26.61 -4.17 49.91
C ILE A 139 27.23 -5.06 50.93
N LEU A 140 28.23 -4.48 51.54
CA LEU A 140 29.00 -5.19 52.52
C LEU A 140 28.15 -5.57 53.71
N ARG A 141 27.39 -4.56 54.08
CA ARG A 141 26.56 -4.62 55.26
C ARG A 141 25.55 -5.67 55.08
N GLY A 142 25.14 -5.79 53.86
CA GLY A 142 24.11 -6.75 53.64
C GLY A 142 24.54 -8.18 53.36
N HIS A 143 25.84 -8.55 53.37
CA HIS A 143 26.14 -9.94 53.07
C HIS A 143 27.14 -10.47 54.02
N GLY A 144 27.62 -9.50 54.76
CA GLY A 144 28.57 -9.77 55.80
C GLY A 144 29.89 -10.28 55.36
N GLN A 145 30.13 -10.51 54.05
CA GLN A 145 31.41 -11.01 53.59
C GLN A 145 32.54 -10.01 53.46
N SER A 146 33.76 -10.51 53.34
CA SER A 146 34.90 -9.60 53.33
C SER A 146 35.28 -9.11 51.95
N PHE A 147 34.43 -9.45 50.98
CA PHE A 147 34.61 -9.10 49.61
C PHE A 147 33.36 -8.54 49.08
N LEU A 148 33.51 -7.69 48.10
CA LEU A 148 32.36 -7.07 47.52
C LEU A 148 31.47 -8.05 46.83
N VAL A 149 32.16 -8.92 46.08
CA VAL A 149 31.50 -9.89 45.24
C VAL A 149 32.04 -11.31 45.37
N GLY A 150 31.08 -12.25 45.51
CA GLY A 150 31.36 -13.69 45.59
C GLY A 150 32.36 -14.23 46.63
N ASN A 151 32.45 -13.59 47.76
CA ASN A 151 33.31 -14.03 48.81
C ASN A 151 34.72 -14.24 48.42
N GLN A 152 35.11 -13.59 47.37
CA GLN A 152 36.49 -13.66 47.03
C GLN A 152 37.01 -12.33 46.49
N LEU A 153 38.29 -12.12 46.68
CA LEU A 153 38.91 -10.95 46.13
C LEU A 153 38.70 -10.87 44.63
N SER A 154 38.35 -9.67 44.24
CA SER A 154 38.10 -9.31 42.88
C SER A 154 38.72 -7.96 42.58
N LEU A 155 38.62 -7.65 41.33
CA LEU A 155 39.14 -6.44 40.85
C LEU A 155 38.48 -5.27 41.51
N ALA A 156 37.14 -5.41 41.75
CA ALA A 156 36.41 -4.32 42.39
C ALA A 156 37.00 -3.94 43.72
N ASP A 157 37.42 -4.96 44.49
CA ASP A 157 38.00 -4.75 45.78
C ASP A 157 39.30 -4.01 45.65
N VAL A 158 40.12 -4.39 44.71
CA VAL A 158 41.38 -3.67 44.61
C VAL A 158 41.28 -2.19 44.22
N ILE A 159 40.40 -1.90 43.30
CA ILE A 159 40.26 -0.54 42.88
C ILE A 159 39.67 0.30 44.00
N LEU A 160 38.69 -0.31 44.63
CA LEU A 160 38.06 0.35 45.75
C LEU A 160 39.07 0.67 46.83
N LEU A 161 39.86 -0.31 47.18
CA LEU A 161 40.89 -0.12 48.14
C LEU A 161 41.82 1.01 47.75
N GLN A 162 42.32 0.88 46.55
CA GLN A 162 43.23 1.82 45.99
C GLN A 162 42.77 3.25 46.18
N THR A 163 41.57 3.43 45.78
CA THR A 163 40.90 4.70 45.80
C THR A 163 40.66 5.22 47.19
N ILE A 164 40.11 4.37 48.00
CA ILE A 164 39.81 4.79 49.35
C ILE A 164 41.07 5.29 50.03
N LEU A 165 42.15 4.56 49.82
CA LEU A 165 43.33 5.03 50.48
C LEU A 165 43.80 6.35 50.01
N ALA A 166 43.74 6.46 48.72
CA ALA A 166 44.15 7.64 48.02
C ALA A 166 43.34 8.82 48.50
N LEU A 167 42.08 8.53 48.72
CA LEU A 167 41.26 9.59 49.17
C LEU A 167 41.62 9.98 50.56
N GLU A 168 41.88 8.94 51.36
CA GLU A 168 42.25 9.19 52.73
C GLU A 168 43.51 9.95 52.81
N GLU A 169 44.30 9.85 51.77
CA GLU A 169 45.48 10.66 51.86
C GLU A 169 45.07 12.12 51.83
N LYS A 170 43.99 12.46 51.18
CA LYS A 170 43.61 13.86 51.16
C LYS A 170 42.58 14.22 52.25
N ILE A 171 41.72 13.26 52.57
CA ILE A 171 40.66 13.45 53.55
C ILE A 171 40.60 12.21 54.40
N PRO A 172 41.47 12.32 55.33
CA PRO A 172 41.87 11.34 56.27
C PRO A 172 40.78 10.66 57.00
N ASN A 173 39.67 11.35 57.20
CA ASN A 173 38.52 10.84 57.93
C ASN A 173 37.34 10.48 57.05
N ILE A 174 37.52 10.51 55.76
CA ILE A 174 36.45 10.24 54.84
C ILE A 174 35.62 8.95 55.16
N LEU A 175 36.29 7.98 55.71
CA LEU A 175 35.68 6.72 56.06
C LEU A 175 34.81 6.68 57.29
N SER A 176 35.09 7.62 58.20
CA SER A 176 34.39 7.86 59.48
C SER A 176 32.99 7.30 59.51
N ALA A 177 32.14 7.75 58.62
CA ALA A 177 30.79 7.25 58.68
C ALA A 177 30.60 5.87 58.07
N PHE A 178 31.69 5.16 57.77
CA PHE A 178 31.53 3.88 57.08
C PHE A 178 32.35 2.73 57.62
N PRO A 179 31.99 2.44 58.84
CA PRO A 179 32.44 1.36 59.69
C PRO A 179 32.60 0.05 58.92
N PHE A 180 31.63 -0.31 58.05
CA PHE A 180 31.88 -1.48 57.22
C PHE A 180 33.06 -1.22 56.30
N LEU A 181 33.00 -0.15 55.54
CA LEU A 181 34.11 0.20 54.70
C LEU A 181 35.41 0.24 55.52
N GLN A 182 35.32 0.71 56.75
CA GLN A 182 36.55 0.71 57.53
C GLN A 182 37.09 -0.68 57.79
N GLU A 183 36.18 -1.55 58.20
CA GLU A 183 36.63 -2.88 58.47
C GLU A 183 37.22 -3.55 57.26
N TYR A 184 36.40 -3.57 56.18
CA TYR A 184 36.78 -4.11 54.86
C TYR A 184 38.22 -3.65 54.48
N THR A 185 38.41 -2.33 54.56
CA THR A 185 39.68 -1.75 54.23
C THR A 185 40.79 -2.34 55.04
N VAL A 186 40.52 -2.49 56.27
CA VAL A 186 41.58 -3.05 57.10
C VAL A 186 41.97 -4.44 56.71
N LYS A 187 40.97 -5.29 56.70
CA LYS A 187 41.23 -6.64 56.31
C LYS A 187 41.96 -6.81 54.98
N LEU A 188 41.45 -6.12 53.96
CA LEU A 188 42.06 -6.20 52.68
C LEU A 188 43.52 -5.84 52.82
N SER A 189 43.74 -4.75 53.55
CA SER A 189 45.11 -4.32 53.59
C SER A 189 45.99 -5.33 54.26
N ASN A 190 45.32 -6.27 54.90
CA ASN A 190 46.05 -7.33 55.57
C ASN A 190 46.47 -8.47 54.71
N ILE A 191 45.81 -8.63 53.58
CA ILE A 191 46.22 -9.60 52.58
C ILE A 191 47.65 -9.30 52.18
N PRO A 192 48.37 -10.32 52.42
CA PRO A 192 49.80 -10.40 52.37
C PRO A 192 50.43 -9.68 51.24
N THR A 193 49.97 -9.99 50.01
CA THR A 193 50.44 -9.34 48.77
C THR A 193 50.38 -7.83 48.96
N ILE A 194 49.15 -7.45 49.31
CA ILE A 194 48.77 -6.10 49.56
C ILE A 194 49.56 -5.54 50.67
N LYS A 195 49.55 -6.31 51.75
CA LYS A 195 50.25 -5.90 52.93
C LYS A 195 51.66 -5.50 52.53
N ARG A 196 52.25 -6.31 51.63
CA ARG A 196 53.58 -6.02 51.20
C ARG A 196 53.65 -4.78 50.37
N PHE A 197 52.70 -4.72 49.43
CA PHE A 197 52.61 -3.62 48.48
C PHE A 197 52.53 -2.35 49.28
N LEU A 198 51.85 -2.46 50.39
CA LEU A 198 51.71 -1.30 51.20
C LEU A 198 52.94 -0.95 51.97
N GLU A 199 53.71 -1.99 52.28
CA GLU A 199 54.96 -1.89 52.98
C GLU A 199 55.98 -1.19 52.08
N PRO A 200 57.19 -1.00 52.58
CA PRO A 200 58.24 -0.33 51.84
C PRO A 200 58.95 -1.19 50.85
N GLY A 201 59.51 -0.47 49.86
CA GLY A 201 60.21 -1.06 48.74
C GLY A 201 59.29 -1.80 47.76
N SER A 202 58.03 -1.29 47.63
CA SER A 202 57.03 -1.83 46.73
C SER A 202 57.08 -0.96 45.50
N LYS A 203 56.45 -1.42 44.39
CA LYS A 203 56.49 -0.61 43.20
C LYS A 203 55.41 0.47 43.27
N LYS A 204 54.71 0.45 44.39
CA LYS A 204 53.69 1.40 44.74
C LYS A 204 54.25 2.81 44.72
N LYS A 205 53.76 3.62 43.83
CA LYS A 205 54.17 5.01 43.70
C LYS A 205 53.45 5.93 44.69
N PRO A 206 54.07 7.05 44.88
CA PRO A 206 53.61 8.09 45.78
C PRO A 206 52.84 9.16 45.10
N PRO A 207 52.34 10.01 45.93
CA PRO A 207 51.56 11.05 45.43
C PRO A 207 52.51 11.91 44.71
N PRO A 208 52.03 12.26 43.53
CA PRO A 208 52.70 13.03 42.55
C PRO A 208 53.11 14.38 43.10
N ASP A 209 54.34 14.76 42.75
CA ASP A 209 55.03 15.98 43.12
C ASP A 209 55.19 16.84 41.89
N GLU A 210 55.59 18.04 42.20
CA GLU A 210 55.85 19.08 41.25
C GLU A 210 56.66 18.55 40.07
N ILE A 211 57.62 17.75 40.40
CA ILE A 211 58.46 17.17 39.38
C ILE A 211 57.68 16.33 38.38
N TYR A 212 57.02 15.34 38.95
CA TYR A 212 56.23 14.43 38.15
C TYR A 212 55.36 15.18 37.14
N VAL A 213 54.74 16.18 37.71
CA VAL A 213 53.89 16.98 36.92
C VAL A 213 54.64 17.61 35.79
N ARG A 214 55.70 18.28 36.18
CA ARG A 214 56.61 18.88 35.23
C ARG A 214 57.01 17.91 34.13
N THR A 215 57.52 16.80 34.54
CA THR A 215 57.91 15.77 33.64
C THR A 215 56.81 15.35 32.70
N VAL A 216 55.64 15.24 33.29
CA VAL A 216 54.53 14.76 32.51
C VAL A 216 54.24 15.77 31.46
N TYR A 217 54.27 17.00 31.93
CA TYR A 217 54.08 18.08 31.02
C TYR A 217 55.20 18.03 30.03
N ASN A 218 56.34 17.56 30.49
CA ASN A 218 57.41 17.54 29.54
C ASN A 218 57.23 16.51 28.47
N ILE A 219 56.90 15.31 28.88
CA ILE A 219 56.78 14.25 27.93
C ILE A 219 55.75 14.47 26.90
N PHE A 220 54.74 15.28 27.26
CA PHE A 220 53.58 15.54 26.41
C PHE A 220 53.31 17.05 26.30
N ARG B 4 11.94 -6.87 27.33
CA ARG B 4 12.24 -5.72 26.46
C ARG B 4 13.00 -4.60 27.20
N PRO B 5 14.28 -4.47 26.85
CA PRO B 5 15.11 -3.53 27.53
C PRO B 5 14.63 -2.13 27.47
N LYS B 6 14.75 -1.50 28.65
CA LYS B 6 14.35 -0.13 28.84
C LYS B 6 15.54 0.78 29.15
N LEU B 7 15.60 1.78 28.31
CA LEU B 7 16.61 2.75 28.33
C LEU B 7 16.18 4.02 29.00
N HIS B 8 16.95 4.40 30.00
CA HIS B 8 16.75 5.66 30.66
C HIS B 8 17.74 6.73 30.26
N TYR B 9 17.25 7.83 29.78
CA TYR B 9 18.12 8.85 29.34
C TYR B 9 17.28 9.89 28.67
N PRO B 10 17.88 11.05 28.53
CA PRO B 10 17.28 12.15 27.84
C PRO B 10 17.08 11.71 26.44
N ASN B 11 16.21 12.43 25.78
CA ASN B 11 16.02 12.06 24.41
C ASN B 11 17.06 12.73 23.56
N GLY B 12 18.11 11.98 23.30
CA GLY B 12 19.18 12.44 22.48
C GLY B 12 20.20 11.32 22.44
N ARG B 13 21.26 11.60 21.68
CA ARG B 13 22.35 10.67 21.49
C ARG B 13 23.11 10.34 22.75
N GLY B 14 23.81 11.36 23.23
CA GLY B 14 24.64 11.30 24.41
C GLY B 14 25.53 10.11 24.39
N ARG B 15 25.62 9.53 25.55
CA ARG B 15 26.39 8.32 25.67
C ARG B 15 25.57 7.08 25.44
N MET B 16 24.25 7.19 25.50
CA MET B 16 23.33 6.08 25.31
C MET B 16 23.32 5.55 23.88
N GLU B 17 23.82 6.37 22.96
CA GLU B 17 23.80 5.98 21.59
C GLU B 17 24.41 4.66 21.28
N SER B 18 25.55 4.43 21.86
CA SER B 18 26.24 3.21 21.59
C SER B 18 25.42 2.06 22.09
N VAL B 19 24.59 2.36 23.04
CA VAL B 19 23.78 1.26 23.50
C VAL B 19 22.72 0.87 22.50
N ARG B 20 22.05 1.89 22.01
CA ARG B 20 21.07 1.72 20.96
C ARG B 20 21.73 0.99 19.80
N TRP B 21 22.90 1.43 19.46
CA TRP B 21 23.62 0.80 18.40
C TRP B 21 23.79 -0.67 18.60
N VAL B 22 24.29 -1.06 19.72
CA VAL B 22 24.50 -2.46 19.90
C VAL B 22 23.21 -3.23 19.92
N LEU B 23 22.26 -2.70 20.66
CA LEU B 23 21.00 -3.39 20.79
C LEU B 23 20.44 -3.70 19.44
N ALA B 24 20.40 -2.63 18.63
CA ALA B 24 19.91 -2.67 17.26
C ALA B 24 20.62 -3.70 16.41
N ALA B 25 21.91 -3.69 16.48
CA ALA B 25 22.68 -4.58 15.67
C ALA B 25 22.39 -5.99 16.03
N ALA B 26 22.19 -6.20 17.33
CA ALA B 26 21.87 -7.51 17.89
C ALA B 26 20.43 -7.83 17.51
N GLY B 27 19.82 -6.87 16.84
CA GLY B 27 18.47 -7.07 16.46
C GLY B 27 17.55 -7.25 17.67
N VAL B 28 17.90 -6.55 18.76
CA VAL B 28 17.09 -6.53 19.95
C VAL B 28 16.26 -5.27 20.03
N GLU B 29 14.95 -5.46 20.16
CA GLU B 29 14.03 -4.33 20.29
C GLU B 29 14.05 -3.92 21.74
N PHE B 30 13.89 -2.62 21.95
CA PHE B 30 13.97 -2.13 23.31
C PHE B 30 13.18 -0.89 23.40
N ASP B 31 12.96 -0.37 24.61
CA ASP B 31 12.17 0.84 24.74
C ASP B 31 12.92 1.88 25.46
N GLU B 32 12.30 3.08 25.49
CA GLU B 32 12.90 4.24 26.06
C GLU B 32 12.01 5.08 26.94
N GLU B 33 12.60 5.53 28.04
CA GLU B 33 11.98 6.40 28.99
C GLU B 33 12.84 7.63 29.10
N PHE B 34 12.32 8.71 28.58
CA PHE B 34 13.11 9.89 28.48
C PHE B 34 13.25 10.80 29.63
N LEU B 35 14.46 11.17 29.93
CA LEU B 35 14.47 12.23 30.90
C LEU B 35 14.28 13.57 30.23
N GLU B 36 13.44 14.43 30.84
CA GLU B 36 13.26 15.85 30.43
C GLU B 36 13.47 16.84 31.59
N THR B 37 13.47 16.33 32.83
CA THR B 37 13.62 17.19 34.02
C THR B 37 14.47 16.64 35.13
N LYS B 38 15.01 17.61 35.86
CA LYS B 38 15.77 17.35 37.06
C LYS B 38 14.98 16.43 37.96
N GLU B 39 13.74 16.80 38.04
CA GLU B 39 12.83 16.07 38.84
C GLU B 39 12.60 14.62 38.43
N GLN B 40 12.33 14.40 37.15
CA GLN B 40 12.17 13.01 36.74
C GLN B 40 13.42 12.19 37.08
N LEU B 41 14.53 12.91 37.01
CA LEU B 41 15.77 12.37 37.37
C LEU B 41 15.74 12.03 38.84
N TYR B 42 15.30 13.01 39.64
CA TYR B 42 15.21 12.79 41.05
C TYR B 42 14.47 11.55 41.41
N LYS B 43 13.36 11.35 40.76
CA LYS B 43 12.59 10.20 41.17
C LYS B 43 13.30 8.93 40.87
N LEU B 44 14.06 9.05 39.86
CA LEU B 44 14.72 7.90 39.40
C LEU B 44 15.75 7.54 40.44
N GLN B 45 16.46 8.57 40.85
CA GLN B 45 17.47 8.35 41.83
C GLN B 45 16.82 8.03 43.10
N ASP B 46 15.79 8.83 43.41
CA ASP B 46 15.05 8.59 44.64
C ASP B 46 14.58 7.15 44.75
N GLY B 47 14.12 6.59 43.65
CA GLY B 47 13.65 5.24 43.74
C GLY B 47 14.75 4.23 43.97
N ASN B 48 15.99 4.67 43.85
CA ASN B 48 17.08 3.75 44.01
C ASN B 48 17.27 2.89 42.79
N HIS B 49 17.05 3.53 41.64
CA HIS B 49 17.14 2.86 40.36
C HIS B 49 18.49 2.95 39.68
N LEU B 50 19.15 4.06 39.93
CA LEU B 50 20.43 4.35 39.39
C LEU B 50 21.47 3.98 40.40
N LEU B 51 22.12 2.83 40.22
CA LEU B 51 23.15 2.36 41.12
C LEU B 51 24.06 3.41 41.63
N PHE B 52 24.47 4.34 40.76
CA PHE B 52 25.41 5.38 41.17
C PHE B 52 24.93 6.77 40.86
N GLN B 53 23.60 6.87 40.79
CA GLN B 53 22.90 8.11 40.72
C GLN B 53 22.91 8.71 39.41
N GLN B 54 23.30 7.92 38.41
CA GLN B 54 23.37 8.52 37.09
C GLN B 54 22.91 7.63 36.02
N VAL B 55 22.70 8.24 34.82
CA VAL B 55 22.33 7.54 33.57
C VAL B 55 23.53 7.58 32.61
N PRO B 56 23.66 6.68 31.69
CA PRO B 56 22.76 5.64 31.35
C PRO B 56 22.42 4.66 32.38
N MET B 57 21.16 4.33 32.34
CA MET B 57 20.71 3.20 33.06
C MET B 57 19.89 2.41 32.10
N VAL B 58 20.08 1.12 32.19
CA VAL B 58 19.34 0.21 31.35
C VAL B 58 18.86 -0.99 32.10
N GLU B 59 17.57 -1.15 31.97
CA GLU B 59 16.86 -2.26 32.59
C GLU B 59 16.85 -3.39 31.65
N ILE B 60 17.56 -4.40 32.05
CA ILE B 60 17.68 -5.50 31.19
C ILE B 60 17.87 -6.75 31.98
N ASP B 61 17.14 -7.77 31.56
CA ASP B 61 17.27 -9.07 32.21
C ASP B 61 17.09 -9.02 33.70
N GLY B 62 16.13 -8.15 34.05
CA GLY B 62 15.76 -7.89 35.42
C GLY B 62 16.85 -7.14 36.19
N MET B 63 17.73 -6.45 35.46
CA MET B 63 18.77 -5.72 36.11
C MET B 63 18.66 -4.26 35.77
N LYS B 64 19.34 -3.44 36.55
CA LYS B 64 19.33 -2.05 36.18
C LYS B 64 20.75 -1.67 35.88
N LEU B 65 21.16 -1.91 34.65
CA LEU B 65 22.53 -1.62 34.43
C LEU B 65 22.86 -0.17 34.26
N VAL B 66 24.00 0.15 34.84
CA VAL B 66 24.64 1.47 34.76
C VAL B 66 26.10 1.33 34.31
N GLN B 67 26.70 2.40 33.73
CA GLN B 67 28.06 2.35 33.22
C GLN B 67 28.05 1.76 31.84
N THR B 68 28.14 2.66 30.95
CA THR B 68 28.08 2.37 29.54
C THR B 68 28.95 1.22 29.10
N ARG B 69 30.21 1.30 29.43
CA ARG B 69 31.06 0.19 29.08
C ARG B 69 30.55 -1.11 29.68
N SER B 70 30.05 -0.98 30.88
CA SER B 70 29.56 -2.09 31.61
C SER B 70 28.41 -2.76 30.92
N ILE B 71 27.54 -1.90 30.47
CA ILE B 71 26.36 -2.32 29.78
C ILE B 71 26.69 -2.98 28.45
N LEU B 72 27.50 -2.28 27.69
CA LEU B 72 27.86 -2.82 26.40
C LEU B 72 28.49 -4.15 26.55
N HIS B 73 29.31 -4.31 27.56
CA HIS B 73 29.92 -5.61 27.72
C HIS B 73 28.85 -6.67 28.01
N TYR B 74 27.82 -6.28 28.76
CA TYR B 74 26.79 -7.25 29.07
C TYR B 74 26.14 -7.75 27.79
N ILE B 75 25.51 -6.82 27.12
CA ILE B 75 24.86 -7.15 25.90
C ILE B 75 25.73 -7.91 24.92
N ALA B 76 26.97 -7.50 24.79
CA ALA B 76 27.87 -8.21 23.90
C ALA B 76 27.94 -9.64 24.33
N ASP B 77 28.11 -9.82 25.62
CA ASP B 77 28.20 -11.16 26.11
C ASP B 77 26.92 -11.91 25.98
N LYS B 78 25.81 -11.21 26.07
CA LYS B 78 24.57 -11.90 25.85
C LYS B 78 24.37 -12.21 24.37
N HIS B 79 25.10 -11.61 23.45
CA HIS B 79 24.80 -11.89 22.07
C HIS B 79 25.96 -12.13 21.17
N ASN B 80 27.00 -12.79 21.65
CA ASN B 80 28.04 -13.11 20.73
C ASN B 80 28.68 -11.96 19.96
N LEU B 81 28.82 -10.84 20.63
CA LEU B 81 29.47 -9.72 20.01
C LEU B 81 30.80 -9.54 20.67
N PHE B 82 31.10 -10.48 21.57
CA PHE B 82 32.33 -10.40 22.34
C PHE B 82 33.41 -11.43 21.99
N GLY B 83 33.32 -12.01 20.80
CA GLY B 83 34.33 -12.97 20.42
C GLY B 83 34.09 -14.39 20.92
N LYS B 84 35.13 -15.23 20.82
CA LYS B 84 35.09 -16.65 21.17
C LYS B 84 36.25 -17.09 22.04
N ASN B 85 37.07 -16.14 22.42
CA ASN B 85 38.08 -16.48 23.38
C ASN B 85 38.79 -15.28 24.00
N LEU B 86 39.69 -15.56 24.91
CA LEU B 86 40.34 -14.49 25.56
C LEU B 86 41.09 -13.57 24.62
N LYS B 87 41.84 -14.17 23.71
CA LYS B 87 42.63 -13.40 22.77
C LYS B 87 41.75 -12.53 21.93
N GLU B 88 40.67 -13.16 21.46
CA GLU B 88 39.67 -12.41 20.72
C GLU B 88 39.19 -11.27 21.57
N ARG B 89 38.58 -11.66 22.67
CA ARG B 89 38.00 -10.80 23.66
C ARG B 89 38.87 -9.65 23.99
N THR B 90 40.09 -10.01 24.23
CA THR B 90 41.05 -9.02 24.57
C THR B 90 41.21 -7.88 23.53
N LEU B 91 41.20 -8.27 22.25
CA LEU B 91 41.34 -7.32 21.17
C LEU B 91 40.15 -6.43 21.08
N ILE B 92 39.04 -7.10 21.07
CA ILE B 92 37.80 -6.41 20.97
C ILE B 92 37.73 -5.32 21.98
N ASP B 93 38.15 -5.73 23.16
CA ASP B 93 38.18 -4.84 24.26
C ASP B 93 39.02 -3.57 23.98
N MET B 94 40.28 -3.80 23.67
CA MET B 94 41.09 -2.69 23.38
C MET B 94 40.60 -1.87 22.26
N TYR B 95 40.12 -2.49 21.21
CA TYR B 95 39.60 -1.70 20.11
C TYR B 95 38.50 -0.83 20.56
N VAL B 96 37.66 -1.45 21.35
CA VAL B 96 36.56 -0.70 21.88
C VAL B 96 36.94 0.49 22.75
N GLU B 97 37.80 0.24 23.72
CA GLU B 97 38.24 1.32 24.57
C GLU B 97 38.85 2.48 23.75
N GLY B 98 39.77 2.10 22.85
CA GLY B 98 40.36 3.12 22.03
C GLY B 98 39.30 3.91 21.26
N THR B 99 38.38 3.22 20.69
CA THR B 99 37.41 3.95 19.90
C THR B 99 36.58 4.93 20.71
N LEU B 100 36.19 4.44 21.84
CA LEU B 100 35.43 5.19 22.76
C LEU B 100 36.16 6.50 23.09
N ASP B 101 37.47 6.39 23.07
CA ASP B 101 38.22 7.59 23.34
C ASP B 101 38.08 8.64 22.26
N LEU B 102 37.94 8.20 21.05
CA LEU B 102 37.74 9.10 19.97
C LEU B 102 36.31 9.56 19.95
N LEU B 103 35.39 8.63 20.15
CA LEU B 103 34.00 8.98 20.16
C LEU B 103 33.67 10.11 21.10
N GLU B 104 34.45 10.16 22.10
CA GLU B 104 34.26 11.12 23.13
C GLU B 104 34.27 12.53 22.66
N LEU B 105 35.16 12.78 21.78
CA LEU B 105 35.27 14.08 21.24
C LEU B 105 33.96 14.52 20.66
N LEU B 106 33.29 13.55 20.14
CA LEU B 106 32.01 13.79 19.54
C LEU B 106 31.01 14.10 20.58
N ILE B 107 31.12 13.28 21.59
CA ILE B 107 30.27 13.41 22.74
C ILE B 107 30.38 14.73 23.44
N MET B 108 31.59 15.27 23.53
CA MET B 108 31.74 16.49 24.26
C MET B 108 31.43 17.72 23.45
N HIS B 109 31.55 17.50 22.18
CA HIS B 109 31.47 18.53 21.21
C HIS B 109 30.41 19.59 21.40
N PRO B 110 29.18 19.15 21.47
CA PRO B 110 28.03 20.02 21.65
C PRO B 110 28.11 20.91 22.85
N PHE B 111 28.88 20.56 23.82
CA PHE B 111 28.88 21.44 24.96
C PHE B 111 30.05 22.41 24.99
N LEU B 112 30.58 22.67 23.83
CA LEU B 112 31.73 23.49 23.67
C LEU B 112 31.32 24.86 23.38
N LYS B 113 32.25 25.74 23.65
CA LYS B 113 32.03 27.13 23.35
C LYS B 113 32.28 27.24 21.88
N PRO B 114 31.19 27.34 21.17
CA PRO B 114 31.07 27.50 19.73
C PRO B 114 32.35 27.84 18.99
N ASP B 115 33.12 28.67 19.65
CA ASP B 115 34.41 29.07 19.17
C ASP B 115 35.38 27.87 19.15
N ASP B 116 35.33 27.11 20.23
CA ASP B 116 36.16 25.94 20.42
C ASP B 116 35.65 24.79 19.61
N GLN B 117 34.37 24.87 19.29
CA GLN B 117 33.78 23.80 18.54
C GLN B 117 34.53 23.54 17.26
N GLN B 118 34.97 24.63 16.66
CA GLN B 118 35.67 24.45 15.43
C GLN B 118 37.03 23.84 15.52
N LYS B 119 37.81 24.38 16.44
CA LYS B 119 39.14 23.88 16.67
C LYS B 119 39.08 22.37 16.84
N GLU B 120 38.12 22.03 17.63
CA GLU B 120 37.84 20.69 17.98
C GLU B 120 37.51 19.73 16.87
N VAL B 121 36.86 20.22 15.86
CA VAL B 121 36.59 19.38 14.76
C VAL B 121 37.86 19.01 14.07
N VAL B 122 38.62 20.05 13.86
CA VAL B 122 39.93 19.83 13.28
C VAL B 122 40.68 18.76 14.11
N ASN B 123 40.60 18.90 15.44
CA ASN B 123 41.28 17.90 16.21
C ASN B 123 40.81 16.45 16.01
N MET B 124 39.48 16.25 15.92
CA MET B 124 38.96 14.91 15.71
C MET B 124 39.60 14.36 14.47
N ALA B 125 39.55 15.23 13.48
CA ALA B 125 40.05 14.85 12.19
C ALA B 125 41.46 14.34 12.31
N GLN B 126 42.27 15.09 13.02
CA GLN B 126 43.58 14.61 13.13
C GLN B 126 43.71 13.32 13.91
N LYS B 127 43.08 13.21 15.05
CA LYS B 127 43.24 11.98 15.78
C LYS B 127 42.75 10.80 14.99
N ALA B 128 41.64 10.99 14.32
CA ALA B 128 41.10 9.88 13.63
C ALA B 128 42.08 9.36 12.61
N ILE B 129 42.53 10.33 11.84
CA ILE B 129 43.40 10.11 10.72
C ILE B 129 44.71 9.58 11.14
N ILE B 130 45.14 10.15 12.21
CA ILE B 130 46.45 9.81 12.67
C ILE B 130 46.56 8.65 13.64
N ARG B 131 45.73 8.67 14.66
CA ARG B 131 45.80 7.70 15.71
C ARG B 131 45.04 6.40 15.50
N TYR B 132 43.78 6.49 15.07
CA TYR B 132 42.88 5.37 14.95
C TYR B 132 42.71 4.66 13.61
N PHE B 133 42.13 5.37 12.65
CA PHE B 133 41.86 4.82 11.32
C PHE B 133 42.97 3.94 10.77
N PRO B 134 44.16 4.39 10.99
CA PRO B 134 45.26 3.63 10.48
C PRO B 134 45.39 2.23 11.08
N VAL B 135 45.11 2.12 12.36
CA VAL B 135 45.22 0.87 13.06
C VAL B 135 44.26 -0.13 12.46
N PHE B 136 43.06 0.38 12.34
CA PHE B 136 42.02 -0.45 11.80
C PHE B 136 42.26 -0.84 10.37
N GLU B 137 42.63 0.15 9.54
CA GLU B 137 42.89 -0.11 8.12
C GLU B 137 43.87 -1.27 8.01
N LYS B 138 44.95 -1.13 8.70
CA LYS B 138 45.94 -2.17 8.73
C LYS B 138 45.40 -3.54 9.10
N ILE B 139 44.67 -3.61 10.16
CA ILE B 139 44.09 -4.85 10.65
C ILE B 139 43.29 -5.53 9.56
N LEU B 140 42.44 -4.71 8.99
CA LEU B 140 41.56 -5.17 7.97
C LEU B 140 42.32 -5.65 6.77
N ARG B 141 43.28 -4.80 6.45
CA ARG B 141 44.09 -4.95 5.28
C ARG B 141 44.86 -6.20 5.39
N GLY B 142 45.22 -6.50 6.58
CA GLY B 142 46.03 -7.66 6.72
C GLY B 142 45.30 -8.98 6.92
N HIS B 143 43.96 -9.06 6.89
CA HIS B 143 43.36 -10.38 7.11
C HIS B 143 42.29 -10.62 6.12
N GLY B 144 42.01 -9.53 5.45
CA GLY B 144 41.05 -9.52 4.41
C GLY B 144 39.63 -9.78 4.81
N GLN B 145 39.35 -10.03 6.12
CA GLN B 145 37.99 -10.29 6.55
C GLN B 145 37.10 -9.08 6.75
N SER B 146 35.79 -9.32 6.84
CA SER B 146 34.87 -8.19 6.91
C SER B 146 34.59 -7.72 8.32
N PHE B 147 35.34 -8.30 9.27
CA PHE B 147 35.22 -8.02 10.65
C PHE B 147 36.56 -7.76 11.21
N LEU B 148 36.58 -6.96 12.25
CA LEU B 148 37.84 -6.63 12.86
C LEU B 148 38.49 -7.83 13.48
N VAL B 149 37.63 -8.58 14.17
CA VAL B 149 38.07 -9.72 14.95
C VAL B 149 37.24 -10.99 14.73
N GLY B 150 37.99 -12.09 14.52
CA GLY B 150 37.42 -13.43 14.36
C GLY B 150 36.32 -13.67 13.29
N ASN B 151 36.38 -12.96 12.20
CA ASN B 151 35.46 -13.14 11.13
C ASN B 151 34.03 -13.08 11.52
N GLN B 152 33.78 -12.42 12.61
CA GLN B 152 32.41 -12.23 12.94
C GLN B 152 32.18 -10.85 13.58
N LEU B 153 30.97 -10.38 13.41
CA LEU B 153 30.61 -9.13 14.04
C LEU B 153 30.81 -9.20 15.53
N SER B 154 31.41 -8.13 16.01
CA SER B 154 31.73 -7.93 17.38
C SER B 154 31.38 -6.49 17.77
N LEU B 155 31.53 -6.30 19.03
CA LEU B 155 31.28 -5.03 19.60
C LEU B 155 32.18 -3.99 19.02
N ALA B 156 33.46 -4.39 18.77
CA ALA B 156 34.41 -3.43 18.20
C ALA B 156 33.94 -2.85 16.88
N ASP B 157 33.31 -3.71 16.05
CA ASP B 157 32.80 -3.31 14.79
C ASP B 157 31.67 -2.31 14.97
N VAL B 158 30.79 -2.57 15.88
CA VAL B 158 29.71 -1.62 16.03
C VAL B 158 30.11 -0.22 16.52
N ILE B 159 31.03 -0.19 17.45
CA ILE B 159 31.44 1.09 17.96
C ILE B 159 32.19 1.86 16.90
N LEU B 160 33.04 1.10 16.22
CA LEU B 160 33.80 1.68 15.15
C LEU B 160 32.90 2.28 14.10
N LEU B 161 31.91 1.50 13.69
CA LEU B 161 30.95 1.98 12.74
C LEU B 161 30.27 3.26 13.21
N GLN B 162 29.75 3.15 14.40
CA GLN B 162 29.05 4.23 15.03
C GLN B 162 29.81 5.54 14.93
N THR B 163 31.03 5.43 15.34
CA THR B 163 31.94 6.53 15.40
C THR B 163 32.29 7.08 14.04
N ILE B 164 32.67 6.18 13.18
CA ILE B 164 33.05 6.62 11.86
C ILE B 164 31.93 7.41 11.20
N LEU B 165 30.72 6.92 11.38
CA LEU B 165 29.67 7.66 10.75
C LEU B 165 29.48 9.02 11.31
N ALA B 166 29.56 9.03 12.60
CA ALA B 166 29.40 10.22 13.39
C ALA B 166 30.43 11.23 12.98
N LEU B 167 31.61 10.70 12.74
CA LEU B 167 32.64 11.59 12.35
C LEU B 167 32.37 12.13 10.99
N GLU B 168 31.91 11.23 10.12
CA GLU B 168 31.62 11.63 8.78
C GLU B 168 30.55 12.65 8.76
N GLU B 169 29.74 12.65 9.79
CA GLU B 169 28.75 13.70 9.76
C GLU B 169 29.47 15.04 9.88
N LYS B 170 30.59 15.10 10.56
CA LYS B 170 31.25 16.39 10.67
C LYS B 170 32.35 16.58 9.59
N ILE B 171 32.99 15.49 9.21
CA ILE B 171 34.07 15.51 8.23
C ILE B 171 33.88 14.35 7.30
N PRO B 172 33.06 14.70 6.40
CA PRO B 172 32.47 13.89 5.39
C PRO B 172 33.40 13.04 4.61
N ASN B 173 34.62 13.50 4.44
CA ASN B 173 35.66 12.80 3.67
C ASN B 173 36.72 12.16 4.53
N ILE B 174 36.55 12.13 5.82
CA ILE B 174 37.53 11.58 6.72
C ILE B 174 38.07 10.18 6.31
N LEU B 175 37.21 9.41 5.69
CA LEU B 175 37.55 8.08 5.26
C LEU B 175 38.41 7.93 4.02
N SER B 176 38.34 8.96 3.18
CA SER B 176 39.08 9.13 1.92
C SER B 176 40.34 8.30 1.84
N ALA B 177 41.26 8.50 2.76
CA ALA B 177 42.46 7.73 2.65
C ALA B 177 42.37 6.30 3.17
N PHE B 178 41.14 5.81 3.44
CA PHE B 178 41.02 4.50 4.03
C PHE B 178 39.98 3.58 3.43
N PRO B 179 40.29 3.30 2.19
CA PRO B 179 39.63 2.40 1.27
C PRO B 179 39.19 1.11 1.95
N PHE B 180 40.05 0.49 2.79
CA PHE B 180 39.56 -0.65 3.56
C PHE B 180 38.45 -0.22 4.49
N LEU B 181 38.72 0.77 5.31
CA LEU B 181 37.71 1.30 6.18
C LEU B 181 36.46 1.66 5.38
N GLN B 182 36.64 2.18 4.17
CA GLN B 182 35.46 2.49 3.41
C GLN B 182 34.64 1.25 3.06
N GLU B 183 35.35 0.25 2.59
CA GLU B 183 34.63 -0.94 2.23
C GLU B 183 33.90 -1.55 3.40
N TYR B 184 34.68 -1.82 4.48
CA TYR B 184 34.19 -2.35 5.75
C TYR B 184 32.89 -1.62 6.18
N THR B 185 32.98 -0.28 6.18
CA THR B 185 31.86 0.52 6.56
C THR B 185 30.65 0.23 5.72
N VAL B 186 30.89 0.11 4.47
CA VAL B 186 29.75 -0.15 3.63
C VAL B 186 29.06 -1.46 3.93
N LYS B 187 29.87 -2.49 3.86
CA LYS B 187 29.33 -3.79 4.17
C LYS B 187 28.57 -3.88 5.50
N LEU B 188 29.21 -3.38 6.55
CA LEU B 188 28.58 -3.42 7.83
C LEU B 188 27.23 -2.75 7.71
N SER B 189 27.24 -1.60 7.06
CA SER B 189 26.00 -0.89 7.05
C SER B 189 24.93 -1.64 6.33
N ASN B 190 25.38 -2.66 5.62
CA ASN B 190 24.47 -3.49 4.89
C ASN B 190 23.80 -4.58 5.68
N ILE B 191 24.41 -4.94 6.79
CA ILE B 191 23.80 -5.86 7.72
C ILE B 191 22.45 -5.30 8.15
N PRO B 192 21.54 -6.13 7.85
CA PRO B 192 20.13 -5.92 7.91
C PRO B 192 19.66 -5.14 9.08
N THR B 193 20.03 -5.63 10.29
CA THR B 193 19.69 -4.97 11.56
C THR B 193 20.06 -3.51 11.47
N ILE B 194 21.35 -3.38 11.14
CA ILE B 194 22.01 -2.11 10.99
C ILE B 194 21.36 -1.33 9.92
N LYS B 195 21.22 -2.02 8.79
CA LYS B 195 20.63 -1.39 7.65
C LYS B 195 19.34 -0.73 8.07
N ARG B 196 18.59 -1.45 8.92
CA ARG B 196 17.34 -0.92 9.38
C ARG B 196 17.53 0.26 10.28
N PHE B 197 18.45 0.05 11.22
CA PHE B 197 18.77 1.04 12.24
C PHE B 197 19.11 2.31 11.53
N LEU B 198 19.78 2.14 10.40
CA LEU B 198 20.16 3.29 9.68
C LEU B 198 19.04 3.94 8.94
N GLU B 199 18.06 3.10 8.56
CA GLU B 199 16.86 3.52 7.87
C GLU B 199 16.01 4.36 8.83
N PRO B 200 14.87 4.83 8.34
CA PRO B 200 13.99 5.65 9.13
C PRO B 200 13.10 4.89 10.08
N GLY B 201 12.69 5.65 11.11
CA GLY B 201 11.87 5.15 12.19
C GLY B 201 12.61 4.16 13.12
N SER B 202 13.95 4.40 13.28
CA SER B 202 14.81 3.60 14.13
C SER B 202 14.93 4.37 15.42
N LYS B 203 15.44 3.73 16.48
CA LYS B 203 15.57 4.45 17.73
C LYS B 203 16.85 5.28 17.73
N LYS B 204 17.53 5.19 16.60
CA LYS B 204 18.73 5.92 16.31
C LYS B 204 18.48 7.42 16.42
N LYS B 205 19.12 8.04 17.36
CA LYS B 205 19.01 9.47 17.58
C LYS B 205 19.92 10.28 16.66
N PRO B 206 19.55 11.52 16.53
CA PRO B 206 20.22 12.50 15.71
C PRO B 206 21.20 13.34 16.45
N PRO B 207 21.86 14.12 15.68
CA PRO B 207 22.85 14.93 16.24
C PRO B 207 22.09 15.92 17.02
N PRO B 208 22.62 16.09 18.20
CA PRO B 208 22.11 16.93 19.25
C PRO B 208 22.01 18.36 18.78
N ASP B 209 20.88 18.96 19.16
CA ASP B 209 20.46 20.32 18.89
C ASP B 209 20.48 21.11 20.16
N GLU B 210 20.34 22.39 19.94
CA GLU B 210 20.30 23.40 20.96
C GLU B 210 19.39 22.97 22.10
N ILE B 211 18.28 22.41 21.73
CA ILE B 211 17.33 21.96 22.71
C ILE B 211 17.90 20.91 23.64
N TYR B 212 18.36 19.84 23.01
CA TYR B 212 18.93 18.74 23.75
C TYR B 212 19.92 19.23 24.79
N VAL B 213 20.74 20.10 24.30
CA VAL B 213 21.73 20.66 25.13
C VAL B 213 21.13 21.36 26.31
N ARG B 214 20.23 22.25 25.96
CA ARG B 214 19.46 22.97 26.95
C ARG B 214 18.85 22.03 28.00
N THR B 215 18.12 21.08 27.51
CA THR B 215 17.52 20.10 28.34
C THR B 215 18.51 19.40 29.24
N VAL B 216 19.63 19.08 28.65
CA VAL B 216 20.62 18.34 29.39
C VAL B 216 21.10 19.20 30.50
N TYR B 217 21.32 20.42 30.12
CA TYR B 217 21.73 21.38 31.10
C TYR B 217 20.61 21.50 32.08
N ASN B 218 19.41 21.32 31.60
CA ASN B 218 18.35 21.46 32.56
C ASN B 218 18.30 20.34 33.54
N ILE B 219 18.36 19.14 33.05
CA ILE B 219 18.26 18.01 33.94
C ILE B 219 19.32 17.95 34.97
N PHE B 220 20.46 18.55 34.65
CA PHE B 220 21.65 18.50 35.52
C PHE B 220 22.23 19.90 35.72
N ARG C 4 -17.62 -4.46 8.63
CA ARG C 4 -18.56 -4.80 9.72
C ARG C 4 -19.97 -5.13 9.19
N PRO C 5 -20.33 -6.40 9.25
CA PRO C 5 -21.58 -6.84 8.71
C PRO C 5 -22.77 -6.17 9.29
N LYS C 6 -23.67 -5.82 8.35
CA LYS C 6 -24.90 -5.17 8.68
C LYS C 6 -26.13 -6.05 8.40
N LEU C 7 -26.87 -6.19 9.46
CA LEU C 7 -28.02 -6.97 9.50
C LEU C 7 -29.28 -6.16 9.35
N HIS C 8 -30.07 -6.53 8.35
CA HIS C 8 -31.37 -5.94 8.17
C HIS C 8 -32.51 -6.81 8.63
N TYR C 9 -33.32 -6.29 9.51
CA TYR C 9 -34.37 -7.08 10.02
C TYR C 9 -34.99 -6.31 11.15
N PRO C 10 -36.19 -6.72 11.49
CA PRO C 10 -36.92 -6.18 12.59
C PRO C 10 -36.12 -6.47 13.80
N ASN C 11 -36.41 -5.73 14.84
CA ASN C 11 -35.70 -6.00 16.04
C ASN C 11 -36.36 -7.12 16.78
N GLY C 12 -35.86 -8.30 16.55
CA GLY C 12 -36.34 -9.49 17.19
C GLY C 12 -35.53 -10.64 16.66
N ARG C 13 -35.87 -11.80 17.20
CA ARG C 13 -35.20 -13.04 16.84
C ARG C 13 -35.38 -13.45 15.40
N GLY C 14 -36.63 -13.80 15.09
CA GLY C 14 -37.05 -14.25 13.80
C GLY C 14 -36.15 -15.29 13.26
N ARG C 15 -35.90 -15.13 11.99
CA ARG C 15 -34.98 -16.02 11.33
C ARG C 15 -33.57 -15.54 11.37
N MET C 16 -33.36 -14.25 11.66
CA MET C 16 -32.05 -13.62 11.72
C MET C 16 -31.21 -14.12 12.89
N GLU C 17 -31.87 -14.72 13.86
CA GLU C 17 -31.16 -15.16 15.01
C GLU C 17 -30.00 -16.06 14.77
N SER C 18 -30.20 -17.00 13.90
CA SER C 18 -29.15 -17.92 13.62
C SER C 18 -28.01 -17.20 13.00
N VAL C 19 -28.31 -16.10 12.40
CA VAL C 19 -27.19 -15.38 11.85
C VAL C 19 -26.33 -14.74 12.91
N ARG C 20 -27.02 -14.08 13.81
CA ARG C 20 -26.35 -13.49 14.96
C ARG C 20 -25.55 -14.56 15.67
N TRP C 21 -26.16 -15.70 15.84
CA TRP C 21 -25.49 -16.79 16.46
C TRP C 21 -24.19 -17.14 15.80
N VAL C 22 -24.23 -17.35 14.53
CA VAL C 22 -23.00 -17.72 13.91
C VAL C 22 -21.98 -16.64 13.95
N LEU C 23 -22.41 -15.44 13.65
CA LEU C 23 -21.50 -14.33 13.62
C LEU C 23 -20.75 -14.24 14.90
N ALA C 24 -21.55 -14.26 15.98
CA ALA C 24 -21.05 -14.21 17.35
C ALA C 24 -20.06 -15.29 17.67
N ALA C 25 -20.39 -16.49 17.30
CA ALA C 25 -19.54 -17.59 17.61
C ALA C 25 -18.24 -17.45 16.93
N ALA C 26 -18.30 -16.91 15.70
CA ALA C 26 -17.13 -16.67 14.87
C ALA C 26 -16.40 -15.49 15.46
N GLY C 27 -16.99 -14.95 16.51
CA GLY C 27 -16.39 -13.81 17.11
C GLY C 27 -16.29 -12.63 16.16
N VAL C 28 -17.28 -12.52 15.27
CA VAL C 28 -17.39 -11.41 14.37
C VAL C 28 -18.40 -10.39 14.86
N GLU C 29 -17.93 -9.15 15.00
CA GLU C 29 -18.82 -8.06 15.42
C GLU C 29 -19.56 -7.58 14.21
N PHE C 30 -20.79 -7.16 14.44
CA PHE C 30 -21.59 -6.76 13.29
C PHE C 30 -22.60 -5.77 13.76
N ASP C 31 -23.32 -5.13 12.86
CA ASP C 31 -24.29 -4.15 13.28
C ASP C 31 -25.64 -4.47 12.74
N GLU C 32 -26.61 -3.68 13.23
CA GLU C 32 -27.99 -3.89 12.90
C GLU C 32 -28.77 -2.65 12.54
N GLU C 33 -29.61 -2.82 11.53
CA GLU C 33 -30.51 -1.81 11.05
C GLU C 33 -31.90 -2.38 11.12
N PHE C 34 -32.66 -1.86 12.04
CA PHE C 34 -33.94 -2.44 12.30
C PHE C 34 -35.10 -2.08 11.47
N LEU C 35 -35.82 -3.07 11.02
CA LEU C 35 -37.06 -2.62 10.43
C LEU C 35 -38.10 -2.42 11.51
N GLU C 36 -38.86 -1.31 11.39
CA GLU C 36 -40.04 -1.02 12.24
C GLU C 36 -41.31 -0.72 11.42
N THR C 37 -41.13 -0.44 10.11
CA THR C 37 -42.25 -0.09 9.23
C THR C 37 -42.21 -0.66 7.84
N LYS C 38 -43.44 -0.79 7.33
CA LYS C 38 -43.67 -1.20 5.96
C LYS C 38 -42.83 -0.36 5.03
N GLU C 39 -42.90 0.90 5.37
CA GLU C 39 -42.19 1.87 4.61
C GLU C 39 -40.67 1.73 4.62
N GLN C 40 -40.10 1.58 5.80
CA GLN C 40 -38.64 1.36 5.80
C GLN C 40 -38.25 0.16 4.95
N LEU C 41 -39.19 -0.78 4.97
CA LEU C 41 -39.05 -1.94 4.19
C LEU C 41 -39.09 -1.54 2.73
N TYR C 42 -40.10 -0.74 2.38
CA TYR C 42 -40.21 -0.28 1.04
C TYR C 42 -38.96 0.31 0.51
N LYS C 43 -38.35 1.15 1.31
CA LYS C 43 -37.17 1.80 0.76
C LYS C 43 -36.08 0.83 0.50
N LEU C 44 -36.13 -0.16 1.30
CA LEU C 44 -35.10 -1.11 1.23
C LEU C 44 -35.25 -1.84 -0.09
N GLN C 45 -36.51 -2.21 -0.33
CA GLN C 45 -36.77 -2.93 -1.53
C GLN C 45 -36.63 -1.99 -2.65
N ASP C 46 -37.21 -0.80 -2.46
CA ASP C 46 -37.10 0.22 -3.49
C ASP C 46 -35.65 0.46 -3.92
N GLY C 47 -34.76 0.47 -2.96
CA GLY C 47 -33.40 0.73 -3.34
C GLY C 47 -32.75 -0.42 -4.11
N ASN C 48 -33.46 -1.55 -4.15
CA ASN C 48 -32.89 -2.68 -4.84
C ASN C 48 -31.82 -3.36 -4.00
N HIS C 49 -32.08 -3.38 -2.71
CA HIS C 49 -31.17 -3.96 -1.74
C HIS C 49 -31.43 -5.40 -1.39
N LEU C 50 -32.69 -5.77 -1.45
CA LEU C 50 -33.13 -7.08 -1.16
C LEU C 50 -33.28 -7.83 -2.45
N LEU C 51 -32.31 -8.68 -2.77
CA LEU C 51 -32.34 -9.47 -3.99
C LEU C 51 -33.68 -10.01 -4.36
N PHE C 52 -34.44 -10.48 -3.37
CA PHE C 52 -35.74 -11.09 -3.66
C PHE C 52 -36.85 -10.50 -2.85
N GLN C 53 -36.61 -9.25 -2.43
CA GLN C 53 -37.58 -8.39 -1.84
C GLN C 53 -37.83 -8.68 -0.45
N GLN C 54 -36.95 -9.47 0.14
CA GLN C 54 -37.21 -9.83 1.52
C GLN C 54 -36.00 -9.85 2.36
N VAL C 55 -36.22 -9.91 3.69
CA VAL C 55 -35.18 -10.04 4.74
C VAL C 55 -35.29 -11.43 5.36
N PRO C 56 -34.24 -11.97 5.91
CA PRO C 56 -32.97 -11.41 6.13
C PRO C 56 -32.21 -10.95 4.95
N MET C 57 -31.59 -9.82 5.19
CA MET C 57 -30.59 -9.37 4.29
C MET C 57 -29.41 -9.02 5.14
N VAL C 58 -28.27 -9.39 4.63
CA VAL C 58 -27.04 -9.08 5.30
C VAL C 58 -25.97 -8.62 4.36
N GLU C 59 -25.48 -7.46 4.73
CA GLU C 59 -24.42 -6.80 4.00
C GLU C 59 -23.13 -7.25 4.53
N ILE C 60 -22.45 -7.98 3.69
CA ILE C 60 -21.23 -8.52 4.13
C ILE C 60 -20.29 -8.67 2.99
N ASP C 61 -19.07 -8.29 3.25
CA ASP C 61 -18.02 -8.43 2.23
C ASP C 61 -18.38 -7.82 0.90
N GLY C 62 -19.05 -6.68 1.05
CA GLY C 62 -19.55 -5.88 -0.05
C GLY C 62 -20.70 -6.55 -0.80
N MET C 63 -21.38 -7.48 -0.12
CA MET C 63 -22.48 -8.15 -0.73
C MET C 63 -23.74 -7.90 0.04
N LYS C 64 -24.87 -8.19 -0.61
CA LYS C 64 -26.08 -8.06 0.16
C LYS C 64 -26.71 -9.41 0.22
N LEU C 65 -26.28 -10.19 1.18
CA LEU C 65 -26.82 -11.50 1.16
C LEU C 65 -28.23 -11.62 1.67
N VAL C 66 -28.95 -12.48 0.96
CA VAL C 66 -30.32 -12.88 1.28
C VAL C 66 -30.44 -14.41 1.32
N GLN C 67 -31.43 -14.96 2.03
CA GLN C 67 -31.60 -16.41 2.18
C GLN C 67 -30.72 -16.89 3.28
N THR C 68 -31.37 -17.09 4.36
CA THR C 68 -30.74 -17.47 5.58
C THR C 68 -29.76 -18.62 5.44
N ARG C 69 -30.23 -19.71 4.86
CA ARG C 69 -29.30 -20.79 4.67
C ARG C 69 -28.09 -20.35 3.84
N SER C 70 -28.38 -19.51 2.88
CA SER C 70 -27.40 -19.02 1.99
C SER C 70 -26.33 -18.25 2.70
N ILE C 71 -26.82 -17.41 3.57
CA ILE C 71 -25.97 -16.57 4.36
C ILE C 71 -25.11 -17.38 5.32
N LEU C 72 -25.78 -18.26 6.04
CA LEU C 72 -25.05 -19.06 6.99
C LEU C 72 -23.98 -19.82 6.32
N HIS C 73 -24.28 -20.34 5.14
CA HIS C 73 -23.24 -21.08 4.46
C HIS C 73 -22.06 -20.16 4.13
N TYR C 74 -22.35 -18.92 3.79
CA TYR C 74 -21.27 -18.01 3.46
C TYR C 74 -20.34 -17.86 4.63
N ILE C 75 -20.90 -17.30 5.68
CA ILE C 75 -20.14 -17.09 6.87
C ILE C 75 -19.39 -18.32 7.34
N ALA C 76 -20.04 -19.47 7.29
CA ALA C 76 -19.38 -20.70 7.69
C ALA C 76 -18.16 -20.88 6.85
N ASP C 77 -18.33 -20.69 5.57
CA ASP C 77 -17.22 -20.85 4.69
C ASP C 77 -16.17 -19.81 4.89
N LYS C 78 -16.58 -18.62 5.27
CA LYS C 78 -15.59 -17.64 5.55
C LYS C 78 -14.88 -17.93 6.88
N HIS C 79 -15.41 -18.78 7.75
CA HIS C 79 -14.75 -18.95 9.01
C HIS C 79 -14.57 -20.35 9.50
N ASN C 80 -14.32 -21.29 8.62
CA ASN C 80 -14.06 -22.60 9.13
C ASN C 80 -15.10 -23.23 10.04
N LEU C 81 -16.33 -22.99 9.73
CA LEU C 81 -17.41 -23.58 10.47
C LEU C 81 -18.04 -24.62 9.61
N PHE C 82 -17.47 -24.81 8.43
CA PHE C 82 -18.02 -25.72 7.44
C PHE C 82 -17.23 -27.01 7.21
N GLY C 83 -16.37 -27.36 8.15
CA GLY C 83 -15.61 -28.59 8.00
C GLY C 83 -14.35 -28.45 7.17
N LYS C 84 -13.79 -29.60 6.76
CA LYS C 84 -12.52 -29.70 6.02
C LYS C 84 -12.59 -30.62 4.82
N ASN C 85 -13.78 -31.10 4.56
CA ASN C 85 -13.94 -31.84 3.33
C ASN C 85 -15.39 -32.13 2.95
N LEU C 86 -15.56 -32.76 1.82
CA LEU C 86 -16.89 -33.01 1.38
C LEU C 86 -17.70 -33.84 2.35
N LYS C 87 -17.10 -34.91 2.83
CA LYS C 87 -17.79 -35.79 3.76
C LYS C 87 -18.19 -35.06 4.99
N GLU C 88 -17.22 -34.29 5.50
CA GLU C 88 -17.51 -33.44 6.63
C GLU C 88 -18.67 -32.54 6.30
N ARG C 89 -18.42 -31.72 5.32
CA ARG C 89 -19.33 -30.74 4.79
C ARG C 89 -20.70 -31.28 4.62
N THR C 90 -20.71 -32.41 4.00
CA THR C 90 -21.96 -33.05 3.76
C THR C 90 -22.81 -33.32 5.03
N LEU C 91 -22.14 -33.74 6.10
CA LEU C 91 -22.80 -34.03 7.34
C LEU C 91 -23.33 -32.79 7.96
N ILE C 92 -22.44 -31.86 8.04
CA ILE C 92 -22.75 -30.60 8.64
C ILE C 92 -24.01 -30.05 8.03
N ASP C 93 -24.00 -30.18 6.72
CA ASP C 93 -25.12 -29.73 5.97
C ASP C 93 -26.44 -30.41 6.40
N MET C 94 -26.45 -31.71 6.33
CA MET C 94 -27.62 -32.38 6.74
C MET C 94 -28.01 -32.10 8.13
N TYR C 95 -27.05 -32.07 9.03
CA TYR C 95 -27.41 -31.78 10.41
C TYR C 95 -28.06 -30.45 10.51
N VAL C 96 -27.48 -29.53 9.80
CA VAL C 96 -28.04 -28.21 9.77
C VAL C 96 -29.47 -28.13 9.24
N GLU C 97 -29.68 -28.70 8.07
CA GLU C 97 -30.99 -28.67 7.50
C GLU C 97 -32.04 -29.31 8.46
N GLY C 98 -31.68 -30.49 8.96
CA GLY C 98 -32.58 -31.12 9.89
C GLY C 98 -32.90 -30.21 11.08
N THR C 99 -31.87 -29.62 11.63
CA THR C 99 -32.15 -28.82 12.80
C THR C 99 -33.05 -27.64 12.54
N LEU C 100 -32.77 -27.02 11.44
CA LEU C 100 -33.52 -25.91 10.99
C LEU C 100 -35.00 -26.29 10.91
N ASP C 101 -35.21 -27.54 10.58
CA ASP C 101 -36.58 -27.97 10.51
C ASP C 101 -37.28 -27.97 11.86
N LEU C 102 -36.53 -28.28 12.88
CA LEU C 102 -37.07 -28.26 14.20
C LEU C 102 -37.16 -26.83 14.68
N LEU C 103 -36.12 -26.07 14.43
CA LEU C 103 -36.10 -24.70 14.85
C LEU C 103 -37.31 -23.92 14.39
N GLU C 104 -37.79 -24.36 13.31
CA GLU C 104 -38.89 -23.72 12.69
C GLU C 104 -40.12 -23.62 13.54
N LEU C 105 -40.35 -24.68 14.22
CA LEU C 105 -41.46 -24.72 15.08
C LEU C 105 -41.43 -23.59 16.05
N LEU C 106 -40.22 -23.26 16.40
CA LEU C 106 -40.00 -22.20 17.33
C LEU C 106 -40.30 -20.91 16.69
N ILE C 107 -39.80 -20.84 15.49
CA ILE C 107 -39.99 -19.69 14.66
C ILE C 107 -41.43 -19.37 14.38
N MET C 108 -42.26 -20.39 14.17
CA MET C 108 -43.61 -20.12 13.83
C MET C 108 -44.49 -19.86 15.01
N HIS C 109 -44.01 -20.38 16.09
CA HIS C 109 -44.72 -20.41 17.33
C HIS C 109 -45.51 -19.17 17.71
N PRO C 110 -44.82 -18.07 17.81
CA PRO C 110 -45.40 -16.80 18.16
C PRO C 110 -46.54 -16.37 17.30
N PHE C 111 -46.64 -16.87 16.11
CA PHE C 111 -47.75 -16.40 15.31
C PHE C 111 -48.94 -17.32 15.31
N LEU C 112 -49.03 -18.13 16.34
CA LEU C 112 -50.04 -19.11 16.45
C LEU C 112 -51.16 -18.59 17.24
N LYS C 113 -52.28 -19.23 17.04
CA LYS C 113 -53.46 -18.88 17.78
C LYS C 113 -53.26 -19.52 19.11
N PRO C 114 -52.93 -18.69 20.05
CA PRO C 114 -52.70 -18.97 21.46
C PRO C 114 -53.15 -20.34 21.94
N ASP C 115 -54.28 -20.73 21.40
CA ASP C 115 -54.85 -22.03 21.67
C ASP C 115 -53.95 -23.14 21.10
N ASP C 116 -53.48 -22.90 19.89
CA ASP C 116 -52.63 -23.82 19.18
C ASP C 116 -51.23 -23.77 19.69
N GLN C 117 -50.91 -22.65 20.31
CA GLN C 117 -49.59 -22.49 20.82
C GLN C 117 -49.22 -23.61 21.76
N GLN C 118 -50.20 -24.02 22.54
CA GLN C 118 -49.91 -25.06 23.45
C GLN C 118 -49.69 -26.42 22.88
N LYS C 119 -50.59 -26.79 22.01
CA LYS C 119 -50.50 -28.07 21.33
C LYS C 119 -49.11 -28.22 20.74
N GLU C 120 -48.75 -27.14 20.13
CA GLU C 120 -47.51 -26.99 19.47
C GLU C 120 -46.26 -27.17 20.29
N VAL C 121 -46.31 -26.76 21.52
CA VAL C 121 -45.20 -26.97 22.36
C VAL C 121 -44.98 -28.42 22.58
N VAL C 122 -46.10 -29.03 22.92
CA VAL C 122 -46.07 -30.47 23.08
C VAL C 122 -45.45 -31.12 21.82
N ASN C 123 -45.88 -30.63 20.65
CA ASN C 123 -45.29 -31.21 19.47
C ASN C 123 -43.77 -31.06 19.33
N MET C 124 -43.24 -29.88 19.67
CA MET C 124 -41.80 -29.68 19.58
C MET C 124 -41.14 -30.73 20.42
N ALA C 125 -41.71 -30.82 21.61
CA ALA C 125 -41.15 -31.74 22.58
C ALA C 125 -41.04 -33.11 21.98
N GLN C 126 -42.11 -33.55 21.36
CA GLN C 126 -42.00 -34.83 20.80
C GLN C 126 -41.01 -34.93 19.67
N LYS C 127 -41.03 -34.02 18.72
CA LYS C 127 -40.09 -34.18 17.65
C LYS C 127 -38.67 -34.13 18.14
N ALA C 128 -38.43 -33.25 19.08
CA ALA C 128 -37.07 -33.13 19.51
C ALA C 128 -36.58 -34.44 20.07
N ILE C 129 -37.41 -34.92 20.97
CA ILE C 129 -37.14 -36.11 21.74
C ILE C 129 -37.07 -37.31 20.88
N ILE C 130 -37.97 -37.31 19.95
CA ILE C 130 -38.07 -38.47 19.13
C ILE C 130 -37.25 -38.48 17.85
N ARG C 131 -37.31 -37.40 17.12
CA ARG C 131 -36.66 -37.32 15.84
C ARG C 131 -35.22 -36.87 15.81
N TYR C 132 -34.89 -35.81 16.55
CA TYR C 132 -33.59 -35.18 16.52
C TYR C 132 -32.57 -35.53 17.59
N PHE C 133 -32.86 -35.13 18.83
CA PHE C 133 -31.95 -35.36 19.96
C PHE C 133 -31.26 -36.72 19.96
N PRO C 134 -32.03 -37.71 19.61
CA PRO C 134 -31.45 -39.01 19.58
C PRO C 134 -30.31 -39.19 18.59
N VAL C 135 -30.44 -38.57 17.45
CA VAL C 135 -29.47 -38.68 16.39
C VAL C 135 -28.16 -38.12 16.87
N PHE C 136 -28.31 -36.94 17.42
CA PHE C 136 -27.16 -36.26 17.91
C PHE C 136 -26.50 -36.96 19.07
N GLU C 137 -27.32 -37.39 20.04
CA GLU C 137 -26.79 -38.09 21.22
C GLU C 137 -25.92 -39.22 20.75
N LYS C 138 -26.47 -40.03 19.90
CA LYS C 138 -25.75 -41.13 19.33
C LYS C 138 -24.41 -40.74 18.71
N ILE C 139 -24.42 -39.75 17.86
CA ILE C 139 -23.24 -39.27 17.18
C ILE C 139 -22.15 -38.95 18.17
N LEU C 140 -22.57 -38.18 19.14
CA LEU C 140 -21.67 -37.72 20.14
C LEU C 140 -21.12 -38.87 20.95
N ARG C 141 -22.07 -39.73 21.27
CA ARG C 141 -21.84 -40.84 22.13
C ARG C 141 -20.88 -41.76 21.47
N GLY C 142 -20.98 -41.79 20.19
CA GLY C 142 -20.12 -42.70 19.52
C GLY C 142 -18.75 -42.18 19.11
N HIS C 143 -18.34 -40.94 19.43
CA HIS C 143 -17.01 -40.53 18.98
C HIS C 143 -16.28 -39.85 20.08
N GLY C 144 -17.08 -39.61 21.08
CA GLY C 144 -16.60 -39.00 22.28
C GLY C 144 -16.12 -37.60 22.15
N GLN C 145 -16.13 -36.99 20.94
CA GLN C 145 -15.67 -35.62 20.78
C GLN C 145 -16.63 -34.52 21.16
N SER C 146 -16.12 -33.31 21.31
CA SER C 146 -16.97 -32.23 21.80
C SER C 146 -17.68 -31.47 20.70
N PHE C 147 -17.56 -32.00 19.48
CA PHE C 147 -18.13 -31.45 18.30
C PHE C 147 -18.83 -32.50 17.54
N LEU C 148 -19.84 -32.09 16.82
CA LEU C 148 -20.59 -33.04 16.06
C LEU C 148 -19.77 -33.66 14.97
N VAL C 149 -19.03 -32.79 14.31
CA VAL C 149 -18.26 -33.16 13.16
C VAL C 149 -16.82 -32.65 13.16
N GLY C 150 -15.90 -33.61 12.86
CA GLY C 150 -14.47 -33.34 12.75
C GLY C 150 -13.71 -32.65 13.92
N ASN C 151 -14.14 -32.92 15.12
CA ASN C 151 -13.48 -32.39 16.29
C ASN C 151 -13.29 -30.92 16.27
N GLN C 152 -14.11 -30.25 15.52
CA GLN C 152 -14.04 -28.83 15.57
C GLN C 152 -15.44 -28.20 15.45
N LEU C 153 -15.55 -27.03 16.03
CA LEU C 153 -16.78 -26.30 15.91
C LEU C 153 -17.13 -26.07 14.46
N SER C 154 -18.40 -26.32 14.20
CA SER C 154 -19.00 -26.17 12.92
C SER C 154 -20.35 -25.50 13.07
N LEU C 155 -20.89 -25.24 11.92
CA LEU C 155 -22.15 -24.63 11.83
C LEU C 155 -23.20 -25.47 12.47
N ALA C 156 -23.07 -26.82 12.29
CA ALA C 156 -24.06 -27.73 12.88
C ALA C 156 -24.18 -27.55 14.38
N ASP C 157 -23.02 -27.35 15.03
CA ASP C 157 -22.97 -27.17 16.45
C ASP C 157 -23.68 -25.90 16.83
N VAL C 158 -23.44 -24.84 16.12
CA VAL C 158 -24.10 -23.61 16.52
C VAL C 158 -25.64 -23.62 16.39
N ILE C 159 -26.12 -24.20 15.32
CA ILE C 159 -27.55 -24.23 15.14
C ILE C 159 -28.19 -25.13 16.17
N LEU C 160 -27.52 -26.26 16.37
CA LEU C 160 -27.99 -27.18 17.37
C LEU C 160 -28.08 -26.53 18.72
N LEU C 161 -27.02 -25.86 19.10
CA LEU C 161 -27.00 -25.15 20.34
C LEU C 161 -28.14 -24.16 20.45
N GLN C 162 -28.21 -23.34 19.43
CA GLN C 162 -29.21 -22.32 19.34
C GLN C 162 -30.59 -22.83 19.64
N THR C 163 -30.88 -23.89 18.95
CA THR C 163 -32.16 -24.54 19.01
C THR C 163 -32.43 -25.18 20.35
N ILE C 164 -31.47 -25.93 20.79
CA ILE C 164 -31.65 -26.60 22.06
C ILE C 164 -31.97 -25.61 23.16
N LEU C 165 -31.26 -24.50 23.13
CA LEU C 165 -31.55 -23.57 24.18
C LEU C 165 -32.91 -23.01 24.11
N ALA C 166 -33.26 -22.70 22.89
CA ALA C 166 -34.53 -22.12 22.56
C ALA C 166 -35.62 -23.04 23.00
N LEU C 167 -35.35 -24.31 22.79
CA LEU C 167 -36.34 -25.25 23.17
C LEU C 167 -36.45 -25.31 24.66
N GLU C 168 -35.29 -25.27 25.30
CA GLU C 168 -35.27 -25.32 26.74
C GLU C 168 -35.96 -24.14 27.31
N GLU C 169 -36.02 -23.08 26.55
CA GLU C 169 -36.75 -21.99 27.10
C GLU C 169 -38.22 -22.41 27.23
N LYS C 170 -38.71 -23.26 26.37
CA LYS C 170 -40.10 -23.63 26.50
C LYS C 170 -40.29 -24.94 27.29
N ILE C 171 -39.33 -25.84 27.17
CA ILE C 171 -39.37 -27.14 27.83
C ILE C 171 -38.01 -27.43 28.39
N PRO C 172 -37.92 -26.87 29.52
CA PRO C 172 -36.79 -26.73 30.35
C PRO C 172 -36.01 -27.98 30.60
N ASN C 173 -36.70 -29.11 30.61
CA ASN C 173 -36.11 -30.42 30.88
C ASN C 173 -35.96 -31.28 29.64
N ILE C 174 -36.21 -30.74 28.47
CA ILE C 174 -36.15 -31.50 27.25
C ILE C 174 -34.86 -32.35 27.08
N LEU C 175 -33.78 -31.85 27.61
CA LEU C 175 -32.51 -32.52 27.55
C LEU C 175 -32.27 -33.71 28.45
N SER C 176 -33.03 -33.73 29.55
CA SER C 176 -33.06 -34.76 30.60
C SER C 176 -32.56 -36.10 30.14
N ALA C 177 -33.20 -36.67 29.12
CA ALA C 177 -32.73 -37.96 28.71
C ALA C 177 -31.49 -37.97 27.83
N PHE C 178 -30.80 -36.81 27.73
CA PHE C 178 -29.68 -36.74 26.81
C PHE C 178 -28.43 -36.10 27.34
N PRO C 179 -27.94 -36.80 28.34
CA PRO C 179 -26.71 -36.60 29.06
C PRO C 179 -25.56 -36.19 28.15
N PHE C 180 -25.39 -36.87 26.99
CA PHE C 180 -24.38 -36.36 26.06
C PHE C 180 -24.74 -34.98 25.58
N LEU C 181 -25.94 -34.83 25.05
CA LEU C 181 -26.39 -33.54 24.63
C LEU C 181 -26.25 -32.53 25.78
N GLN C 182 -26.48 -32.98 27.01
CA GLN C 182 -26.30 -32.03 28.09
C GLN C 182 -24.86 -31.56 28.23
N GLU C 183 -23.97 -32.53 28.21
CA GLU C 183 -22.59 -32.16 28.34
C GLU C 183 -22.13 -31.23 27.24
N TYR C 184 -22.33 -31.70 25.99
CA TYR C 184 -22.02 -30.95 24.77
C TYR C 184 -22.49 -29.49 24.90
N THR C 185 -23.76 -29.34 25.27
CA THR C 185 -24.34 -28.04 25.42
C THR C 185 -23.59 -27.20 26.39
N VAL C 186 -23.22 -27.80 27.45
CA VAL C 186 -22.49 -27.03 28.42
C VAL C 186 -21.17 -26.50 27.92
N LYS C 187 -20.39 -27.46 27.48
CA LYS C 187 -19.11 -27.08 26.94
C LYS C 187 -19.15 -25.99 25.86
N LEU C 188 -20.03 -26.20 24.88
CA LEU C 188 -20.16 -25.24 23.84
C LEU C 188 -20.44 -23.90 24.46
N SER C 189 -21.37 -23.90 25.40
CA SER C 189 -21.73 -22.61 25.92
C SER C 189 -20.59 -21.95 26.61
N ASN C 190 -19.57 -22.75 26.84
CA ASN C 190 -18.39 -22.23 27.49
C ASN C 190 -17.40 -21.57 26.59
N ILE C 191 -17.48 -21.87 25.32
CA ILE C 191 -16.69 -21.18 24.32
C ILE C 191 -16.99 -19.69 24.40
N PRO C 192 -15.91 -19.05 24.65
CA PRO C 192 -15.80 -17.68 25.00
C PRO C 192 -16.69 -16.75 24.24
N THR C 193 -16.61 -16.84 22.90
CA THR C 193 -17.46 -16.04 22.00
C THR C 193 -18.90 -16.18 22.42
N ILE C 194 -19.26 -17.46 22.47
CA ILE C 194 -20.57 -17.92 22.84
C ILE C 194 -20.89 -17.49 24.21
N LYS C 195 -19.94 -17.79 25.08
CA LYS C 195 -20.11 -17.47 26.47
C LYS C 195 -20.52 -16.02 26.56
N ARG C 196 -19.86 -15.18 25.74
CA ARG C 196 -20.18 -13.79 25.76
C ARG C 196 -21.55 -13.51 25.24
N PHE C 197 -21.80 -14.14 24.09
CA PHE C 197 -23.05 -13.97 23.37
C PHE C 197 -24.16 -14.29 24.33
N LEU C 198 -23.88 -15.27 25.17
CA LEU C 198 -24.89 -15.65 26.09
C LEU C 198 -25.04 -14.70 27.22
N GLU C 199 -23.92 -14.04 27.55
CA GLU C 199 -23.87 -13.04 28.59
C GLU C 199 -24.68 -11.82 28.16
N PRO C 200 -24.72 -10.79 29.02
CA PRO C 200 -25.48 -9.60 28.73
C PRO C 200 -24.78 -8.62 27.84
N GLY C 201 -25.65 -7.80 27.21
CA GLY C 201 -25.24 -6.81 26.24
C GLY C 201 -24.71 -7.40 24.93
N SER C 202 -25.30 -8.57 24.53
CA SER C 202 -24.96 -9.26 23.30
C SER C 202 -26.03 -8.87 22.32
N LYS C 203 -25.80 -9.16 21.01
CA LYS C 203 -26.81 -8.79 20.05
C LYS C 203 -27.90 -9.86 20.00
N LYS C 204 -27.70 -10.84 20.86
CA LYS C 204 -28.62 -11.94 21.07
C LYS C 204 -29.99 -11.41 21.48
N LYS C 205 -30.96 -11.64 20.63
CA LYS C 205 -32.33 -11.24 20.88
C LYS C 205 -33.09 -12.23 21.77
N PRO C 206 -34.14 -11.71 22.34
CA PRO C 206 -35.02 -12.42 23.24
C PRO C 206 -36.22 -12.98 22.57
N PRO C 207 -36.91 -13.70 23.37
CA PRO C 207 -38.06 -14.33 22.86
C PRO C 207 -39.00 -13.23 22.61
N PRO C 208 -39.57 -13.36 21.44
CA PRO C 208 -40.48 -12.43 20.84
C PRO C 208 -41.69 -12.23 21.72
N ASP C 209 -42.07 -10.95 21.81
CA ASP C 209 -43.19 -10.42 22.57
C ASP C 209 -44.24 -9.93 21.62
N GLU C 210 -45.36 -9.65 22.25
CA GLU C 210 -46.54 -9.15 21.61
C GLU C 210 -46.20 -8.03 20.63
N ILE C 211 -45.32 -7.18 21.07
CA ILE C 211 -44.90 -6.08 20.25
C ILE C 211 -44.27 -6.52 18.94
N TYR C 212 -43.23 -7.31 19.11
CA TYR C 212 -42.51 -7.82 17.96
C TYR C 212 -43.47 -8.37 16.91
N VAL C 213 -44.36 -9.14 17.43
CA VAL C 213 -45.33 -9.74 16.60
C VAL C 213 -46.11 -8.71 15.86
N ARG C 214 -46.66 -7.82 16.65
CA ARG C 214 -47.39 -6.68 16.13
C ARG C 214 -46.62 -5.96 15.02
N THR C 215 -45.43 -5.58 15.36
CA THR C 215 -44.57 -4.92 14.43
C THR C 215 -44.36 -5.72 13.17
N VAL C 216 -44.19 -7.00 13.37
CA VAL C 216 -43.91 -7.83 12.23
C VAL C 216 -45.10 -7.83 11.35
N TYR C 217 -46.21 -7.94 12.01
CA TYR C 217 -47.45 -7.88 11.30
C TYR C 217 -47.53 -6.53 10.68
N ASN C 218 -46.95 -5.56 11.34
CA ASN C 218 -47.06 -4.27 10.76
C ASN C 218 -46.24 -4.11 9.52
N ILE C 219 -45.00 -4.52 9.59
CA ILE C 219 -44.13 -4.35 8.47
C ILE C 219 -44.58 -5.05 7.25
N PHE C 220 -45.34 -6.12 7.45
CA PHE C 220 -45.79 -7.00 6.35
C PHE C 220 -47.30 -7.25 6.45
N ARG D 4 -24.89 -46.84 -8.22
CA ARG D 4 -26.16 -46.33 -8.77
C ARG D 4 -27.11 -45.82 -7.66
N PRO D 5 -27.28 -44.50 -7.62
CA PRO D 5 -28.05 -43.89 -6.59
C PRO D 5 -29.46 -44.37 -6.54
N LYS D 6 -29.87 -44.59 -5.29
CA LYS D 6 -31.20 -45.05 -4.98
C LYS D 6 -32.01 -44.00 -4.21
N LEU D 7 -33.14 -43.73 -4.82
CA LEU D 7 -34.06 -42.78 -4.36
C LEU D 7 -35.21 -43.39 -3.63
N HIS D 8 -35.38 -42.93 -2.40
CA HIS D 8 -36.53 -43.33 -1.62
C HIS D 8 -37.62 -42.29 -1.55
N TYR D 9 -38.80 -42.65 -1.94
CA TYR D 9 -39.85 -41.71 -1.96
C TYR D 9 -41.01 -42.34 -2.64
N PRO D 10 -42.16 -41.75 -2.41
CA PRO D 10 -43.38 -42.14 -3.04
C PRO D 10 -43.19 -41.95 -4.49
N ASN D 11 -44.03 -42.62 -5.24
CA ASN D 11 -43.91 -42.43 -6.65
C ASN D 11 -44.68 -41.20 -7.06
N GLY D 12 -43.96 -40.11 -7.14
CA GLY D 12 -44.50 -38.85 -7.54
C GLY D 12 -43.39 -37.85 -7.50
N ARG D 13 -43.75 -36.63 -7.88
CA ARG D 13 -42.83 -35.53 -7.92
C ARG D 13 -42.26 -35.12 -6.58
N GLY D 14 -43.17 -34.60 -5.76
CA GLY D 14 -42.89 -34.12 -4.42
C GLY D 14 -41.69 -33.25 -4.41
N ARG D 15 -40.91 -33.47 -3.38
CA ARG D 15 -39.69 -32.75 -3.26
C ARG D 15 -38.53 -33.44 -3.91
N MET D 16 -38.67 -34.72 -4.20
CA MET D 16 -37.64 -35.55 -4.82
C MET D 16 -37.36 -35.15 -6.27
N GLU D 17 -38.31 -34.44 -6.86
CA GLU D 17 -38.15 -34.08 -8.23
C GLU D 17 -36.88 -33.38 -8.58
N SER D 18 -36.53 -32.44 -7.76
CA SER D 18 -35.34 -31.69 -8.04
C SER D 18 -34.16 -32.59 -7.97
N VAL D 19 -34.32 -33.65 -7.26
CA VAL D 19 -33.18 -34.53 -7.24
C VAL D 19 -32.99 -35.28 -8.53
N ARG D 20 -34.11 -35.80 -9.00
CA ARG D 20 -34.14 -36.45 -10.29
C ARG D 20 -33.60 -35.50 -11.34
N TRP D 21 -34.06 -34.28 -11.27
CA TRP D 21 -33.59 -33.29 -12.17
C TRP D 21 -32.11 -33.15 -12.19
N VAL D 22 -31.51 -32.98 -11.07
CA VAL D 22 -30.10 -32.81 -11.09
C VAL D 22 -29.37 -34.02 -11.54
N LEU D 23 -29.80 -35.15 -11.01
CA LEU D 23 -29.15 -36.39 -11.36
C LEU D 23 -29.07 -36.56 -12.83
N ALA D 24 -30.27 -36.38 -13.43
CA ALA D 24 -30.47 -36.48 -14.86
C ALA D 24 -29.58 -35.56 -15.65
N ALA D 25 -29.54 -34.34 -15.23
CA ALA D 25 -28.77 -33.36 -15.94
C ALA D 25 -27.34 -33.71 -15.92
N ALA D 26 -26.92 -34.26 -14.77
CA ALA D 26 -25.54 -34.69 -14.55
C ALA D 26 -25.34 -35.97 -15.37
N GLY D 27 -26.41 -36.38 -16.01
CA GLY D 27 -26.33 -37.58 -16.76
C GLY D 27 -25.98 -38.79 -15.90
N VAL D 28 -26.47 -38.77 -14.66
CA VAL D 28 -26.31 -39.87 -13.74
C VAL D 28 -27.56 -40.72 -13.68
N GLU D 29 -27.40 -42.01 -13.95
CA GLU D 29 -28.52 -42.94 -13.88
C GLU D 29 -28.69 -43.33 -12.45
N PHE D 30 -29.93 -43.56 -12.06
CA PHE D 30 -30.18 -43.87 -10.66
C PHE D 30 -31.42 -44.68 -10.58
N ASP D 31 -31.72 -45.23 -9.42
CA ASP D 31 -32.92 -46.04 -9.29
C ASP D 31 -33.80 -45.53 -8.22
N GLU D 32 -34.99 -46.15 -8.18
CA GLU D 32 -36.02 -45.75 -7.26
C GLU D 32 -36.73 -46.85 -6.53
N GLU D 33 -36.97 -46.60 -5.26
CA GLU D 33 -37.69 -47.47 -4.38
C GLU D 33 -38.86 -46.71 -3.83
N PHE D 34 -40.02 -47.08 -4.27
CA PHE D 34 -41.18 -46.31 -3.95
C PHE D 34 -41.87 -46.50 -2.67
N LEU D 35 -42.16 -45.42 -1.99
CA LEU D 35 -43.04 -45.70 -0.88
C LEU D 35 -44.47 -45.72 -1.36
N GLU D 36 -45.24 -46.69 -0.86
CA GLU D 36 -46.71 -46.79 -1.05
C GLU D 36 -47.49 -46.92 0.26
N THR D 37 -46.78 -47.26 1.36
CA THR D 37 -47.41 -47.45 2.67
C THR D 37 -46.67 -46.92 3.87
N LYS D 38 -47.48 -46.62 4.88
CA LYS D 38 -47.00 -46.21 6.17
C LYS D 38 -45.96 -47.20 6.65
N GLU D 39 -46.36 -48.42 6.45
CA GLU D 39 -45.53 -49.51 6.84
C GLU D 39 -44.18 -49.60 6.14
N GLN D 40 -44.19 -49.51 4.82
CA GLN D 40 -42.88 -49.51 4.14
C GLN D 40 -41.98 -48.41 4.66
N LEU D 41 -42.68 -47.33 5.03
CA LEU D 41 -42.04 -46.22 5.61
C LEU D 41 -41.46 -46.65 6.93
N TYR D 42 -42.31 -47.30 7.75
CA TYR D 42 -41.86 -47.77 9.02
C TYR D 42 -40.60 -48.56 8.94
N LYS D 43 -40.54 -49.44 7.99
CA LYS D 43 -39.37 -50.28 7.98
C LYS D 43 -38.14 -49.50 7.67
N LEU D 44 -38.41 -48.49 6.93
CA LEU D 44 -37.33 -47.71 6.48
C LEU D 44 -36.76 -47.01 7.69
N GLN D 45 -37.69 -46.45 8.46
CA GLN D 45 -37.27 -45.73 9.62
C GLN D 45 -36.77 -46.71 10.58
N ASP D 46 -37.55 -47.80 10.73
CA ASP D 46 -37.12 -48.83 11.65
C ASP D 46 -35.70 -49.30 11.38
N GLY D 47 -35.34 -49.43 10.13
CA GLY D 47 -34.01 -49.90 9.86
C GLY D 47 -32.94 -48.88 10.20
N ASN D 48 -33.36 -47.66 10.50
CA ASN D 48 -32.39 -46.65 10.79
C ASN D 48 -31.74 -46.10 9.54
N HIS D 49 -32.56 -46.02 8.50
CA HIS D 49 -32.12 -45.57 7.20
C HIS D 49 -32.28 -44.08 6.94
N LEU D 50 -33.31 -43.54 7.55
CA LEU D 50 -33.64 -42.17 7.43
C LEU D 50 -33.08 -41.44 8.61
N LEU D 51 -31.97 -40.75 8.41
CA LEU D 51 -31.30 -39.99 9.47
C LEU D 51 -32.24 -39.26 10.38
N PHE D 52 -33.29 -38.65 9.82
CA PHE D 52 -34.21 -37.87 10.64
C PHE D 52 -35.65 -38.27 10.46
N GLN D 53 -35.81 -39.53 10.04
CA GLN D 53 -37.05 -40.22 10.00
C GLN D 53 -37.86 -39.86 8.87
N GLN D 54 -37.25 -39.19 7.89
CA GLN D 54 -38.06 -38.78 6.77
C GLN D 54 -37.37 -38.92 5.47
N VAL D 55 -38.18 -38.79 4.38
CA VAL D 55 -37.72 -38.78 2.97
C VAL D 55 -37.88 -37.38 2.41
N PRO D 56 -37.15 -36.99 1.42
CA PRO D 56 -36.22 -37.74 0.67
C PRO D 56 -35.07 -38.33 1.39
N MET D 57 -34.80 -39.53 0.95
CA MET D 57 -33.58 -40.15 1.32
C MET D 57 -32.98 -40.66 0.05
N VAL D 58 -31.69 -40.48 -0.04
CA VAL D 58 -30.97 -40.94 -1.18
C VAL D 58 -29.66 -41.59 -0.80
N GLU D 59 -29.57 -42.80 -1.31
CA GLU D 59 -28.41 -43.63 -1.10
C GLU D 59 -27.44 -43.36 -2.20
N ILE D 60 -26.36 -42.76 -1.79
CA ILE D 60 -25.41 -42.40 -2.77
C ILE D 60 -24.04 -42.42 -2.18
N ASP D 61 -23.14 -42.98 -2.95
CA ASP D 61 -21.74 -43.02 -2.52
C ASP D 61 -21.54 -43.59 -1.15
N GLY D 62 -22.37 -44.63 -0.93
CA GLY D 62 -22.42 -45.36 0.31
C GLY D 62 -22.98 -44.55 1.47
N MET D 63 -23.75 -43.50 1.13
CA MET D 63 -24.34 -42.70 2.14
C MET D 63 -25.84 -42.74 2.05
N LYS D 64 -26.49 -42.31 3.12
CA LYS D 64 -27.92 -42.23 3.00
C LYS D 64 -28.31 -40.80 3.17
N LEU D 65 -28.25 -40.06 2.07
CA LEU D 65 -28.53 -38.68 2.28
C LEU D 65 -29.98 -38.34 2.46
N VAL D 66 -30.17 -37.41 3.38
CA VAL D 66 -31.46 -36.80 3.70
C VAL D 66 -31.35 -35.27 3.65
N GLN D 67 -32.48 -34.56 3.45
CA GLN D 67 -32.49 -33.10 3.33
C GLN D 67 -32.14 -32.73 1.91
N THR D 68 -33.17 -32.41 1.24
CA THR D 68 -33.12 -32.08 -0.15
C THR D 68 -32.04 -31.10 -0.53
N ARG D 69 -32.02 -29.98 0.15
CA ARG D 69 -30.96 -29.05 -0.14
C ARG D 69 -29.58 -29.69 0.06
N SER D 70 -29.53 -30.50 1.09
CA SER D 70 -28.33 -31.15 1.46
C SER D 70 -27.83 -32.06 0.37
N ILE D 71 -28.78 -32.78 -0.14
CA ILE D 71 -28.51 -33.73 -1.19
C ILE D 71 -28.07 -33.03 -2.46
N LEU D 72 -28.87 -32.04 -2.85
CA LEU D 72 -28.55 -31.34 -4.07
C LEU D 72 -27.19 -30.75 -3.99
N HIS D 73 -26.83 -30.24 -2.83
CA HIS D 73 -25.50 -29.68 -2.73
C HIS D 73 -24.45 -30.77 -2.93
N TYR D 74 -24.74 -31.97 -2.44
CA TYR D 74 -23.76 -33.03 -2.59
C TYR D 74 -23.50 -33.30 -4.05
N ILE D 75 -24.56 -33.74 -4.71
CA ILE D 75 -24.46 -34.02 -6.10
C ILE D 75 -23.84 -32.91 -6.91
N ALA D 76 -24.23 -31.68 -6.63
CA ALA D 76 -23.65 -30.55 -7.34
C ALA D 76 -22.17 -30.58 -7.17
N ASP D 77 -21.77 -30.77 -5.94
CA ASP D 77 -20.37 -30.80 -5.67
C ASP D 77 -19.68 -31.99 -6.27
N LYS D 78 -20.39 -33.08 -6.37
CA LYS D 78 -19.80 -34.20 -7.02
C LYS D 78 -19.74 -33.99 -8.54
N HIS D 79 -20.47 -33.04 -9.11
CA HIS D 79 -20.44 -32.95 -10.55
C HIS D 79 -20.30 -31.57 -11.13
N ASN D 80 -19.55 -30.70 -10.50
CA ASN D 80 -19.36 -29.45 -11.14
C ASN D 80 -20.61 -28.64 -11.49
N LEU D 81 -21.58 -28.70 -10.65
CA LEU D 81 -22.77 -27.93 -10.85
C LEU D 81 -22.79 -26.85 -9.84
N PHE D 82 -21.71 -26.77 -9.06
CA PHE D 82 -21.62 -25.80 -7.98
C PHE D 82 -20.63 -24.66 -8.19
N GLY D 83 -20.26 -24.41 -9.44
CA GLY D 83 -19.35 -23.31 -9.70
C GLY D 83 -17.88 -23.66 -9.53
N LYS D 84 -17.03 -22.62 -9.48
CA LYS D 84 -15.57 -22.74 -9.41
C LYS D 84 -14.96 -21.84 -8.35
N ASN D 85 -15.80 -21.19 -7.59
CA ASN D 85 -15.28 -20.47 -6.48
C ASN D 85 -16.33 -19.98 -5.48
N LEU D 86 -15.87 -19.35 -4.42
CA LEU D 86 -16.80 -18.92 -3.45
C LEU D 86 -17.84 -17.96 -3.98
N LYS D 87 -17.38 -16.98 -4.73
CA LYS D 87 -18.27 -15.97 -5.29
C LYS D 87 -19.30 -16.61 -6.16
N GLU D 88 -18.79 -17.50 -7.02
CA GLU D 88 -19.68 -18.27 -7.86
C GLU D 88 -20.68 -18.99 -6.99
N ARG D 89 -20.13 -19.87 -6.18
CA ARG D 89 -20.83 -20.71 -5.26
C ARG D 89 -21.88 -19.98 -4.51
N THR D 90 -21.44 -18.87 -4.02
CA THR D 90 -22.33 -18.06 -3.26
C THR D 90 -23.62 -17.62 -4.02
N LEU D 91 -23.46 -17.29 -5.30
CA LEU D 91 -24.56 -16.88 -6.11
C LEU D 91 -25.49 -18.00 -6.36
N ILE D 92 -24.88 -19.06 -6.79
CA ILE D 92 -25.62 -20.23 -7.11
C ILE D 92 -26.52 -20.61 -5.98
N ASP D 93 -25.89 -20.51 -4.82
CA ASP D 93 -26.60 -20.81 -3.63
C ASP D 93 -27.86 -19.94 -3.44
N MET D 94 -27.64 -18.64 -3.43
CA MET D 94 -28.76 -17.80 -3.30
C MET D 94 -29.77 -17.97 -4.35
N TYR D 95 -29.36 -18.13 -5.58
CA TYR D 95 -30.33 -18.34 -6.63
C TYR D 95 -31.15 -19.55 -6.35
N VAL D 96 -30.44 -20.56 -5.95
CA VAL D 96 -31.12 -21.78 -5.61
C VAL D 96 -32.13 -21.65 -4.49
N GLU D 97 -31.70 -21.09 -3.38
CA GLU D 97 -32.60 -20.93 -2.26
C GLU D 97 -33.87 -20.14 -2.68
N GLY D 98 -33.61 -18.99 -3.34
CA GLY D 98 -34.74 -18.22 -3.78
C GLY D 98 -35.68 -19.05 -4.67
N THR D 99 -35.13 -19.76 -5.59
CA THR D 99 -36.01 -20.49 -6.47
C THR D 99 -36.86 -21.53 -5.76
N LEU D 100 -36.20 -22.20 -4.88
CA LEU D 100 -36.82 -23.19 -4.09
C LEU D 100 -38.02 -22.61 -3.36
N ASP D 101 -37.87 -21.35 -3.03
CA ASP D 101 -38.99 -20.71 -2.37
C ASP D 101 -40.21 -20.57 -3.25
N LEU D 102 -39.99 -20.36 -4.50
CA LEU D 102 -41.05 -20.27 -5.43
C LEU D 102 -41.56 -21.66 -5.75
N LEU D 103 -40.64 -22.58 -5.98
CA LEU D 103 -41.02 -23.92 -6.29
C LEU D 103 -41.98 -24.51 -5.29
N GLU D 104 -41.85 -24.03 -4.13
CA GLU D 104 -42.62 -24.51 -3.04
C GLU D 104 -44.11 -24.40 -3.24
N LEU D 105 -44.46 -23.31 -3.79
CA LEU D 105 -45.83 -23.09 -4.05
C LEU D 105 -46.41 -24.17 -4.88
N LEU D 106 -45.56 -24.68 -5.73
CA LEU D 106 -45.94 -25.74 -6.61
C LEU D 106 -46.10 -27.00 -5.83
N ILE D 107 -45.12 -27.16 -5.00
CA ILE D 107 -45.07 -28.29 -4.11
C ILE D 107 -46.25 -28.39 -3.20
N MET D 108 -46.73 -27.26 -2.68
CA MET D 108 -47.81 -27.34 -1.74
C MET D 108 -49.15 -27.44 -2.39
N HIS D 109 -49.16 -26.97 -3.59
CA HIS D 109 -50.34 -26.80 -4.36
C HIS D 109 -51.38 -27.89 -4.28
N PRO D 110 -50.98 -29.08 -4.64
CA PRO D 110 -51.84 -30.25 -4.63
C PRO D 110 -52.51 -30.52 -3.32
N PHE D 111 -51.97 -30.03 -2.24
CA PHE D 111 -52.66 -30.36 -1.02
C PHE D 111 -53.57 -29.26 -0.51
N LEU D 112 -54.00 -28.44 -1.42
CA LEU D 112 -54.80 -27.30 -1.10
C LEU D 112 -56.21 -27.64 -1.26
N LYS D 113 -57.02 -26.83 -0.61
CA LYS D 113 -58.44 -26.98 -0.71
C LYS D 113 -58.78 -26.35 -2.02
N PRO D 114 -59.04 -27.20 -2.97
CA PRO D 114 -59.44 -26.92 -4.34
C PRO D 114 -59.85 -25.49 -4.63
N ASP D 115 -60.54 -24.94 -3.66
CA ASP D 115 -60.97 -23.57 -3.70
C ASP D 115 -59.76 -22.62 -3.64
N ASP D 116 -58.83 -22.95 -2.77
CA ASP D 116 -57.62 -22.19 -2.57
C ASP D 116 -56.65 -22.44 -3.66
N GLN D 117 -56.81 -23.58 -4.31
CA GLN D 117 -55.91 -23.92 -5.35
C GLN D 117 -55.85 -22.84 -6.41
N GLN D 118 -57.00 -22.28 -6.68
CA GLN D 118 -57.01 -21.27 -7.67
C GLN D 118 -56.36 -19.98 -7.32
N LYS D 119 -56.70 -19.49 -6.16
CA LYS D 119 -56.13 -18.26 -5.65
C LYS D 119 -54.62 -18.34 -5.76
N GLU D 120 -54.18 -19.48 -5.35
CA GLU D 120 -52.81 -19.82 -5.31
C GLU D 120 -52.06 -19.82 -6.62
N VAL D 121 -52.73 -20.18 -7.67
CA VAL D 121 -52.11 -20.12 -8.92
C VAL D 121 -51.81 -18.72 -9.30
N VAL D 122 -52.85 -17.94 -9.11
CA VAL D 122 -52.68 -16.52 -9.34
C VAL D 122 -51.48 -16.00 -8.54
N ASN D 123 -51.39 -16.45 -7.27
CA ASN D 123 -50.26 -15.98 -6.53
C ASN D 123 -48.87 -16.36 -7.08
N MET D 124 -48.73 -17.61 -7.57
CA MET D 124 -47.46 -18.02 -8.14
C MET D 124 -47.11 -17.07 -9.22
N ALA D 125 -48.14 -16.86 -10.03
CA ALA D 125 -47.96 -16.01 -11.19
C ALA D 125 -47.40 -14.69 -10.78
N GLN D 126 -47.98 -14.11 -9.75
CA GLN D 126 -47.46 -12.87 -9.38
C GLN D 126 -46.05 -12.95 -8.83
N LYS D 127 -45.76 -13.87 -7.93
CA LYS D 127 -44.43 -13.88 -7.42
C LYS D 127 -43.42 -14.12 -8.49
N ALA D 128 -43.75 -15.01 -9.40
CA ALA D 128 -42.79 -15.32 -10.39
C ALA D 128 -42.42 -14.09 -11.17
N ILE D 129 -43.49 -13.46 -11.61
CA ILE D 129 -43.43 -12.31 -12.47
C ILE D 129 -42.80 -11.15 -11.80
N ILE D 130 -43.17 -11.05 -10.57
CA ILE D 130 -42.71 -9.90 -9.84
C ILE D 130 -41.41 -10.05 -9.09
N ARG D 131 -41.27 -11.13 -8.36
CA ARG D 131 -40.14 -11.33 -7.52
C ARG D 131 -38.93 -11.98 -8.13
N TYR D 132 -39.13 -13.07 -8.87
CA TYR D 132 -38.07 -13.90 -9.42
C TYR D 132 -37.61 -13.68 -10.85
N PHE D 133 -38.48 -13.99 -11.80
CA PHE D 133 -38.17 -13.88 -13.23
C PHE D 133 -37.37 -12.64 -13.60
N PRO D 134 -37.73 -11.56 -12.99
CA PRO D 134 -37.03 -10.35 -13.29
C PRO D 134 -35.55 -10.37 -12.94
N VAL D 135 -35.23 -11.00 -11.83
CA VAL D 135 -33.89 -11.06 -11.33
C VAL D 135 -33.03 -11.81 -12.33
N PHE D 136 -33.58 -12.93 -12.70
CA PHE D 136 -32.90 -13.76 -13.62
C PHE D 136 -32.74 -13.14 -14.99
N GLU D 137 -33.84 -12.56 -15.50
CA GLU D 137 -33.82 -11.92 -16.82
C GLU D 137 -32.67 -10.94 -16.86
N LYS D 138 -32.66 -10.09 -15.88
CA LYS D 138 -31.60 -9.12 -15.76
C LYS D 138 -30.20 -9.72 -15.80
N ILE D 139 -29.97 -10.72 -15.00
CA ILE D 139 -28.68 -11.39 -14.91
C ILE D 139 -28.22 -11.84 -16.26
N LEU D 140 -29.15 -12.52 -16.90
CA LEU D 140 -28.89 -13.08 -18.18
C LEU D 140 -28.60 -12.01 -19.20
N ARG D 141 -29.46 -11.01 -19.09
CA ARG D 141 -29.49 -9.92 -20.01
C ARG D 141 -28.22 -9.19 -19.91
N GLY D 142 -27.71 -9.16 -18.73
CA GLY D 142 -26.52 -8.41 -18.56
C GLY D 142 -25.21 -9.14 -18.80
N HIS D 143 -25.18 -10.42 -19.22
CA HIS D 143 -23.86 -11.03 -19.40
C HIS D 143 -23.82 -11.79 -20.67
N GLY D 144 -25.02 -11.89 -21.19
CA GLY D 144 -25.23 -12.52 -22.44
C GLY D 144 -24.94 -13.99 -22.49
N GLN D 145 -24.49 -14.62 -21.37
CA GLN D 145 -24.21 -16.04 -21.37
C GLN D 145 -25.40 -16.98 -21.23
N SER D 146 -25.19 -18.25 -21.53
CA SER D 146 -26.31 -19.18 -21.53
C SER D 146 -26.55 -19.84 -20.19
N PHE D 147 -25.80 -19.37 -19.19
CA PHE D 147 -25.85 -19.87 -17.85
C PHE D 147 -25.96 -18.73 -16.92
N LEU D 148 -26.57 -19.00 -15.79
CA LEU D 148 -26.76 -17.97 -14.82
C LEU D 148 -25.45 -17.50 -14.25
N VAL D 149 -24.62 -18.51 -13.97
CA VAL D 149 -23.36 -18.27 -13.31
C VAL D 149 -22.17 -18.99 -13.94
N GLY D 150 -21.10 -18.20 -14.13
CA GLY D 150 -19.82 -18.68 -14.67
C GLY D 150 -19.79 -19.44 -16.02
N ASN D 151 -20.68 -19.09 -16.92
CA ASN D 151 -20.71 -19.68 -18.22
C ASN D 151 -20.75 -21.17 -18.22
N GLN D 152 -21.21 -21.72 -17.15
CA GLN D 152 -21.39 -23.13 -17.17
C GLN D 152 -22.65 -23.54 -16.40
N LEU D 153 -23.19 -24.67 -16.80
CA LEU D 153 -24.32 -25.21 -16.10
C LEU D 153 -23.99 -25.42 -14.64
N SER D 154 -24.95 -25.00 -13.85
CA SER D 154 -24.91 -25.08 -12.42
C SER D 154 -26.27 -25.53 -11.91
N LEU D 155 -26.24 -25.74 -10.63
CA LEU D 155 -27.41 -26.15 -9.95
C LEU D 155 -28.50 -25.15 -10.08
N ALA D 156 -28.12 -23.84 -10.04
CA ALA D 156 -29.11 -22.77 -10.16
C ALA D 156 -29.93 -22.90 -11.44
N ASP D 157 -29.24 -23.25 -12.54
CA ASP D 157 -29.87 -23.41 -13.80
C ASP D 157 -30.85 -24.56 -13.76
N VAL D 158 -30.47 -25.65 -13.18
CA VAL D 158 -31.41 -26.75 -13.18
C VAL D 158 -32.70 -26.51 -12.37
N ILE D 159 -32.55 -25.89 -11.23
CA ILE D 159 -33.70 -25.65 -10.41
C ILE D 159 -34.62 -24.64 -11.09
N LEU D 160 -33.96 -23.64 -11.63
CA LEU D 160 -34.69 -22.62 -12.34
C LEU D 160 -35.49 -23.22 -13.47
N LEU D 161 -34.82 -24.03 -14.26
CA LEU D 161 -35.48 -24.71 -15.33
C LEU D 161 -36.67 -25.50 -14.86
N GLN D 162 -36.38 -26.33 -13.89
CA GLN D 162 -37.36 -27.18 -13.30
C GLN D 162 -38.65 -26.46 -12.97
N THR D 163 -38.44 -25.41 -12.28
CA THR D 163 -39.48 -24.56 -11.77
C THR D 163 -40.24 -23.86 -12.87
N ILE D 164 -39.48 -23.25 -13.74
CA ILE D 164 -40.13 -22.52 -14.81
C ILE D 164 -41.06 -23.43 -15.60
N LEU D 165 -40.58 -24.64 -15.85
CA LEU D 165 -41.44 -25.48 -16.60
C LEU D 165 -42.70 -25.84 -15.89
N ALA D 166 -42.49 -26.12 -14.65
CA ALA D 166 -43.54 -26.51 -13.74
C ALA D 166 -44.56 -25.42 -13.68
N LEU D 167 -44.05 -24.21 -13.67
CA LEU D 167 -44.95 -23.12 -13.60
C LEU D 167 -45.73 -23.02 -14.88
N GLU D 168 -45.00 -23.22 -15.97
CA GLU D 168 -45.64 -23.13 -17.26
C GLU D 168 -46.67 -24.18 -17.40
N GLU D 169 -46.53 -25.24 -16.65
CA GLU D 169 -47.59 -26.19 -16.75
C GLU D 169 -48.87 -25.55 -16.23
N LYS D 170 -48.78 -24.66 -15.26
CA LYS D 170 -50.01 -24.08 -14.77
C LYS D 170 -50.35 -22.74 -15.45
N ILE D 171 -49.31 -21.99 -15.82
CA ILE D 171 -49.47 -20.69 -16.46
C ILE D 171 -48.48 -20.59 -17.59
N PRO D 172 -49.00 -21.14 -18.60
CA PRO D 172 -48.40 -21.43 -19.86
C PRO D 172 -47.66 -20.30 -20.49
N ASN D 173 -48.11 -19.08 -20.23
CA ASN D 173 -47.52 -17.87 -20.80
C ASN D 173 -46.70 -17.08 -19.81
N ILE D 174 -46.47 -17.59 -18.64
CA ILE D 174 -45.74 -16.88 -17.61
C ILE D 174 -44.41 -16.23 -18.09
N LEU D 175 -43.78 -16.88 -19.04
CA LEU D 175 -42.54 -16.41 -19.59
C LEU D 175 -42.58 -15.25 -20.55
N SER D 176 -43.73 -15.09 -21.19
CA SER D 176 -44.09 -14.05 -22.14
C SER D 176 -43.24 -12.80 -22.02
N ALA D 177 -43.26 -12.17 -20.87
CA ALA D 177 -42.48 -10.97 -20.78
C ALA D 177 -40.99 -11.18 -20.56
N PHE D 178 -40.50 -12.42 -20.72
CA PHE D 178 -39.10 -12.68 -20.41
C PHE D 178 -38.34 -13.49 -21.43
N PRO D 179 -38.27 -12.86 -22.57
CA PRO D 179 -37.55 -13.22 -23.76
C PRO D 179 -36.18 -13.81 -23.46
N PHE D 180 -35.40 -13.20 -22.52
CA PHE D 180 -34.16 -13.87 -22.14
C PHE D 180 -34.46 -15.20 -21.49
N LEU D 181 -35.28 -15.18 -20.46
CA LEU D 181 -35.69 -16.40 -19.83
C LEU D 181 -36.23 -17.39 -20.86
N GLN D 182 -36.94 -16.89 -21.87
CA GLN D 182 -37.40 -17.83 -22.86
C GLN D 182 -36.28 -18.50 -23.62
N GLU D 183 -35.34 -17.67 -24.05
CA GLU D 183 -34.25 -18.24 -24.78
C GLU D 183 -33.48 -19.25 -23.98
N TYR D 184 -33.01 -18.79 -22.79
CA TYR D 184 -32.30 -19.60 -21.81
C TYR D 184 -32.97 -20.99 -21.65
N THR D 185 -34.28 -20.92 -21.38
CA THR D 185 -35.05 -22.12 -21.20
C THR D 185 -34.95 -23.04 -22.37
N VAL D 186 -35.03 -22.48 -23.51
CA VAL D 186 -34.95 -23.33 -24.66
C VAL D 186 -33.63 -24.05 -24.79
N LYS D 187 -32.60 -23.24 -24.81
CA LYS D 187 -31.29 -23.83 -24.89
C LYS D 187 -30.99 -24.91 -23.85
N LEU D 188 -31.29 -24.61 -22.59
CA LEU D 188 -31.06 -25.56 -21.56
C LEU D 188 -31.77 -26.82 -21.92
N SER D 189 -33.03 -26.66 -22.34
CA SER D 189 -33.77 -27.87 -22.56
C SER D 189 -33.18 -28.68 -23.67
N ASN D 190 -32.28 -28.03 -24.39
CA ASN D 190 -31.62 -28.70 -25.48
C ASN D 190 -30.43 -29.53 -25.10
N ILE D 191 -29.87 -29.25 -23.94
CA ILE D 191 -28.82 -30.08 -23.37
C ILE D 191 -29.34 -31.51 -23.24
N PRO D 192 -28.60 -32.28 -23.92
CA PRO D 192 -28.85 -33.66 -24.22
C PRO D 192 -29.43 -34.45 -23.10
N THR D 193 -28.74 -34.42 -21.94
CA THR D 193 -29.18 -35.11 -20.72
C THR D 193 -30.62 -34.74 -20.44
N ILE D 194 -30.78 -33.41 -20.39
CA ILE D 194 -32.02 -32.76 -20.14
C ILE D 194 -32.99 -33.09 -21.19
N LYS D 195 -32.50 -32.92 -22.42
CA LYS D 195 -33.34 -33.18 -23.55
C LYS D 195 -33.95 -34.55 -23.38
N ARG D 196 -33.13 -35.49 -22.92
CA ARG D 196 -33.62 -36.83 -22.72
C ARG D 196 -34.61 -36.92 -21.62
N PHE D 197 -34.21 -36.27 -20.52
CA PHE D 197 -35.01 -36.27 -19.30
C PHE D 197 -36.38 -35.76 -19.65
N LEU D 198 -36.37 -34.82 -20.58
CA LEU D 198 -37.63 -34.26 -20.96
C LEU D 198 -38.42 -35.15 -21.86
N GLU D 199 -37.68 -35.97 -22.61
CA GLU D 199 -38.26 -36.95 -23.53
C GLU D 199 -38.94 -38.04 -22.71
N PRO D 200 -39.52 -39.02 -23.41
CA PRO D 200 -40.23 -40.09 -22.76
C PRO D 200 -39.35 -41.18 -22.23
N GLY D 201 -39.94 -41.88 -21.24
CA GLY D 201 -39.28 -42.95 -20.52
C GLY D 201 -38.14 -42.48 -19.61
N SER D 202 -38.30 -41.24 -19.06
CA SER D 202 -37.35 -40.64 -18.15
C SER D 202 -37.89 -40.89 -16.76
N LYS D 203 -37.05 -40.68 -15.72
CA LYS D 203 -37.55 -40.91 -14.39
C LYS D 203 -38.32 -39.69 -13.89
N LYS D 204 -38.41 -38.72 -14.80
CA LYS D 204 -39.14 -37.50 -14.62
C LYS D 204 -40.61 -37.80 -14.33
N LYS D 205 -41.05 -37.45 -13.15
CA LYS D 205 -42.41 -37.64 -12.73
C LYS D 205 -43.35 -36.53 -13.22
N PRO D 206 -44.60 -36.86 -13.23
CA PRO D 206 -45.68 -36.01 -13.67
C PRO D 206 -46.35 -35.30 -12.55
N PRO D 207 -47.22 -34.45 -12.97
CA PRO D 207 -47.90 -33.67 -12.03
C PRO D 207 -48.76 -34.63 -11.32
N PRO D 208 -48.72 -34.45 -10.03
CA PRO D 208 -49.38 -35.24 -9.05
C PRO D 208 -50.87 -35.23 -9.27
N ASP D 209 -51.44 -36.42 -9.11
CA ASP D 209 -52.84 -36.77 -9.26
C ASP D 209 -53.40 -37.11 -7.90
N GLU D 210 -54.71 -37.21 -7.94
CA GLU D 210 -55.52 -37.55 -6.82
C GLU D 210 -54.94 -38.73 -6.05
N ILE D 211 -54.49 -39.69 -6.80
CA ILE D 211 -53.91 -40.86 -6.21
C ILE D 211 -52.70 -40.55 -5.34
N TYR D 212 -51.74 -39.93 -6.01
CA TYR D 212 -50.51 -39.56 -5.34
C TYR D 212 -50.79 -38.90 -3.99
N VAL D 213 -51.71 -37.99 -4.09
CA VAL D 213 -52.09 -37.27 -2.94
C VAL D 213 -52.59 -38.18 -1.87
N ARG D 214 -53.55 -38.97 -2.29
CA ARG D 214 -54.13 -39.99 -1.43
C ARG D 214 -53.05 -40.84 -0.78
N THR D 215 -52.21 -41.40 -1.59
CA THR D 215 -51.12 -42.19 -1.14
C THR D 215 -50.25 -41.47 -0.14
N VAL D 216 -50.00 -40.23 -0.45
CA VAL D 216 -49.12 -39.48 0.39
C VAL D 216 -49.76 -39.32 1.72
N TYR D 217 -51.02 -39.03 1.63
CA TYR D 217 -51.79 -38.91 2.83
C TYR D 217 -51.78 -40.26 3.49
N ASN D 218 -51.71 -41.28 2.67
CA ASN D 218 -51.73 -42.56 3.31
C ASN D 218 -50.47 -42.87 4.04
N ILE D 219 -49.35 -42.65 3.39
CA ILE D 219 -48.10 -42.98 4.00
C ILE D 219 -47.83 -42.25 5.26
N PHE D 220 -48.43 -41.07 5.37
CA PHE D 220 -48.21 -40.16 6.51
C PHE D 220 -49.54 -39.68 7.10
N ARG E 4 30.17 1.50 -34.78
CA ARG E 4 29.80 0.14 -34.35
C ARG E 4 28.49 0.15 -33.53
N PRO E 5 27.42 -0.38 -34.14
CA PRO E 5 26.14 -0.35 -33.52
C PRO E 5 26.09 -1.03 -32.19
N LYS E 6 25.39 -0.32 -31.30
CA LYS E 6 25.19 -0.78 -29.95
C LYS E 6 23.72 -1.10 -29.65
N LEU E 7 23.59 -2.33 -29.21
CA LEU E 7 22.35 -2.91 -28.91
C LEU E 7 22.06 -2.91 -27.43
N HIS E 8 20.92 -2.31 -27.10
CA HIS E 8 20.44 -2.34 -25.74
C HIS E 8 19.32 -3.32 -25.50
N TYR E 9 19.52 -4.21 -24.57
CA TYR E 9 18.53 -5.20 -24.34
C TYR E 9 19.11 -6.18 -23.39
N PRO E 10 18.23 -6.95 -22.79
CA PRO E 10 18.59 -8.00 -21.90
C PRO E 10 19.37 -8.97 -22.70
N ASN E 11 20.10 -9.79 -21.98
CA ASN E 11 20.83 -10.77 -22.71
C ASN E 11 19.96 -11.96 -22.99
N GLY E 12 19.39 -11.95 -24.16
CA GLY E 12 18.56 -13.01 -24.62
C GLY E 12 18.07 -12.63 -26.00
N ARG E 13 17.28 -13.54 -26.55
CA ARG E 13 16.74 -13.38 -27.88
C ARG E 13 15.76 -12.22 -28.01
N GLY E 14 14.63 -12.40 -27.34
CA GLY E 14 13.54 -11.45 -27.32
C GLY E 14 13.19 -10.99 -28.69
N ARG E 15 12.95 -9.72 -28.75
CA ARG E 15 12.66 -9.12 -30.02
C ARG E 15 13.89 -8.62 -30.73
N MET E 16 14.99 -8.47 -30.00
CA MET E 16 16.26 -7.97 -30.53
C MET E 16 16.91 -8.95 -31.49
N GLU E 17 16.48 -10.20 -31.42
CA GLU E 17 17.09 -11.18 -32.26
C GLU E 17 17.11 -10.89 -33.71
N SER E 18 16.00 -10.42 -34.20
CA SER E 18 15.93 -10.13 -35.60
C SER E 18 16.88 -9.03 -35.93
N VAL E 19 17.19 -8.27 -34.95
CA VAL E 19 18.15 -7.24 -35.28
C VAL E 19 19.54 -7.78 -35.48
N ARG E 20 19.93 -8.61 -34.54
CA ARG E 20 21.19 -9.31 -34.64
C ARG E 20 21.24 -10.05 -35.95
N TRP E 21 20.17 -10.69 -36.28
CA TRP E 21 20.11 -11.39 -37.53
C TRP E 21 20.41 -10.52 -38.70
N VAL E 22 19.75 -9.43 -38.81
CA VAL E 22 20.01 -8.61 -39.96
C VAL E 22 21.39 -8.07 -39.96
N LEU E 23 21.81 -7.57 -38.83
CA LEU E 23 23.11 -6.97 -38.74
C LEU E 23 24.16 -7.91 -39.24
N ALA E 24 24.07 -9.14 -38.68
CA ALA E 24 24.95 -10.22 -39.01
C ALA E 24 24.98 -10.55 -40.50
N ALA E 25 23.82 -10.65 -41.05
CA ALA E 25 23.73 -11.01 -42.43
C ALA E 25 24.37 -9.98 -43.28
N ALA E 26 24.19 -8.72 -42.85
CA ALA E 26 24.75 -7.55 -43.54
C ALA E 26 26.25 -7.56 -43.28
N GLY E 27 26.66 -8.54 -42.49
CA GLY E 27 28.04 -8.59 -42.15
C GLY E 27 28.52 -7.36 -41.41
N VAL E 28 27.62 -6.80 -40.60
CA VAL E 28 27.93 -5.67 -39.75
C VAL E 28 28.18 -6.12 -38.33
N GLU E 29 29.37 -5.77 -37.82
CA GLU E 29 29.72 -6.09 -36.44
C GLU E 29 29.10 -5.05 -35.56
N PHE E 30 28.70 -5.47 -34.36
CA PHE E 30 28.02 -4.53 -33.49
C PHE E 30 28.25 -4.97 -32.09
N ASP E 31 27.87 -4.15 -31.13
CA ASP E 31 28.09 -4.53 -29.75
C ASP E 31 26.82 -4.51 -28.97
N GLU E 32 26.93 -4.99 -27.73
CA GLU E 32 25.81 -5.14 -26.86
C GLU E 32 26.00 -4.68 -25.44
N GLU E 33 24.97 -4.03 -24.93
CA GLU E 33 24.90 -3.56 -23.58
C GLU E 33 23.68 -4.17 -22.96
N PHE E 34 23.92 -5.07 -22.05
CA PHE E 34 22.84 -5.84 -21.51
C PHE E 34 22.02 -5.30 -20.42
N LEU E 35 20.73 -5.37 -20.57
CA LEU E 35 20.03 -5.05 -19.35
C LEU E 35 19.95 -6.27 -18.46
N GLU E 36 20.18 -6.06 -17.15
CA GLU E 36 19.97 -7.08 -16.09
C GLU E 36 19.06 -6.60 -14.95
N THR E 37 18.82 -5.26 -14.87
CA THR E 37 18.02 -4.67 -13.81
C THR E 37 17.10 -3.55 -14.20
N LYS E 38 16.05 -3.46 -13.40
CA LYS E 38 15.08 -2.39 -13.50
C LYS E 38 15.80 -1.07 -13.53
N GLU E 39 16.74 -1.03 -12.62
CA GLU E 39 17.54 0.14 -12.47
C GLU E 39 18.39 0.52 -13.67
N GLN E 40 19.12 -0.45 -14.22
CA GLN E 40 19.88 -0.11 -15.42
C GLN E 40 18.97 0.44 -16.53
N LEU E 41 17.75 -0.11 -16.48
CA LEU E 41 16.75 0.31 -17.36
C LEU E 41 16.42 1.75 -17.04
N TYR E 42 16.19 2.01 -15.75
CA TYR E 42 15.89 3.36 -15.35
C TYR E 42 16.87 4.35 -15.86
N LYS E 43 18.12 4.03 -15.74
CA LYS E 43 19.07 5.04 -16.14
C LYS E 43 19.00 5.32 -17.60
N LEU E 44 18.61 4.29 -18.25
CA LEU E 44 18.59 4.37 -19.66
C LEU E 44 17.48 5.33 -20.02
N GLN E 45 16.35 5.09 -19.37
CA GLN E 45 15.23 5.92 -19.64
C GLN E 45 15.50 7.25 -19.10
N ASP E 46 16.02 7.25 -17.85
CA ASP E 46 16.36 8.51 -17.24
C ASP E 46 17.25 9.37 -18.12
N GLY E 47 18.20 8.76 -18.79
CA GLY E 47 19.07 9.56 -19.60
C GLY E 47 18.39 10.11 -20.84
N ASN E 48 17.18 9.64 -21.10
CA ASN E 48 16.50 10.10 -22.28
C ASN E 48 17.03 9.44 -23.53
N HIS E 49 17.37 8.16 -23.36
CA HIS E 49 17.94 7.37 -24.43
C HIS E 49 16.95 6.57 -25.24
N LEU E 50 15.89 6.17 -24.57
CA LEU E 50 14.85 5.41 -25.14
C LEU E 50 13.74 6.34 -25.52
N LEU E 51 13.63 6.65 -26.81
CA LEU E 51 12.60 7.54 -27.33
C LEU E 51 11.26 7.34 -26.71
N PHE E 52 10.86 6.09 -26.49
CA PHE E 52 9.53 5.83 -25.95
C PHE E 52 9.56 4.94 -24.74
N GLN E 53 10.72 4.99 -24.06
CA GLN E 53 10.92 4.41 -22.78
C GLN E 53 11.12 2.99 -22.81
N GLN E 54 11.38 2.46 -23.99
CA GLN E 54 11.53 1.03 -24.06
C GLN E 54 12.61 0.59 -24.97
N VAL E 55 12.96 -0.72 -24.85
CA VAL E 55 13.93 -1.42 -25.73
C VAL E 55 13.18 -2.42 -26.60
N PRO E 56 13.68 -2.78 -27.74
CA PRO E 56 14.95 -2.46 -28.28
C PRO E 56 15.25 -1.05 -28.52
N MET E 57 16.50 -0.77 -28.20
CA MET E 57 17.07 0.46 -28.61
C MET E 57 18.37 0.12 -29.24
N VAL E 58 18.63 0.80 -30.32
CA VAL E 58 19.87 0.61 -31.02
C VAL E 58 20.47 1.90 -31.47
N GLU E 59 21.71 2.03 -31.05
CA GLU E 59 22.51 3.19 -31.36
C GLU E 59 23.24 2.93 -32.63
N ILE E 60 22.83 3.68 -33.61
CA ILE E 60 23.40 3.46 -34.88
C ILE E 60 23.43 4.73 -35.65
N ASP E 61 24.56 4.94 -36.28
CA ASP E 61 24.70 6.14 -37.14
C ASP E 61 24.36 7.42 -36.44
N GLY E 62 24.77 7.42 -35.17
CA GLY E 62 24.56 8.51 -34.26
C GLY E 62 23.10 8.69 -33.87
N MET E 63 22.31 7.61 -34.01
CA MET E 63 20.94 7.68 -33.67
C MET E 63 20.63 6.70 -32.57
N LYS E 64 19.47 6.88 -31.94
CA LYS E 64 19.11 5.89 -30.97
C LYS E 64 17.84 5.27 -31.44
N LEU E 65 17.96 4.28 -32.30
CA LEU E 65 16.73 3.77 -32.80
C LEU E 65 15.98 2.88 -31.84
N VAL E 66 14.67 3.08 -31.90
CA VAL E 66 13.68 2.30 -31.17
C VAL E 66 12.59 1.79 -32.14
N GLN E 67 11.87 0.70 -31.78
CA GLN E 67 10.85 0.11 -32.65
C GLN E 67 11.53 -0.79 -33.65
N THR E 68 11.42 -2.02 -33.31
CA THR E 68 12.02 -3.07 -34.05
C THR E 68 11.82 -3.00 -35.54
N ARG E 69 10.57 -2.91 -35.95
CA ARG E 69 10.34 -2.78 -37.35
C ARG E 69 11.06 -1.56 -37.93
N SER E 70 11.05 -0.53 -37.14
CA SER E 70 11.64 0.71 -37.51
C SER E 70 13.11 0.59 -37.77
N ILE E 71 13.72 -0.13 -36.86
CA ILE E 71 15.12 -0.37 -36.91
C ILE E 71 15.49 -1.24 -38.09
N LEU E 72 14.78 -2.34 -38.21
CA LEU E 72 15.08 -3.23 -39.30
C LEU E 72 14.95 -2.53 -40.60
N HIS E 73 13.95 -1.68 -40.72
CA HIS E 73 13.84 -0.98 -41.97
C HIS E 73 15.04 -0.09 -42.22
N TYR E 74 15.58 0.50 -41.14
CA TYR E 74 16.72 1.36 -41.32
C TYR E 74 17.88 0.60 -41.91
N ILE E 75 18.32 -0.37 -41.13
CA ILE E 75 19.40 -1.19 -41.55
C ILE E 75 19.23 -1.76 -42.94
N ALA E 76 18.04 -2.22 -43.25
CA ALA E 76 17.78 -2.76 -44.57
C ALA E 76 18.10 -1.71 -45.58
N ASP E 77 17.59 -0.52 -45.31
CA ASP E 77 17.82 0.55 -46.23
C ASP E 77 19.26 0.96 -46.28
N LYS E 78 19.95 0.83 -45.18
CA LYS E 78 21.35 1.13 -45.23
C LYS E 78 22.12 0.03 -45.96
N HIS E 79 21.57 -1.16 -46.17
CA HIS E 79 22.38 -2.18 -46.78
C HIS E 79 21.73 -2.98 -47.87
N ASN E 80 20.90 -2.37 -48.69
CA ASN E 80 20.40 -3.13 -49.78
C ASN E 80 19.67 -4.44 -49.45
N LEU E 81 18.95 -4.43 -48.38
CA LEU E 81 18.18 -5.58 -48.02
C LEU E 81 16.75 -5.27 -48.23
N PHE E 82 16.51 -4.07 -48.78
CA PHE E 82 15.15 -3.58 -48.99
C PHE E 82 14.68 -3.52 -50.45
N GLY E 83 15.36 -4.25 -51.33
CA GLY E 83 14.93 -4.24 -52.71
C GLY E 83 15.49 -3.09 -53.53
N LYS E 84 14.90 -2.89 -54.72
CA LYS E 84 15.34 -1.89 -55.70
C LYS E 84 14.19 -1.07 -56.26
N ASN E 85 13.01 -1.29 -55.74
CA ASN E 85 11.93 -0.43 -56.11
C ASN E 85 10.69 -0.56 -55.24
N LEU E 86 9.70 0.25 -55.53
CA LEU E 86 8.54 0.22 -54.74
C LEU E 86 7.87 -1.14 -54.71
N LYS E 87 7.71 -1.73 -55.89
CA LYS E 87 7.05 -3.02 -56.00
C LYS E 87 7.79 -4.04 -55.22
N GLU E 88 9.11 -4.03 -55.41
CA GLU E 88 9.95 -4.90 -54.63
C GLU E 88 9.70 -4.67 -53.16
N ARG E 89 10.01 -3.46 -52.77
CA ARG E 89 9.90 -2.94 -51.43
C ARG E 89 8.62 -3.33 -50.80
N THR E 90 7.60 -3.09 -51.56
CA THR E 90 6.30 -3.41 -51.07
C THR E 90 6.09 -4.88 -50.66
N LEU E 91 6.66 -5.79 -51.45
CA LEU E 91 6.54 -7.20 -51.17
C LEU E 91 7.29 -7.56 -49.95
N ILE E 92 8.51 -7.12 -49.96
CA ILE E 92 9.39 -7.39 -48.87
C ILE E 92 8.74 -7.03 -47.58
N ASP E 93 8.13 -5.87 -47.65
CA ASP E 93 7.44 -5.36 -46.52
C ASP E 93 6.33 -6.31 -46.02
N MET E 94 5.41 -6.63 -46.91
CA MET E 94 4.41 -7.52 -46.51
C MET E 94 4.92 -8.83 -46.06
N TYR E 95 5.89 -9.37 -46.74
CA TYR E 95 6.42 -10.65 -46.29
C TYR E 95 6.94 -10.55 -44.90
N VAL E 96 7.64 -9.47 -44.71
CA VAL E 96 8.16 -9.24 -43.39
C VAL E 96 7.12 -9.12 -42.29
N GLU E 97 6.14 -8.26 -42.52
CA GLU E 97 5.11 -8.09 -41.52
C GLU E 97 4.42 -9.46 -41.21
N GLY E 98 4.04 -10.16 -42.29
CA GLY E 98 3.42 -11.44 -42.06
C GLY E 98 4.32 -12.36 -41.22
N THR E 99 5.57 -12.41 -41.57
CA THR E 99 6.41 -13.33 -40.83
C THR E 99 6.53 -13.00 -39.36
N LEU E 100 6.68 -11.74 -39.14
CA LEU E 100 6.78 -11.22 -37.83
C LEU E 100 5.58 -11.66 -37.01
N ASP E 101 4.47 -11.77 -37.70
CA ASP E 101 3.29 -12.22 -37.00
C ASP E 101 3.40 -13.66 -36.50
N LEU E 102 4.06 -14.47 -37.26
CA LEU E 102 4.27 -15.83 -36.87
C LEU E 102 5.36 -15.88 -35.83
N LEU E 103 6.44 -15.14 -36.07
CA LEU E 103 7.53 -15.14 -35.16
C LEU E 103 7.12 -14.83 -33.73
N GLU E 104 6.09 -14.09 -33.68
CA GLU E 104 5.59 -13.65 -32.42
C GLU E 104 5.23 -14.74 -31.47
N LEU E 105 4.65 -15.73 -32.03
CA LEU E 105 4.27 -16.84 -31.25
C LEU E 105 5.43 -17.40 -30.51
N LEU E 106 6.55 -17.30 -31.17
CA LEU E 106 7.78 -17.79 -30.63
C LEU E 106 8.20 -16.90 -29.51
N ILE E 107 8.07 -15.65 -29.83
CA ILE E 107 8.41 -14.62 -28.89
C ILE E 107 7.62 -14.67 -27.62
N MET E 108 6.33 -14.99 -27.71
CA MET E 108 5.52 -14.98 -26.53
C MET E 108 5.63 -16.24 -25.72
N HIS E 109 6.01 -17.25 -26.43
CA HIS E 109 6.04 -18.59 -25.96
C HIS E 109 6.53 -18.80 -24.53
N PRO E 110 7.74 -18.38 -24.29
CA PRO E 110 8.38 -18.51 -22.99
C PRO E 110 7.61 -17.91 -21.86
N PHE E 111 6.74 -17.00 -22.13
CA PHE E 111 6.05 -16.44 -20.98
C PHE E 111 4.68 -17.03 -20.74
N LEU E 112 4.49 -18.23 -21.23
CA LEU E 112 3.24 -18.90 -21.17
C LEU E 112 3.21 -19.77 -20.00
N LYS E 113 2.00 -20.10 -19.62
CA LYS E 113 1.80 -21.01 -18.53
C LYS E 113 2.02 -22.35 -19.11
N PRO E 114 3.16 -22.88 -18.81
CA PRO E 114 3.68 -24.20 -19.18
C PRO E 114 2.67 -25.14 -19.80
N ASP E 115 1.49 -25.08 -19.23
CA ASP E 115 0.38 -25.86 -19.70
C ASP E 115 -0.05 -25.40 -21.11
N ASP E 116 -0.09 -24.08 -21.28
CA ASP E 116 -0.45 -23.46 -22.53
C ASP E 116 0.67 -23.53 -23.52
N GLN E 117 1.86 -23.69 -22.98
CA GLN E 117 3.00 -23.74 -23.85
C GLN E 117 2.84 -24.81 -24.90
N GLN E 118 2.28 -25.92 -24.47
CA GLN E 118 2.12 -26.98 -25.40
C GLN E 118 1.11 -26.77 -26.48
N LYS E 119 -0.05 -26.33 -26.06
CA LYS E 119 -1.12 -26.05 -26.99
C LYS E 119 -0.59 -25.16 -28.10
N GLU E 120 0.12 -24.20 -27.62
CA GLU E 120 0.73 -23.20 -28.43
C GLU E 120 1.71 -23.65 -29.47
N VAL E 121 2.45 -24.69 -29.16
CA VAL E 121 3.33 -25.21 -30.13
C VAL E 121 2.58 -25.76 -31.28
N VAL E 122 1.61 -26.55 -30.88
CA VAL E 122 0.73 -27.09 -31.89
C VAL E 122 0.17 -25.96 -32.77
N ASN E 123 -0.24 -24.87 -32.11
CA ASN E 123 -0.73 -23.80 -32.92
C ASN E 123 0.25 -23.20 -33.95
N MET E 124 1.52 -23.02 -33.53
CA MET E 124 2.52 -22.48 -34.43
C MET E 124 2.56 -23.36 -35.64
N ALA E 125 2.61 -24.64 -35.31
CA ALA E 125 2.72 -25.63 -36.34
C ALA E 125 1.64 -25.45 -37.36
N GLN E 126 0.44 -25.30 -36.87
CA GLN E 126 -0.59 -25.13 -37.81
C GLN E 126 -0.49 -23.84 -38.60
N LYS E 127 -0.27 -22.72 -37.96
CA LYS E 127 -0.21 -21.52 -38.74
C LYS E 127 0.89 -21.56 -39.75
N ALA E 128 2.02 -22.10 -39.34
CA ALA E 128 3.11 -22.08 -40.24
C ALA E 128 2.77 -22.82 -41.50
N ILE E 129 2.28 -24.03 -41.23
CA ILE E 129 1.96 -25.00 -42.25
C ILE E 129 0.85 -24.53 -43.12
N ILE E 130 -0.07 -23.93 -42.44
CA ILE E 130 -1.26 -23.53 -43.16
C ILE E 130 -1.26 -22.14 -43.75
N ARG E 131 -0.86 -21.17 -42.96
CA ARG E 131 -0.92 -19.80 -43.37
C ARG E 131 0.28 -19.25 -44.12
N TYR E 132 1.48 -19.52 -43.63
CA TYR E 132 2.72 -18.96 -44.16
C TYR E 132 3.54 -19.75 -45.15
N PHE E 133 4.12 -20.85 -44.69
CA PHE E 133 4.98 -21.71 -45.51
C PHE E 133 4.49 -21.89 -46.95
N PRO E 134 3.21 -22.07 -47.06
CA PRO E 134 2.69 -22.26 -48.37
C PRO E 134 2.88 -21.08 -49.32
N VAL E 135 2.76 -19.88 -48.78
CA VAL E 135 2.86 -18.68 -49.56
C VAL E 135 4.26 -18.60 -50.14
N PHE E 136 5.18 -18.80 -49.22
CA PHE E 136 6.55 -18.74 -49.61
C PHE E 136 6.95 -19.82 -50.59
N GLU E 137 6.53 -21.06 -50.29
CA GLU E 137 6.86 -22.19 -51.15
C GLU E 137 6.45 -21.84 -52.57
N LYS E 138 5.22 -21.44 -52.70
CA LYS E 138 4.71 -21.04 -53.99
C LYS E 138 5.57 -19.98 -54.69
N ILE E 139 5.88 -18.93 -53.99
CA ILE E 139 6.67 -17.84 -54.52
C ILE E 139 7.95 -18.35 -55.12
N LEU E 140 8.60 -19.14 -54.28
CA LEU E 140 9.87 -19.68 -54.64
C LEU E 140 9.76 -20.59 -55.83
N ARG E 141 8.72 -21.39 -55.73
CA ARG E 141 8.45 -22.43 -56.67
C ARG E 141 8.18 -21.82 -57.99
N GLY E 142 7.58 -20.69 -57.93
CA GLY E 142 7.24 -20.10 -59.17
C GLY E 142 8.28 -19.18 -59.81
N HIS E 143 9.50 -19.02 -59.26
CA HIS E 143 10.41 -18.11 -59.95
C HIS E 143 11.76 -18.71 -60.04
N GLY E 144 11.83 -19.79 -59.29
CA GLY E 144 13.02 -20.58 -59.24
C GLY E 144 14.21 -19.92 -58.64
N GLN E 145 14.13 -18.65 -58.19
CA GLN E 145 15.27 -17.98 -57.60
C GLN E 145 15.56 -18.29 -56.15
N SER E 146 16.77 -17.94 -55.70
CA SER E 146 17.15 -18.31 -54.35
C SER E 146 16.78 -17.29 -53.30
N PHE E 147 16.01 -16.29 -53.74
CA PHE E 147 15.56 -15.20 -52.92
C PHE E 147 14.12 -15.01 -53.12
N LEU E 148 13.48 -14.51 -52.10
CA LEU E 148 12.07 -14.29 -52.19
C LEU E 148 11.72 -13.25 -53.21
N VAL E 149 12.52 -12.18 -53.14
CA VAL E 149 12.28 -11.01 -53.96
C VAL E 149 13.52 -10.48 -54.67
N GLY E 150 13.33 -10.21 -55.97
CA GLY E 150 14.36 -9.63 -56.84
C GLY E 150 15.75 -10.30 -56.94
N ASN E 151 15.79 -11.60 -56.82
CA ASN E 151 17.02 -12.33 -56.94
C ASN E 151 18.13 -11.85 -56.08
N GLN E 152 17.76 -11.19 -55.03
CA GLN E 152 18.79 -10.82 -54.10
C GLN E 152 18.29 -10.92 -52.66
N LEU E 153 19.24 -11.15 -51.77
CA LEU E 153 18.91 -11.17 -50.38
C LEU E 153 18.27 -9.86 -49.95
N SER E 154 17.21 -10.06 -49.19
CA SER E 154 16.42 -9.01 -48.65
C SER E 154 16.09 -9.33 -47.19
N LEU E 155 15.48 -8.35 -46.62
CA LEU E 155 15.06 -8.45 -45.27
C LEU E 155 14.10 -9.57 -45.09
N ALA E 156 13.20 -9.75 -46.10
CA ALA E 156 12.21 -10.82 -46.00
C ALA E 156 12.85 -12.19 -45.82
N ASP E 157 13.96 -12.41 -46.53
CA ASP E 157 14.68 -13.64 -46.46
C ASP E 157 15.25 -13.82 -45.07
N VAL E 158 15.82 -12.80 -44.52
CA VAL E 158 16.39 -13.00 -43.20
C VAL E 158 15.38 -13.31 -42.08
N ILE E 159 14.27 -12.64 -42.12
CA ILE E 159 13.29 -12.87 -41.10
C ILE E 159 12.69 -14.26 -41.24
N LEU E 160 12.44 -14.58 -42.51
CA LEU E 160 11.92 -15.89 -42.81
C LEU E 160 12.84 -16.97 -42.31
N LEU E 161 14.11 -16.82 -42.63
CA LEU E 161 15.10 -17.76 -42.17
C LEU E 161 15.08 -17.89 -40.66
N GLN E 162 15.19 -16.75 -40.04
CA GLN E 162 15.21 -16.64 -38.62
C GLN E 162 14.13 -17.46 -37.96
N THR E 163 12.97 -17.21 -38.46
CA THR E 163 11.76 -17.79 -37.98
C THR E 163 11.68 -19.28 -38.22
N ILE E 164 11.96 -19.63 -39.45
CA ILE E 164 11.90 -21.04 -39.78
C ILE E 164 12.81 -21.86 -38.88
N LEU E 165 13.98 -21.32 -38.65
CA LEU E 165 14.85 -22.09 -37.81
C LEU E 165 14.35 -22.25 -36.42
N ALA E 166 13.85 -21.14 -35.95
CA ALA E 166 13.33 -21.03 -34.62
C ALA E 166 12.19 -22.00 -34.45
N LEU E 167 11.43 -22.10 -35.52
CA LEU E 167 10.32 -23.00 -35.44
C LEU E 167 10.81 -24.40 -35.41
N GLU E 168 11.82 -24.65 -36.24
CA GLU E 168 12.37 -25.98 -36.31
C GLU E 168 12.96 -26.36 -35.00
N GLU E 169 13.33 -25.37 -34.22
CA GLU E 169 13.83 -25.78 -32.95
C GLU E 169 12.69 -26.43 -32.17
N LYS E 170 11.47 -26.00 -32.38
CA LYS E 170 10.40 -26.62 -31.61
C LYS E 170 9.72 -27.78 -32.39
N ILE E 171 9.67 -27.66 -33.70
CA ILE E 171 9.03 -28.64 -34.56
C ILE E 171 9.91 -28.85 -35.76
N PRO E 172 10.79 -29.71 -35.45
CA PRO E 172 11.92 -30.11 -36.19
C PRO E 172 11.66 -30.48 -37.61
N ASN E 173 10.48 -31.00 -37.89
CA ASN E 173 10.08 -31.46 -39.21
C ASN E 173 9.09 -30.53 -39.89
N ILE E 174 8.83 -29.38 -39.33
CA ILE E 174 7.87 -28.46 -39.88
C ILE E 174 8.04 -28.19 -41.40
N LEU E 175 9.26 -28.24 -41.87
CA LEU E 175 9.57 -28.01 -43.25
C LEU E 175 9.27 -29.11 -44.24
N SER E 176 9.23 -30.33 -43.71
CA SER E 176 8.94 -31.59 -44.40
C SER E 176 8.16 -31.40 -45.68
N ALA E 177 6.98 -30.83 -45.59
CA ALA E 177 6.23 -30.69 -46.81
C ALA E 177 6.65 -29.54 -47.70
N PHE E 178 7.82 -28.92 -47.42
CA PHE E 178 8.20 -27.74 -48.18
C PHE E 178 9.62 -27.69 -48.67
N PRO E 179 9.85 -28.66 -49.51
CA PRO E 179 11.05 -28.93 -50.28
C PRO E 179 11.67 -27.65 -50.84
N PHE E 180 10.86 -26.74 -51.41
CA PHE E 180 11.45 -25.47 -51.80
C PHE E 180 11.97 -24.74 -50.58
N LEU E 181 11.11 -24.54 -49.60
CA LEU E 181 11.53 -23.92 -48.38
C LEU E 181 12.76 -24.64 -47.81
N GLN E 182 12.81 -25.96 -47.96
CA GLN E 182 13.99 -26.62 -47.45
C GLN E 182 15.25 -26.22 -48.19
N GLU E 183 15.13 -26.22 -49.50
CA GLU E 183 16.30 -25.86 -50.25
C GLU E 183 16.78 -24.46 -49.95
N TYR E 184 15.85 -23.51 -50.12
CA TYR E 184 16.05 -22.08 -49.81
C TYR E 184 16.80 -21.91 -48.46
N THR E 185 16.24 -22.57 -47.44
CA THR E 185 16.82 -22.50 -46.14
C THR E 185 18.25 -22.94 -46.13
N VAL E 186 18.49 -23.98 -46.81
CA VAL E 186 19.86 -24.44 -46.83
C VAL E 186 20.83 -23.47 -47.43
N LYS E 187 20.50 -23.12 -48.65
CA LYS E 187 21.34 -22.15 -49.31
C LYS E 187 21.60 -20.87 -48.53
N LEU E 188 20.53 -20.28 -48.02
CA LEU E 188 20.69 -19.08 -47.27
C LEU E 188 21.66 -19.33 -46.16
N SER E 189 21.45 -20.47 -45.49
CA SER E 189 22.30 -20.67 -44.34
C SER E 189 23.73 -20.80 -44.73
N ASN E 190 23.93 -20.96 -46.03
CA ASN E 190 25.26 -21.08 -46.54
C ASN E 190 25.98 -19.79 -46.81
N ILE E 191 25.21 -18.72 -46.94
CA ILE E 191 25.77 -17.39 -47.03
C ILE E 191 26.61 -17.13 -45.80
N PRO E 192 27.81 -16.87 -46.16
CA PRO E 192 28.95 -16.76 -45.31
C PRO E 192 28.71 -16.07 -44.02
N THR E 193 28.17 -14.82 -44.11
CA THR E 193 27.83 -14.01 -42.93
C THR E 193 27.00 -14.85 -41.98
N ILE E 194 25.93 -15.35 -42.60
CA ILE E 194 24.95 -16.18 -41.96
C ILE E 194 25.59 -17.41 -41.45
N LYS E 195 26.33 -18.04 -42.36
CA LYS E 195 26.99 -19.26 -42.03
C LYS E 195 27.75 -19.04 -40.73
N ARG E 196 28.39 -17.87 -40.64
CA ARG E 196 29.15 -17.58 -39.45
C ARG E 196 28.27 -17.40 -38.25
N PHE E 197 27.24 -16.60 -38.50
CA PHE E 197 26.29 -16.24 -37.46
C PHE E 197 25.75 -17.52 -36.86
N LEU E 198 25.61 -18.49 -37.75
CA LEU E 198 25.08 -19.73 -37.29
C LEU E 198 26.09 -20.54 -36.53
N GLU E 199 27.35 -20.34 -36.90
CA GLU E 199 28.48 -20.99 -36.27
C GLU E 199 28.63 -20.47 -34.85
N PRO E 200 29.62 -20.99 -34.13
CA PRO E 200 29.85 -20.59 -32.75
C PRO E 200 30.58 -19.30 -32.58
N GLY E 201 30.34 -18.73 -31.39
CA GLY E 201 30.89 -17.44 -30.99
C GLY E 201 30.28 -16.26 -31.77
N SER E 202 28.97 -16.40 -32.14
CA SER E 202 28.23 -15.38 -32.84
C SER E 202 27.43 -14.65 -31.79
N LYS E 203 26.87 -13.47 -32.13
CA LYS E 203 26.10 -12.76 -31.14
C LYS E 203 24.68 -13.34 -31.07
N LYS E 204 24.48 -14.34 -31.89
CA LYS E 204 23.26 -15.11 -31.97
C LYS E 204 22.92 -15.71 -30.63
N LYS E 205 21.82 -15.27 -30.06
CA LYS E 205 21.34 -15.77 -28.78
C LYS E 205 20.56 -17.08 -28.92
N PRO E 206 20.48 -17.74 -27.81
CA PRO E 206 19.82 -19.02 -27.65
C PRO E 206 18.43 -18.90 -27.15
N PRO E 207 17.82 -20.03 -27.14
CA PRO E 207 16.48 -20.06 -26.72
C PRO E 207 16.54 -19.78 -25.29
N PRO E 208 15.63 -18.90 -24.95
CA PRO E 208 15.44 -18.35 -23.64
C PRO E 208 15.18 -19.43 -22.63
N ASP E 209 15.83 -19.26 -21.48
CA ASP E 209 15.81 -20.11 -20.30
C ASP E 209 15.10 -19.40 -19.19
N GLU E 210 14.84 -20.21 -18.19
CA GLU E 210 14.19 -19.81 -16.98
C GLU E 210 14.77 -18.50 -16.46
N ILE E 211 16.06 -18.41 -16.53
CA ILE E 211 16.73 -17.22 -16.07
C ILE E 211 16.30 -15.98 -16.82
N TYR E 212 16.48 -16.07 -18.12
CA TYR E 212 16.13 -14.96 -18.99
C TYR E 212 14.75 -14.41 -18.64
N VAL E 213 13.88 -15.37 -18.53
CA VAL E 213 12.54 -15.05 -18.22
C VAL E 213 12.45 -14.29 -16.94
N ARG E 214 13.03 -14.91 -15.94
CA ARG E 214 13.12 -14.31 -14.62
C ARG E 214 13.65 -12.88 -14.68
N THR E 215 14.78 -12.75 -15.29
CA THR E 215 15.40 -11.47 -15.47
C THR E 215 14.49 -10.47 -16.15
N VAL E 216 13.81 -10.97 -17.15
CA VAL E 216 12.97 -10.10 -17.91
C VAL E 216 11.88 -9.61 -17.03
N TYR E 217 11.38 -10.56 -16.29
CA TYR E 217 10.36 -10.23 -15.34
C TYR E 217 10.98 -9.31 -14.35
N ASN E 218 12.25 -9.48 -14.13
CA ASN E 218 12.81 -8.60 -13.16
C ASN E 218 12.94 -7.20 -13.65
N ILE E 219 13.47 -7.04 -14.83
CA ILE E 219 13.67 -5.71 -15.33
C ILE E 219 12.44 -4.92 -15.47
N PHE E 220 11.32 -5.61 -15.65
CA PHE E 220 10.01 -5.00 -15.91
C PHE E 220 8.95 -5.57 -14.97
N ARG F 4 -9.62 3.29 -58.12
CA ARG F 4 -10.29 3.58 -56.84
C ARG F 4 -10.12 2.43 -55.82
N PRO F 5 -9.31 2.69 -54.80
CA PRO F 5 -8.99 1.69 -53.83
C PRO F 5 -10.18 1.11 -53.14
N LYS F 6 -10.09 -0.23 -53.03
CA LYS F 6 -11.12 -1.00 -52.38
C LYS F 6 -10.63 -1.67 -51.10
N LEU F 7 -11.39 -1.34 -50.08
CA LEU F 7 -11.15 -1.77 -48.77
C LEU F 7 -12.01 -2.94 -48.38
N HIS F 8 -11.33 -4.00 -47.95
CA HIS F 8 -12.01 -5.15 -47.43
C HIS F 8 -11.97 -5.25 -45.92
N TYR F 9 -13.10 -5.31 -45.30
CA TYR F 9 -13.14 -5.34 -43.90
C TYR F 9 -14.56 -5.22 -43.47
N PRO F 10 -14.79 -5.60 -42.24
CA PRO F 10 -16.08 -5.47 -41.61
C PRO F 10 -16.39 -4.02 -41.58
N ASN F 11 -17.66 -3.75 -41.41
CA ASN F 11 -18.00 -2.37 -41.34
C ASN F 11 -17.81 -1.87 -39.92
N GLY F 12 -16.65 -1.31 -39.70
CA GLY F 12 -16.32 -0.75 -38.43
C GLY F 12 -14.90 -0.21 -38.54
N ARG F 13 -14.47 0.35 -37.43
CA ARG F 13 -13.15 0.95 -37.33
C ARG F 13 -12.01 -0.02 -37.50
N GLY F 14 -11.91 -0.89 -36.50
CA GLY F 14 -10.89 -1.92 -36.41
C GLY F 14 -9.54 -1.36 -36.67
N ARG F 15 -8.81 -2.15 -37.41
CA ARG F 15 -7.50 -1.71 -37.80
C ARG F 15 -7.49 -0.97 -39.10
N MET F 16 -8.56 -1.08 -39.88
CA MET F 16 -8.71 -0.44 -41.18
C MET F 16 -8.83 1.08 -41.07
N GLU F 17 -9.17 1.55 -39.88
CA GLU F 17 -9.35 2.94 -39.72
C GLU F 17 -8.23 3.82 -40.14
N SER F 18 -7.05 3.42 -39.78
CA SER F 18 -5.91 4.20 -40.11
C SER F 18 -5.75 4.23 -41.60
N VAL F 19 -6.28 3.25 -42.22
CA VAL F 19 -6.16 3.32 -43.65
C VAL F 19 -7.04 4.37 -44.26
N ARG F 20 -8.29 4.34 -43.81
CA ARG F 20 -9.23 5.36 -44.21
C ARG F 20 -8.66 6.72 -43.91
N TRP F 21 -8.09 6.85 -42.75
CA TRP F 21 -7.49 8.09 -42.38
C TRP F 21 -6.47 8.55 -43.37
N VAL F 22 -5.54 7.72 -43.70
CA VAL F 22 -4.54 8.19 -44.60
C VAL F 22 -5.09 8.49 -45.95
N LEU F 23 -5.91 7.58 -46.44
CA LEU F 23 -6.46 7.75 -47.76
C LEU F 23 -7.11 9.09 -47.89
N ALA F 24 -7.97 9.35 -46.89
CA ALA F 24 -8.72 10.59 -46.78
C ALA F 24 -7.84 11.82 -46.77
N ALA F 25 -6.82 11.76 -45.97
CA ALA F 25 -5.97 12.89 -45.83
C ALA F 25 -5.30 13.19 -47.12
N ALA F 26 -4.95 12.11 -47.83
CA ALA F 26 -4.30 12.17 -49.13
C ALA F 26 -5.35 12.64 -50.13
N GLY F 27 -6.55 12.82 -49.63
CA GLY F 27 -7.59 13.22 -50.50
C GLY F 27 -7.85 12.20 -51.60
N VAL F 28 -7.66 10.93 -51.26
CA VAL F 28 -7.95 9.83 -52.16
C VAL F 28 -9.29 9.20 -51.83
N GLU F 29 -10.16 9.15 -52.84
CA GLU F 29 -11.47 8.52 -52.67
C GLU F 29 -11.27 7.05 -52.85
N PHE F 30 -12.06 6.28 -52.12
CA PHE F 30 -11.89 4.84 -52.18
C PHE F 30 -13.18 4.19 -51.85
N ASP F 31 -13.28 2.89 -52.03
CA ASP F 31 -14.54 2.23 -51.73
C ASP F 31 -14.34 1.12 -50.77
N GLU F 32 -15.49 0.58 -50.33
CA GLU F 32 -15.51 -0.45 -49.32
C GLU F 32 -16.42 -1.61 -49.59
N GLU F 33 -15.90 -2.79 -49.27
CA GLU F 33 -16.60 -4.04 -49.37
C GLU F 33 -16.61 -4.67 -48.01
N PHE F 34 -17.76 -4.69 -47.41
CA PHE F 34 -17.85 -5.10 -46.05
C PHE F 34 -17.91 -6.54 -45.71
N LEU F 35 -17.10 -6.96 -44.79
CA LEU F 35 -17.41 -8.29 -44.36
C LEU F 35 -18.52 -8.27 -43.32
N GLU F 36 -19.46 -9.21 -43.45
CA GLU F 36 -20.53 -9.47 -42.44
C GLU F 36 -20.60 -10.94 -42.01
N THR F 37 -19.95 -11.84 -42.77
CA THR F 37 -19.97 -13.27 -42.48
C THR F 37 -18.68 -14.02 -42.69
N LYS F 38 -18.60 -15.10 -41.92
CA LYS F 38 -17.53 -16.06 -42.00
C LYS F 38 -17.35 -16.47 -43.46
N GLU F 39 -18.50 -16.72 -44.00
CA GLU F 39 -18.56 -17.13 -45.36
C GLU F 39 -18.04 -16.13 -46.39
N GLN F 40 -18.50 -14.90 -46.28
CA GLN F 40 -17.95 -13.90 -47.22
C GLN F 40 -16.43 -13.83 -47.12
N LEU F 41 -16.00 -14.08 -45.88
CA LEU F 41 -14.63 -14.14 -45.59
C LEU F 41 -14.03 -15.32 -46.34
N TYR F 42 -14.70 -16.47 -46.19
CA TYR F 42 -14.23 -17.64 -46.88
C TYR F 42 -14.01 -17.42 -48.32
N LYS F 43 -14.93 -16.77 -48.95
CA LYS F 43 -14.76 -16.64 -50.38
C LYS F 43 -13.58 -15.80 -50.73
N LEU F 44 -13.36 -14.94 -49.82
CA LEU F 44 -12.33 -14.01 -50.05
C LEU F 44 -11.03 -14.77 -50.01
N GLN F 45 -10.94 -15.59 -48.96
CA GLN F 45 -9.75 -16.35 -48.80
C GLN F 45 -9.71 -17.36 -49.86
N ASP F 46 -10.88 -18.00 -50.06
CA ASP F 46 -10.96 -19.01 -51.10
C ASP F 46 -10.47 -18.48 -52.44
N GLY F 47 -10.82 -17.26 -52.76
CA GLY F 47 -10.41 -16.76 -54.04
C GLY F 47 -8.92 -16.50 -54.12
N ASN F 48 -8.24 -16.58 -52.99
CA ASN F 48 -6.83 -16.29 -53.00
C ASN F 48 -6.55 -14.81 -53.07
N HIS F 49 -7.42 -14.06 -52.38
CA HIS F 49 -7.33 -12.62 -52.36
C HIS F 49 -6.53 -12.03 -51.22
N LEU F 50 -6.58 -12.74 -50.10
CA LEU F 50 -5.91 -12.36 -48.92
C LEU F 50 -4.60 -13.10 -48.85
N LEU F 51 -3.51 -12.41 -49.18
CA LEU F 51 -2.18 -13.00 -49.16
C LEU F 51 -1.92 -13.91 -48.01
N PHE F 52 -2.39 -13.53 -46.82
CA PHE F 52 -2.11 -14.34 -45.62
C PHE F 52 -3.36 -14.69 -44.85
N GLN F 53 -4.48 -14.68 -45.60
CA GLN F 53 -5.74 -15.18 -45.17
C GLN F 53 -6.44 -14.26 -44.30
N GLN F 54 -5.99 -13.02 -44.27
CA GLN F 54 -6.65 -12.10 -43.37
C GLN F 54 -6.82 -10.75 -43.94
N VAL F 55 -7.67 -9.94 -43.24
CA VAL F 55 -7.91 -8.51 -43.54
C VAL F 55 -7.30 -7.66 -42.44
N PRO F 56 -6.95 -6.43 -42.68
CA PRO F 56 -7.16 -5.69 -43.85
C PRO F 56 -6.56 -6.18 -45.10
N MET F 57 -7.37 -6.02 -46.12
CA MET F 57 -6.88 -6.17 -47.44
C MET F 57 -7.34 -4.97 -48.19
N VAL F 58 -6.44 -4.47 -49.00
CA VAL F 58 -6.74 -3.34 -49.82
C VAL F 58 -6.21 -3.50 -51.21
N GLU F 59 -7.16 -3.32 -52.10
CA GLU F 59 -6.90 -3.40 -53.53
C GLU F 59 -6.54 -2.05 -54.01
N ILE F 60 -5.30 -1.97 -54.39
CA ILE F 60 -4.84 -0.70 -54.81
C ILE F 60 -3.77 -0.85 -55.82
N ASP F 61 -3.87 -0.04 -56.84
CA ASP F 61 -2.85 -0.05 -57.90
C ASP F 61 -2.58 -1.41 -58.47
N GLY F 62 -3.71 -2.12 -58.59
CA GLY F 62 -3.76 -3.47 -59.09
C GLY F 62 -3.12 -4.49 -58.15
N MET F 63 -3.03 -4.12 -56.86
CA MET F 63 -2.46 -5.00 -55.90
C MET F 63 -3.46 -5.35 -54.85
N LYS F 64 -3.17 -6.40 -54.09
CA LYS F 64 -4.06 -6.68 -53.01
C LYS F 64 -3.28 -6.56 -51.74
N LEU F 65 -3.18 -5.35 -51.25
CA LEU F 65 -2.35 -5.25 -50.10
C LEU F 65 -2.95 -5.73 -48.83
N VAL F 66 -2.08 -6.38 -48.06
CA VAL F 66 -2.36 -6.88 -46.72
C VAL F 66 -1.29 -6.40 -45.74
N GLN F 67 -1.59 -6.33 -44.43
CA GLN F 67 -0.66 -5.83 -43.42
C GLN F 67 -0.74 -4.35 -43.37
N THR F 68 -1.42 -3.94 -42.39
CA THR F 68 -1.72 -2.56 -42.17
C THR F 68 -0.53 -1.64 -42.28
N ARG F 69 0.51 -1.95 -41.52
CA ARG F 69 1.68 -1.13 -41.64
C ARG F 69 2.20 -1.10 -43.09
N SER F 70 2.10 -2.24 -43.71
CA SER F 70 2.55 -2.42 -45.04
C SER F 70 1.83 -1.53 -46.01
N ILE F 71 0.54 -1.51 -45.80
CA ILE F 71 -0.33 -0.72 -46.62
C ILE F 71 -0.09 0.76 -46.43
N LEU F 72 -0.07 1.16 -45.16
CA LEU F 72 0.14 2.55 -44.89
C LEU F 72 1.41 3.02 -45.47
N HIS F 73 2.44 2.19 -45.39
CA HIS F 73 3.69 2.63 -45.98
C HIS F 73 3.54 2.82 -47.48
N TYR F 74 2.74 1.97 -48.12
CA TYR F 74 2.58 2.10 -49.55
C TYR F 74 2.00 3.44 -49.89
N ILE F 75 0.78 3.64 -49.40
CA ILE F 75 0.12 4.86 -49.64
C ILE F 75 0.94 6.09 -49.30
N ALA F 76 1.63 6.04 -48.18
CA ALA F 76 2.47 7.16 -47.81
C ALA F 76 3.45 7.41 -48.91
N ASP F 77 4.06 6.35 -49.36
CA ASP F 77 5.03 6.49 -50.40
C ASP F 77 4.42 6.92 -51.69
N LYS F 78 3.20 6.51 -51.93
CA LYS F 78 2.57 7.00 -53.12
C LYS F 78 2.15 8.46 -52.98
N HIS F 79 2.11 9.04 -51.78
CA HIS F 79 1.64 10.39 -51.71
C HIS F 79 2.42 11.33 -50.85
N ASN F 80 3.73 11.20 -50.82
CA ASN F 80 4.46 12.18 -50.06
C ASN F 80 4.08 12.37 -48.60
N LEU F 81 3.75 11.29 -47.95
CA LEU F 81 3.44 11.34 -46.56
C LEU F 81 4.55 10.70 -45.82
N PHE F 82 5.58 10.31 -46.57
CA PHE F 82 6.71 9.60 -45.99
C PHE F 82 8.03 10.38 -45.91
N GLY F 83 7.94 11.70 -45.98
CA GLY F 83 9.15 12.48 -45.88
C GLY F 83 9.91 12.65 -47.19
N LYS F 84 11.16 13.12 -47.08
CA LYS F 84 12.03 13.43 -48.22
C LYS F 84 13.43 12.87 -48.09
N ASN F 85 13.63 12.11 -47.03
CA ASN F 85 14.88 11.41 -46.94
C ASN F 85 14.93 10.34 -45.87
N LEU F 86 16.05 9.66 -45.80
CA LEU F 86 16.14 8.61 -44.85
C LEU F 86 15.93 9.07 -43.42
N LYS F 87 16.59 10.16 -43.06
CA LYS F 87 16.48 10.67 -41.71
C LYS F 87 15.07 11.02 -41.38
N GLU F 88 14.45 11.72 -42.34
CA GLU F 88 13.05 12.04 -42.20
C GLU F 88 12.27 10.76 -42.00
N ARG F 89 12.35 9.95 -43.02
CA ARG F 89 11.69 8.66 -43.12
C ARG F 89 11.81 7.87 -41.87
N THR F 90 13.04 7.83 -41.44
CA THR F 90 13.31 7.11 -40.25
C THR F 90 12.50 7.55 -39.01
N LEU F 91 12.33 8.86 -38.86
CA LEU F 91 11.60 9.41 -37.75
C LEU F 91 10.16 9.09 -37.85
N ILE F 92 9.67 9.37 -39.02
CA ILE F 92 8.29 9.15 -39.28
C ILE F 92 7.90 7.75 -38.91
N ASP F 93 8.81 6.88 -39.31
CA ASP F 93 8.64 5.51 -39.05
C ASP F 93 8.50 5.20 -37.53
N MET F 94 9.51 5.61 -36.80
CA MET F 94 9.43 5.38 -35.41
C MET F 94 8.26 6.03 -34.78
N TYR F 95 7.95 7.23 -35.16
CA TYR F 95 6.78 7.87 -34.57
C TYR F 95 5.56 7.07 -34.82
N VAL F 96 5.49 6.62 -36.04
CA VAL F 96 4.37 5.80 -36.39
C VAL F 96 4.24 4.50 -35.60
N GLU F 97 5.33 3.75 -35.55
CA GLU F 97 5.30 2.51 -34.81
C GLU F 97 4.88 2.75 -33.34
N GLY F 98 5.55 3.74 -32.73
CA GLY F 98 5.20 4.03 -31.36
C GLY F 98 3.70 4.36 -31.23
N THR F 99 3.22 5.17 -32.11
CA THR F 99 1.83 5.54 -31.95
C THR F 99 0.87 4.37 -32.06
N LEU F 100 1.17 3.57 -33.02
CA LEU F 100 0.42 2.40 -33.28
C LEU F 100 0.34 1.54 -32.02
N ASP F 101 1.41 1.61 -31.26
CA ASP F 101 1.40 0.86 -30.03
C ASP F 101 0.37 1.37 -29.03
N LEU F 102 0.17 2.64 -29.02
CA LEU F 102 -0.79 3.23 -28.16
C LEU F 102 -2.17 3.00 -28.74
N LEU F 103 -2.30 3.22 -30.04
CA LEU F 103 -3.57 3.05 -30.68
C LEU F 103 -4.19 1.70 -30.42
N GLU F 104 -3.32 0.80 -30.22
CA GLU F 104 -3.72 -0.55 -30.01
C GLU F 104 -4.65 -0.77 -28.86
N LEU F 105 -4.35 -0.06 -27.83
CA LEU F 105 -5.15 -0.15 -26.68
C LEU F 105 -6.58 0.16 -27.00
N LEU F 106 -6.71 1.04 -27.93
CA LEU F 106 -8.01 1.47 -28.37
C LEU F 106 -8.65 0.37 -29.13
N ILE F 107 -7.82 -0.17 -29.97
CA ILE F 107 -8.21 -1.26 -30.82
C ILE F 107 -8.68 -2.47 -30.05
N MET F 108 -8.02 -2.78 -28.94
CA MET F 108 -8.37 -3.97 -28.23
C MET F 108 -9.54 -3.79 -27.31
N HIS F 109 -9.69 -2.55 -26.95
CA HIS F 109 -10.62 -2.13 -25.97
C HIS F 109 -11.98 -2.79 -25.96
N PRO F 110 -12.67 -2.67 -27.07
CA PRO F 110 -13.99 -3.23 -27.25
C PRO F 110 -14.09 -4.69 -26.98
N PHE F 111 -13.01 -5.40 -27.06
CA PHE F 111 -13.18 -6.82 -26.82
C PHE F 111 -12.81 -7.25 -25.41
N LEU F 112 -12.89 -6.31 -24.51
CA LEU F 112 -12.49 -6.52 -23.15
C LEU F 112 -13.68 -6.87 -22.36
N LYS F 113 -13.39 -7.48 -21.24
CA LYS F 113 -14.42 -7.83 -20.31
C LYS F 113 -14.72 -6.56 -19.59
N PRO F 114 -15.82 -5.98 -19.97
CA PRO F 114 -16.42 -4.75 -19.46
C PRO F 114 -15.82 -4.22 -18.17
N ASP F 115 -15.52 -5.17 -17.31
CA ASP F 115 -14.88 -4.89 -16.06
C ASP F 115 -13.45 -4.34 -16.27
N ASP F 116 -12.75 -4.98 -17.20
CA ASP F 116 -11.40 -4.61 -17.56
C ASP F 116 -11.37 -3.40 -18.41
N GLN F 117 -12.50 -3.16 -19.06
CA GLN F 117 -12.57 -2.03 -19.92
C GLN F 117 -12.22 -0.75 -19.21
N GLN F 118 -12.67 -0.68 -17.97
CA GLN F 118 -12.37 0.50 -17.24
C GLN F 118 -10.96 0.71 -16.84
N LYS F 119 -10.39 -0.33 -16.28
CA LYS F 119 -9.01 -0.30 -15.85
C LYS F 119 -8.16 0.20 -17.00
N GLU F 120 -8.49 -0.37 -18.11
CA GLU F 120 -7.84 -0.10 -19.34
C GLU F 120 -7.87 1.31 -19.85
N VAL F 121 -8.95 2.00 -19.60
CA VAL F 121 -9.00 3.35 -19.98
C VAL F 121 -8.00 4.15 -19.21
N VAL F 122 -8.07 3.90 -17.92
CA VAL F 122 -7.09 4.53 -17.06
C VAL F 122 -5.67 4.26 -17.60
N ASN F 123 -5.43 3.01 -18.00
CA ASN F 123 -4.12 2.77 -18.51
C ASN F 123 -3.72 3.57 -19.77
N MET F 124 -4.66 3.73 -20.71
CA MET F 124 -4.36 4.50 -21.91
C MET F 124 -3.92 5.86 -21.49
N ALA F 125 -4.73 6.36 -20.57
CA ALA F 125 -4.49 7.70 -20.10
C ALA F 125 -3.09 7.84 -19.60
N GLN F 126 -2.68 6.89 -18.79
CA GLN F 126 -1.37 7.01 -18.33
C GLN F 126 -0.31 6.88 -19.43
N LYS F 127 -0.41 5.89 -20.27
CA LYS F 127 0.63 5.79 -21.28
C LYS F 127 0.68 7.01 -22.14
N ALA F 128 -0.49 7.51 -22.49
CA ALA F 128 -0.47 8.61 -23.38
C ALA F 128 0.28 9.77 -22.79
N ILE F 129 -0.14 10.04 -21.56
CA ILE F 129 0.34 11.16 -20.80
C ILE F 129 1.77 11.02 -20.47
N ILE F 130 2.09 9.82 -20.16
CA ILE F 130 3.44 9.58 -19.72
C ILE F 130 4.45 9.22 -20.78
N ARG F 131 4.10 8.28 -21.63
CA ARG F 131 4.99 7.78 -22.62
C ARG F 131 5.09 8.50 -23.94
N TYR F 132 3.93 8.85 -24.52
CA TYR F 132 3.83 9.43 -25.84
C TYR F 132 3.72 10.94 -25.99
N PHE F 133 2.58 11.49 -25.55
CA PHE F 133 2.30 12.92 -25.67
C PHE F 133 3.51 13.82 -25.38
N PRO F 134 4.23 13.44 -24.39
CA PRO F 134 5.37 14.23 -24.06
C PRO F 134 6.43 14.32 -25.15
N VAL F 135 6.64 13.22 -25.85
CA VAL F 135 7.64 13.13 -26.87
C VAL F 135 7.28 14.10 -27.98
N PHE F 136 6.03 13.98 -28.35
CA PHE F 136 5.55 14.81 -29.39
C PHE F 136 5.53 16.28 -29.05
N GLU F 137 5.03 16.59 -27.85
CA GLU F 137 4.96 17.97 -27.38
C GLU F 137 6.34 18.60 -27.54
N LYS F 138 7.30 17.93 -26.99
CA LYS F 138 8.67 18.38 -27.09
C LYS F 138 9.12 18.64 -28.52
N ILE F 139 8.91 17.71 -29.39
CA ILE F 139 9.30 17.81 -30.79
C ILE F 139 8.76 19.07 -31.39
N LEU F 140 7.47 19.22 -31.17
CA LEU F 140 6.75 20.32 -31.72
C LEU F 140 7.26 21.62 -31.17
N ARG F 141 7.44 21.55 -29.86
CA ARG F 141 7.80 22.68 -29.07
C ARG F 141 9.14 23.14 -29.48
N GLY F 142 9.93 22.20 -29.86
CA GLY F 142 11.25 22.59 -30.21
C GLY F 142 11.49 22.99 -31.66
N HIS F 143 10.48 23.04 -32.55
CA HIS F 143 10.84 23.41 -33.92
C HIS F 143 9.86 24.39 -34.44
N GLY F 144 8.84 24.51 -33.63
CA GLY F 144 7.79 25.43 -33.89
C GLY F 144 6.96 25.16 -35.10
N GLN F 145 7.25 24.09 -35.89
CA GLN F 145 6.46 23.80 -37.08
C GLN F 145 5.14 23.08 -36.87
N SER F 146 4.30 23.09 -37.89
CA SER F 146 2.98 22.52 -37.71
C SER F 146 2.90 21.04 -38.03
N PHE F 147 4.07 20.46 -38.26
CA PHE F 147 4.22 19.08 -38.61
C PHE F 147 5.28 18.48 -37.77
N LEU F 148 5.15 17.20 -37.54
CA LEU F 148 6.10 16.53 -36.72
C LEU F 148 7.47 16.50 -37.35
N VAL F 149 7.42 16.21 -38.65
CA VAL F 149 8.62 16.01 -39.42
C VAL F 149 8.64 16.75 -40.76
N GLY F 150 9.78 17.44 -40.99
CA GLY F 150 10.05 18.17 -42.23
C GLY F 150 9.03 19.22 -42.74
N ASN F 151 8.37 19.88 -41.84
CA ASN F 151 7.44 20.92 -42.19
C ASN F 151 6.42 20.51 -43.18
N GLN F 152 6.17 19.25 -43.25
CA GLN F 152 5.09 18.84 -44.10
C GLN F 152 4.32 17.67 -43.49
N LEU F 153 3.07 17.58 -43.88
CA LEU F 153 2.26 16.47 -43.44
C LEU F 153 2.89 15.16 -43.85
N SER F 154 2.89 14.27 -42.89
CA SER F 154 3.41 12.95 -43.01
C SER F 154 2.45 11.97 -42.35
N LEU F 155 2.82 10.75 -42.53
CA LEU F 155 2.07 9.67 -42.00
C LEU F 155 2.01 9.76 -40.51
N ALA F 156 3.15 10.18 -39.89
CA ALA F 156 3.19 10.29 -38.43
C ALA F 156 2.11 11.20 -37.89
N ASP F 157 1.87 12.31 -38.61
CA ASP F 157 0.88 13.26 -38.23
C ASP F 157 -0.50 12.64 -38.32
N VAL F 158 -0.76 11.93 -39.36
CA VAL F 158 -2.10 11.36 -39.44
C VAL F 158 -2.43 10.32 -38.36
N ILE F 159 -1.49 9.48 -38.07
CA ILE F 159 -1.73 8.45 -37.08
C ILE F 159 -1.89 9.09 -35.71
N LEU F 160 -1.00 10.04 -35.48
CA LEU F 160 -1.05 10.76 -34.23
C LEU F 160 -2.39 11.42 -34.04
N LEU F 161 -2.83 12.12 -35.07
CA LEU F 161 -4.11 12.75 -35.03
C LEU F 161 -5.22 11.75 -34.73
N GLN F 162 -5.22 10.72 -35.53
CA GLN F 162 -6.19 9.68 -35.42
C GLN F 162 -6.39 9.20 -34.00
N THR F 163 -5.27 8.90 -33.44
CA THR F 163 -5.16 8.37 -32.12
C THR F 163 -5.58 9.36 -31.06
N ILE F 164 -5.04 10.52 -31.16
CA ILE F 164 -5.37 11.53 -30.18
C ILE F 164 -6.87 11.75 -30.11
N LEU F 165 -7.47 11.80 -31.27
CA LEU F 165 -8.89 12.01 -31.21
C LEU F 165 -9.64 10.91 -30.57
N ALA F 166 -9.21 9.74 -30.94
CA ALA F 166 -9.78 8.51 -30.48
C ALA F 166 -9.67 8.44 -28.98
N LEU F 167 -8.53 8.91 -28.53
CA LEU F 167 -8.34 8.88 -27.11
C LEU F 167 -9.24 9.88 -26.45
N GLU F 168 -9.35 11.04 -27.09
CA GLU F 168 -10.20 12.06 -26.54
C GLU F 168 -11.61 11.62 -26.51
N GLU F 169 -11.93 10.68 -27.36
CA GLU F 169 -13.29 10.24 -27.25
C GLU F 169 -13.45 9.56 -25.89
N LYS F 170 -12.43 8.93 -25.37
CA LYS F 170 -12.61 8.27 -24.09
C LYS F 170 -12.19 9.17 -22.91
N ILE F 171 -11.18 10.00 -23.13
CA ILE F 171 -10.65 10.89 -22.10
C ILE F 171 -10.40 12.23 -22.72
N PRO F 172 -11.49 12.88 -22.70
CA PRO F 172 -11.79 14.12 -23.31
C PRO F 172 -10.81 15.22 -23.05
N ASN F 173 -10.17 15.18 -21.89
CA ASN F 173 -9.20 16.19 -21.47
C ASN F 173 -7.76 15.72 -21.53
N ILE F 174 -7.52 14.56 -22.09
CA ILE F 174 -6.18 14.02 -22.15
C ILE F 174 -5.09 15.01 -22.65
N LEU F 175 -5.50 15.89 -23.53
CA LEU F 175 -4.61 16.87 -24.09
C LEU F 175 -4.22 18.06 -23.25
N SER F 176 -5.09 18.36 -22.29
CA SER F 176 -4.99 19.42 -21.29
C SER F 176 -3.57 19.88 -21.04
N ALA F 177 -2.71 18.97 -20.62
CA ALA F 177 -1.37 19.43 -20.36
C ALA F 177 -0.49 19.59 -21.59
N PHE F 178 -1.08 19.56 -22.80
CA PHE F 178 -0.26 19.59 -23.99
C PHE F 178 -0.73 20.53 -25.09
N PRO F 179 -0.69 21.77 -24.68
CA PRO F 179 -0.95 22.98 -25.42
C PRO F 179 -0.36 22.93 -26.82
N PHE F 180 0.90 22.45 -26.99
CA PHE F 180 1.37 22.27 -28.35
C PHE F 180 0.54 21.22 -29.07
N LEU F 181 0.43 20.06 -28.48
CA LEU F 181 -0.39 19.03 -29.04
C LEU F 181 -1.80 19.58 -29.31
N GLN F 182 -2.29 20.43 -28.43
CA GLN F 182 -3.61 20.97 -28.71
C GLN F 182 -3.65 21.81 -29.98
N GLU F 183 -2.67 22.69 -30.07
CA GLU F 183 -2.65 23.51 -31.24
C GLU F 183 -2.53 22.72 -32.52
N TYR F 184 -1.47 21.89 -32.57
CA TYR F 184 -1.18 20.97 -33.67
C TYR F 184 -2.48 20.25 -34.13
N THR F 185 -3.16 19.66 -33.14
CA THR F 185 -4.37 18.96 -33.42
C THR F 185 -5.39 19.82 -34.11
N VAL F 186 -5.49 21.00 -33.63
CA VAL F 186 -6.47 21.86 -34.25
C VAL F 186 -6.19 22.16 -35.69
N LYS F 187 -4.99 22.67 -35.89
CA LYS F 187 -4.59 22.96 -37.24
C LYS F 187 -4.74 21.80 -38.23
N LEU F 188 -4.22 20.65 -37.82
CA LEU F 188 -4.32 19.50 -38.67
C LEU F 188 -5.77 19.30 -39.02
N SER F 189 -6.60 19.37 -37.99
CA SER F 189 -7.97 19.05 -38.28
C SER F 189 -8.58 20.01 -39.24
N ASN F 190 -7.85 21.11 -39.42
CA ASN F 190 -8.31 22.12 -40.35
C ASN F 190 -7.98 21.89 -41.78
N ILE F 191 -6.99 21.04 -42.02
CA ILE F 191 -6.67 20.61 -43.36
C ILE F 191 -7.90 19.96 -43.97
N PRO F 192 -8.22 20.58 -45.04
CA PRO F 192 -9.42 20.43 -45.79
C PRO F 192 -9.89 19.02 -45.94
N THR F 193 -8.98 18.15 -46.45
CA THR F 193 -9.24 16.72 -46.63
C THR F 193 -9.80 16.16 -45.34
N ILE F 194 -8.98 16.41 -44.32
CA ILE F 194 -9.22 16.01 -42.97
C ILE F 194 -10.48 16.62 -42.48
N LYS F 195 -10.53 17.93 -42.68
CA LYS F 195 -11.67 18.67 -42.23
C LYS F 195 -12.92 17.97 -42.73
N ARG F 196 -12.85 17.53 -43.99
CA ARG F 196 -13.98 16.85 -44.56
C ARG F 196 -14.23 15.53 -43.93
N PHE F 197 -13.13 14.80 -43.79
CA PHE F 197 -13.15 13.46 -43.25
C PHE F 197 -13.81 13.53 -41.89
N LEU F 198 -13.53 14.63 -41.23
CA LEU F 198 -14.09 14.78 -39.93
C LEU F 198 -15.54 15.14 -39.95
N GLU F 199 -15.92 15.83 -41.02
CA GLU F 199 -17.28 16.25 -41.26
C GLU F 199 -18.14 15.02 -41.54
N PRO F 200 -19.44 15.23 -41.77
CA PRO F 200 -20.35 14.14 -42.02
C PRO F 200 -20.34 13.62 -43.42
N GLY F 201 -20.78 12.35 -43.49
CA GLY F 201 -20.82 11.58 -44.73
C GLY F 201 -19.42 11.20 -45.24
N SER F 202 -18.48 10.98 -44.30
CA SER F 202 -17.12 10.57 -44.60
C SER F 202 -17.09 9.08 -44.41
N LYS F 203 -16.02 8.41 -44.90
CA LYS F 203 -15.97 6.97 -44.72
C LYS F 203 -15.44 6.62 -43.32
N LYS F 204 -15.19 7.69 -42.58
CA LYS F 204 -14.76 7.65 -41.21
C LYS F 204 -15.78 6.89 -40.36
N LYS F 205 -15.36 5.77 -39.84
CA LYS F 205 -16.18 4.94 -38.98
C LYS F 205 -16.21 5.42 -37.53
N PRO F 206 -17.23 4.99 -36.85
CA PRO F 206 -17.50 5.32 -35.47
C PRO F 206 -17.00 4.28 -34.52
N PRO F 207 -17.16 4.65 -33.29
CA PRO F 207 -16.69 3.80 -32.29
C PRO F 207 -17.61 2.65 -32.34
N PRO F 208 -16.95 1.51 -32.27
CA PRO F 208 -17.52 0.21 -32.36
C PRO F 208 -18.54 -0.01 -31.27
N ASP F 209 -19.65 -0.62 -31.69
CA ASP F 209 -20.81 -0.98 -30.92
C ASP F 209 -20.88 -2.48 -30.77
N GLU F 210 -21.78 -2.83 -29.90
CA GLU F 210 -22.07 -4.19 -29.56
C GLU F 210 -22.21 -5.06 -30.82
N ILE F 211 -22.86 -4.49 -31.78
CA ILE F 211 -23.06 -5.18 -33.02
C ILE F 211 -21.76 -5.55 -33.71
N TYR F 212 -20.99 -4.50 -33.95
CA TYR F 212 -19.70 -4.67 -34.62
C TYR F 212 -18.91 -5.82 -33.98
N VAL F 213 -18.91 -5.75 -32.69
CA VAL F 213 -18.22 -6.71 -31.95
C VAL F 213 -18.74 -8.09 -32.24
N ARG F 214 -20.04 -8.18 -32.07
CA ARG F 214 -20.75 -9.41 -32.38
C ARG F 214 -20.40 -9.94 -33.77
N THR F 215 -20.56 -9.09 -34.73
CA THR F 215 -20.24 -9.42 -36.08
C THR F 215 -18.82 -9.90 -36.25
N VAL F 216 -17.94 -9.21 -35.56
CA VAL F 216 -16.55 -9.54 -35.70
C VAL F 216 -16.34 -10.90 -35.16
N TYR F 217 -16.97 -11.10 -34.04
CA TYR F 217 -16.91 -12.40 -33.43
C TYR F 217 -17.56 -13.35 -34.39
N ASN F 218 -18.52 -12.85 -35.12
CA ASN F 218 -19.14 -13.79 -36.00
C ASN F 218 -18.27 -14.18 -37.14
N ILE F 219 -17.68 -13.21 -37.78
CA ILE F 219 -16.87 -13.50 -38.94
C ILE F 219 -15.73 -14.39 -38.65
N PHE F 220 -15.27 -14.36 -37.40
CA PHE F 220 -14.07 -15.10 -36.97
C PHE F 220 -14.35 -15.90 -35.69
N ARG G 4 -5.90 12.02 26.15
CA ARG G 4 -6.18 11.16 24.98
C ARG G 4 -7.19 11.81 24.00
N PRO G 5 -6.69 12.23 22.86
CA PRO G 5 -7.51 12.92 21.92
C PRO G 5 -8.70 12.16 21.46
N LYS G 6 -9.80 12.93 21.41
CA LYS G 6 -11.06 12.40 20.98
C LYS G 6 -11.55 13.02 19.68
N LEU G 7 -11.81 12.11 18.78
CA LEU G 7 -12.22 12.40 17.47
C LEU G 7 -13.70 12.25 17.29
N HIS G 8 -14.30 13.34 16.82
CA HIS G 8 -15.70 13.32 16.47
C HIS G 8 -15.96 13.24 14.98
N TYR G 9 -16.68 12.25 14.57
CA TYR G 9 -16.92 12.09 13.18
C TYR G 9 -17.60 10.78 12.99
N PRO G 10 -18.20 10.65 11.84
CA PRO G 10 -18.84 9.43 11.42
C PRO G 10 -17.78 8.40 11.36
N ASN G 11 -18.22 7.17 11.38
CA ASN G 11 -17.23 6.16 11.29
C ASN G 11 -16.92 5.89 9.84
N GLY G 12 -15.87 6.54 9.40
CA GLY G 12 -15.40 6.40 8.05
C GLY G 12 -14.21 7.31 7.91
N ARG G 13 -13.64 7.25 6.71
CA ARG G 13 -12.46 8.03 6.37
C ARG G 13 -12.69 9.53 6.40
N GLY G 14 -13.51 9.97 5.46
CA GLY G 14 -13.85 11.35 5.25
C GLY G 14 -12.65 12.23 5.26
N ARG G 15 -12.84 13.34 5.92
CA ARG G 15 -11.75 14.25 6.07
C ARG G 15 -10.94 14.00 7.31
N MET G 16 -11.49 13.25 8.26
CA MET G 16 -10.84 12.93 9.52
C MET G 16 -9.63 12.01 9.36
N GLU G 17 -9.57 11.34 8.21
CA GLU G 17 -8.50 10.43 8.00
C GLU G 17 -7.13 10.97 8.19
N SER G 18 -6.91 12.13 7.65
CA SER G 18 -5.62 12.71 7.75
C SER G 18 -5.30 12.99 9.18
N VAL G 19 -6.33 13.13 9.95
CA VAL G 19 -6.02 13.35 11.33
C VAL G 19 -5.51 12.12 12.02
N ARG G 20 -6.22 11.04 11.78
CA ARG G 20 -5.80 9.74 12.26
C ARG G 20 -4.39 9.48 11.81
N TRP G 21 -4.15 9.75 10.56
CA TRP G 21 -2.84 9.57 10.03
C TRP G 21 -1.78 10.28 10.81
N VAL G 22 -1.97 11.54 11.03
CA VAL G 22 -0.93 12.23 11.74
C VAL G 22 -0.78 11.76 13.14
N LEU G 23 -1.92 11.60 13.80
CA LEU G 23 -1.87 11.19 15.18
C LEU G 23 -1.06 9.95 15.33
N ALA G 24 -1.42 8.98 14.47
CA ALA G 24 -0.77 7.68 14.42
C ALA G 24 0.72 7.77 14.20
N ALA G 25 1.10 8.57 13.24
CA ALA G 25 2.47 8.67 12.91
C ALA G 25 3.25 9.22 14.05
N ALA G 26 2.60 10.16 14.76
CA ALA G 26 3.16 10.82 15.93
C ALA G 26 3.16 9.80 17.06
N GLY G 27 2.62 8.64 16.74
CA GLY G 27 2.53 7.64 17.75
C GLY G 27 1.69 8.08 18.94
N VAL G 28 0.66 8.88 18.65
CA VAL G 28 -0.29 9.31 19.63
C VAL G 28 -1.56 8.49 19.56
N GLU G 29 -1.92 7.89 20.70
CA GLU G 29 -3.15 7.10 20.78
C GLU G 29 -4.28 8.07 21.02
N PHE G 30 -5.43 7.73 20.46
CA PHE G 30 -6.55 8.65 20.58
C PHE G 30 -7.80 7.86 20.49
N ASP G 31 -8.94 8.49 20.76
CA ASP G 31 -10.19 7.75 20.71
C ASP G 31 -11.15 8.39 19.78
N GLU G 32 -12.25 7.67 19.57
CA GLU G 32 -13.27 8.09 18.65
C GLU G 32 -14.70 7.97 19.13
N GLU G 33 -15.46 9.00 18.79
CA GLU G 33 -16.87 9.07 19.08
C GLU G 33 -17.59 9.25 17.77
N PHE G 34 -18.28 8.22 17.37
CA PHE G 34 -18.85 8.23 16.06
C PHE G 34 -20.14 8.89 15.82
N LEU G 35 -20.21 9.70 14.80
CA LEU G 35 -21.56 10.10 14.51
C LEU G 35 -22.24 9.05 13.66
N GLU G 36 -23.52 8.76 13.99
CA GLU G 36 -24.41 7.89 13.19
C GLU G 36 -25.75 8.57 12.85
N THR G 37 -26.08 9.67 13.55
CA THR G 37 -27.34 10.38 13.35
C THR G 37 -27.28 11.89 13.38
N LYS G 38 -28.25 12.44 12.67
CA LYS G 38 -28.49 13.87 12.65
C LYS G 38 -28.56 14.38 14.06
N GLU G 39 -29.30 13.61 14.81
CA GLU G 39 -29.49 13.92 16.17
C GLU G 39 -28.24 13.94 17.04
N GLN G 40 -27.44 12.89 16.95
CA GLN G 40 -26.19 12.93 17.72
C GLN G 40 -25.36 14.17 17.38
N LEU G 41 -25.52 14.51 16.10
CA LEU G 41 -24.90 15.67 15.60
C LEU G 41 -25.49 16.87 16.30
N TYR G 42 -26.83 16.92 16.33
CA TYR G 42 -27.49 18.00 16.99
C TYR G 42 -27.00 18.23 18.38
N LYS G 43 -26.84 17.17 19.11
CA LYS G 43 -26.45 17.40 20.49
C LYS G 43 -25.09 17.99 20.58
N LEU G 44 -24.36 17.62 19.61
CA LEU G 44 -23.01 18.02 19.61
C LEU G 44 -22.99 19.52 19.39
N GLN G 45 -23.78 19.91 18.41
CA GLN G 45 -23.83 21.29 18.10
C GLN G 45 -24.53 21.97 19.19
N ASP G 46 -25.64 21.36 19.60
CA ASP G 46 -26.41 21.94 20.70
C ASP G 46 -25.52 22.21 21.92
N GLY G 47 -24.62 21.30 22.22
CA GLY G 47 -23.82 21.53 23.38
C GLY G 47 -22.82 22.65 23.21
N ASN G 48 -22.69 23.14 21.99
CA ASN G 48 -21.72 24.17 21.75
C ASN G 48 -20.32 23.64 21.69
N HIS G 49 -20.21 22.44 21.12
CA HIS G 49 -18.96 21.74 21.00
C HIS G 49 -18.20 21.98 19.71
N LEU G 50 -18.97 22.20 18.66
CA LEU G 50 -18.46 22.43 17.36
C LEU G 50 -18.42 23.91 17.12
N LEU G 51 -17.24 24.50 17.23
CA LEU G 51 -17.05 25.93 17.03
C LEU G 51 -17.84 26.50 15.90
N PHE G 52 -17.93 25.79 14.79
CA PHE G 52 -18.63 26.31 13.62
C PHE G 52 -19.66 25.35 13.08
N GLN G 53 -20.13 24.50 14.00
CA GLN G 53 -21.26 23.66 13.80
C GLN G 53 -20.96 22.49 13.01
N GLN G 54 -19.68 22.21 12.83
CA GLN G 54 -19.36 21.06 12.00
C GLN G 54 -18.23 20.27 12.51
N VAL G 55 -18.07 19.06 11.92
CA VAL G 55 -16.95 18.12 12.17
C VAL G 55 -16.06 18.07 10.93
N PRO G 56 -14.82 17.74 11.05
CA PRO G 56 -14.13 17.29 12.20
C PRO G 56 -14.07 18.20 13.35
N MET G 57 -14.22 17.53 14.48
CA MET G 57 -13.92 18.18 15.71
C MET G 57 -13.03 17.24 16.46
N VAL G 58 -12.05 17.82 17.08
CA VAL G 58 -11.13 17.05 17.88
C VAL G 58 -10.80 17.73 19.17
N GLU G 59 -11.03 16.94 20.19
CA GLU G 59 -10.78 17.35 21.56
C GLU G 59 -9.38 17.00 21.90
N ILE G 60 -8.61 18.03 22.07
CA ILE G 60 -7.25 17.80 22.34
C ILE G 60 -6.70 18.89 23.17
N ASP G 61 -5.93 18.47 24.15
CA ASP G 61 -5.27 19.45 25.02
C ASP G 61 -6.21 20.47 25.62
N GLY G 62 -7.38 19.90 25.96
CA GLY G 62 -8.47 20.63 26.54
C GLY G 62 -9.13 21.61 25.56
N MET G 63 -8.94 21.35 24.26
CA MET G 63 -9.53 22.19 23.27
C MET G 63 -10.48 21.42 22.41
N LYS G 64 -11.31 22.14 21.69
CA LYS G 64 -12.15 21.41 20.77
C LYS G 64 -11.82 21.87 19.40
N LEU G 65 -10.80 21.26 18.82
CA LEU G 65 -10.44 21.79 17.55
C LEU G 65 -11.34 21.40 16.42
N VAL G 66 -11.54 22.39 15.57
CA VAL G 66 -12.29 22.28 14.31
C VAL G 66 -11.45 22.82 13.15
N GLN G 67 -11.73 22.39 11.90
CA GLN G 67 -10.97 22.80 10.72
C GLN G 67 -9.75 21.94 10.61
N THR G 68 -9.89 21.04 9.73
CA THR G 68 -8.90 20.03 9.48
C THR G 68 -7.50 20.56 9.34
N ARG G 69 -7.32 21.52 8.45
CA ARG G 69 -6.01 22.10 8.34
C ARG G 69 -5.53 22.66 9.67
N SER G 70 -6.47 23.24 10.36
CA SER G 70 -6.21 23.85 11.61
C SER G 70 -5.69 22.89 12.64
N ILE G 71 -6.36 21.78 12.64
CA ILE G 71 -6.04 20.71 13.54
C ILE G 71 -4.68 20.11 13.23
N LEU G 72 -4.51 19.78 11.96
CA LEU G 72 -3.26 19.18 11.57
C LEU G 72 -2.12 20.08 11.91
N HIS G 73 -2.31 21.36 11.72
CA HIS G 73 -1.22 22.25 12.06
C HIS G 73 -0.94 22.19 13.56
N TYR G 74 -1.98 22.04 14.36
CA TYR G 74 -1.76 21.99 15.79
C TYR G 74 -0.87 20.82 16.15
N ILE G 75 -1.40 19.65 15.86
CA ILE G 75 -0.68 18.45 16.13
C ILE G 75 0.74 18.46 15.59
N ALA G 76 0.91 18.95 14.39
CA ALA G 76 2.24 19.03 13.82
C ALA G 76 3.10 19.84 14.72
N ASP G 77 2.57 20.97 15.13
CA ASP G 77 3.33 21.82 15.99
C ASP G 77 3.56 21.22 17.34
N LYS G 78 2.61 20.42 17.80
CA LYS G 78 2.85 19.77 19.05
C LYS G 78 3.86 18.64 18.89
N HIS G 79 4.17 18.17 17.69
CA HIS G 79 5.07 17.04 17.61
C HIS G 79 6.15 17.11 16.58
N ASN G 80 6.70 18.27 16.34
CA ASN G 80 7.80 18.28 15.44
C ASN G 80 7.57 17.70 14.04
N LEU G 81 6.41 17.93 13.52
CA LEU G 81 6.11 17.49 12.19
C LEU G 81 6.04 18.69 11.32
N PHE G 82 6.34 19.84 11.91
CA PHE G 82 6.24 21.11 11.20
C PHE G 82 7.57 21.79 10.86
N GLY G 83 8.64 21.02 10.87
CA GLY G 83 9.93 21.62 10.53
C GLY G 83 10.63 22.31 11.69
N LYS G 84 11.66 23.11 11.36
CA LYS G 84 12.54 23.79 12.32
C LYS G 84 12.76 25.26 11.99
N ASN G 85 12.08 25.71 10.96
CA ASN G 85 12.13 27.12 10.71
C ASN G 85 11.09 27.62 9.70
N LEU G 86 11.08 28.91 9.48
CA LEU G 86 10.12 29.44 8.60
C LEU G 86 10.20 28.87 7.20
N LYS G 87 11.42 28.80 6.68
CA LYS G 87 11.62 28.30 5.34
C LYS G 87 11.14 26.89 5.22
N GLU G 88 11.55 26.11 6.23
CA GLU G 88 11.07 24.74 6.30
C GLU G 88 9.56 24.74 6.30
N ARG G 89 9.04 25.35 7.34
CA ARG G 89 7.64 25.49 7.61
C ARG G 89 6.86 25.87 6.41
N THR G 90 7.41 26.87 5.79
CA THR G 90 6.77 27.36 4.61
C THR G 90 6.56 26.31 3.49
N LEU G 91 7.57 25.46 3.31
CA LEU G 91 7.51 24.42 2.30
C LEU G 91 6.50 23.40 2.65
N ILE G 92 6.65 22.96 3.86
CA ILE G 92 5.77 21.95 4.36
C ILE G 92 4.35 22.33 4.13
N ASP G 93 4.14 23.59 4.44
CA ASP G 93 2.84 24.14 4.28
C ASP G 93 2.32 24.03 2.83
N MET G 94 3.09 24.59 1.91
CA MET G 94 2.67 24.48 0.58
C MET G 94 2.53 23.09 0.10
N TYR G 95 3.43 22.23 0.47
CA TYR G 95 3.29 20.85 0.03
C TYR G 95 2.02 20.27 0.52
N VAL G 96 1.77 20.57 1.76
CA VAL G 96 0.54 20.12 2.34
C VAL G 96 -0.73 20.60 1.65
N GLU G 97 -0.81 21.92 1.47
CA GLU G 97 -1.97 22.47 0.81
C GLU G 97 -2.18 21.82 -0.59
N GLY G 98 -1.08 21.81 -1.36
CA GLY G 98 -1.20 21.20 -2.65
C GLY G 98 -1.71 19.76 -2.56
N THR G 99 -1.16 19.01 -1.66
CA THR G 99 -1.59 17.63 -1.62
C THR G 99 -3.05 17.45 -1.29
N LEU G 100 -3.44 18.23 -0.33
CA LEU G 100 -4.78 18.26 0.10
C LEU G 100 -5.72 18.50 -1.08
N ASP G 101 -5.21 19.29 -2.01
CA ASP G 101 -6.01 19.53 -3.17
C ASP G 101 -6.25 18.30 -4.02
N LEU G 102 -5.27 17.45 -4.07
CA LEU G 102 -5.40 16.23 -4.79
C LEU G 102 -6.21 15.26 -3.99
N LEU G 103 -5.93 15.17 -2.71
CA LEU G 103 -6.64 14.27 -1.85
C LEU G 103 -8.13 14.44 -1.94
N GLU G 104 -8.49 15.62 -2.22
CA GLU G 104 -9.85 15.98 -2.29
C GLU G 104 -10.67 15.17 -3.26
N LEU G 105 -10.05 14.95 -4.36
CA LEU G 105 -10.70 14.19 -5.36
C LEU G 105 -11.13 12.86 -4.83
N LEU G 106 -10.33 12.39 -3.94
CA LEU G 106 -10.57 11.12 -3.31
C LEU G 106 -11.74 11.24 -2.40
N ILE G 107 -11.65 12.32 -1.68
CA ILE G 107 -12.66 12.66 -0.73
C ILE G 107 -14.02 12.83 -1.33
N MET G 108 -14.10 13.42 -2.52
CA MET G 108 -15.38 13.68 -3.09
C MET G 108 -15.95 12.50 -3.82
N HIS G 109 -15.03 11.68 -4.22
CA HIS G 109 -15.28 10.56 -5.07
C HIS G 109 -16.55 9.76 -4.81
N PRO G 110 -16.65 9.25 -3.61
CA PRO G 110 -17.78 8.45 -3.19
C PRO G 110 -19.10 9.12 -3.36
N PHE G 111 -19.14 10.41 -3.42
CA PHE G 111 -20.46 10.99 -3.55
C PHE G 111 -20.83 11.37 -4.96
N LEU G 112 -20.19 10.72 -5.90
CA LEU G 112 -20.35 11.00 -7.28
C LEU G 112 -21.35 10.12 -7.85
N LYS G 113 -21.87 10.55 -8.97
CA LYS G 113 -22.82 9.77 -9.69
C LYS G 113 -22.00 8.78 -10.42
N PRO G 114 -22.02 7.58 -9.91
CA PRO G 114 -21.36 6.37 -10.39
C PRO G 114 -20.78 6.45 -11.78
N ASP G 115 -21.54 7.13 -12.62
CA ASP G 115 -21.14 7.37 -13.98
C ASP G 115 -19.91 8.31 -14.03
N ASP G 116 -19.96 9.34 -13.19
CA ASP G 116 -18.91 10.32 -13.09
C ASP G 116 -17.75 9.78 -12.31
N GLN G 117 -18.05 8.79 -11.50
CA GLN G 117 -17.00 8.22 -10.71
C GLN G 117 -15.83 7.76 -11.54
N GLN G 118 -16.17 7.21 -12.69
CA GLN G 118 -15.12 6.75 -13.53
C GLN G 118 -14.27 7.80 -14.17
N LYS G 119 -14.94 8.76 -14.75
CA LYS G 119 -14.25 9.86 -15.39
C LYS G 119 -13.24 10.44 -14.42
N GLU G 120 -13.73 10.58 -13.25
CA GLU G 120 -13.02 11.12 -12.15
C GLU G 120 -11.76 10.40 -11.72
N VAL G 121 -11.77 9.10 -11.84
CA VAL G 121 -10.61 8.37 -11.53
C VAL G 121 -9.52 8.72 -12.49
N VAL G 122 -9.93 8.65 -13.73
CA VAL G 122 -9.02 9.05 -14.78
C VAL G 122 -8.43 10.44 -14.47
N ASN G 123 -9.32 11.35 -14.05
CA ASN G 123 -8.78 12.64 -13.73
C ASN G 123 -7.72 12.69 -12.60
N MET G 124 -7.95 11.92 -11.52
CA MET G 124 -6.98 11.89 -10.44
C MET G 124 -5.66 11.50 -11.01
N ALA G 125 -5.77 10.44 -11.81
CA ALA G 125 -4.58 9.88 -12.39
C ALA G 125 -3.81 10.93 -13.12
N GLN G 126 -4.52 11.70 -13.92
CA GLN G 126 -3.79 12.69 -14.60
C GLN G 126 -3.22 13.76 -13.68
N LYS G 127 -3.99 14.30 -12.77
CA LYS G 127 -3.41 15.33 -11.96
C LYS G 127 -2.23 14.82 -11.18
N ALA G 128 -2.36 13.62 -10.67
CA ALA G 128 -1.30 13.14 -9.86
C ALA G 128 -0.01 13.11 -10.63
N ILE G 129 -0.16 12.47 -11.79
CA ILE G 129 0.93 12.20 -12.68
C ILE G 129 1.50 13.45 -13.23
N ILE G 130 0.61 14.32 -13.51
CA ILE G 130 1.04 15.52 -14.15
C ILE G 130 1.40 16.68 -13.25
N ARG G 131 0.53 16.96 -12.30
CA ARG G 131 0.71 18.10 -11.44
C ARG G 131 1.54 17.93 -10.20
N TYR G 132 1.32 16.84 -9.46
CA TYR G 132 1.94 16.59 -8.18
C TYR G 132 3.17 15.72 -8.10
N PHE G 133 3.00 14.43 -8.37
CA PHE G 133 4.08 13.45 -8.31
C PHE G 133 5.42 13.95 -8.82
N PRO G 134 5.34 14.66 -9.90
CA PRO G 134 6.56 15.16 -10.45
C PRO G 134 7.32 16.12 -9.55
N VAL G 135 6.59 16.95 -8.85
CA VAL G 135 7.17 17.95 -7.98
C VAL G 135 7.96 17.25 -6.90
N PHE G 136 7.25 16.31 -6.32
CA PHE G 136 7.84 15.58 -5.25
C PHE G 136 9.03 14.75 -5.68
N GLU G 137 8.88 14.03 -6.80
CA GLU G 137 9.96 13.19 -7.32
C GLU G 137 11.21 14.03 -7.43
N LYS G 138 11.07 15.14 -8.09
CA LYS G 138 12.17 16.06 -8.24
C LYS G 138 12.82 16.46 -6.91
N ILE G 139 12.03 16.87 -5.97
CA ILE G 139 12.51 17.29 -4.67
C ILE G 139 13.37 16.23 -4.05
N LEU G 140 12.80 15.05 -4.07
CA LEU G 140 13.44 13.93 -3.47
C LEU G 140 14.73 13.60 -4.18
N ARG G 141 14.58 13.65 -5.49
CA ARG G 141 15.63 13.27 -6.39
C ARG G 141 16.77 14.19 -6.22
N GLY G 142 16.42 15.40 -5.92
CA GLY G 142 17.48 16.34 -5.82
C GLY G 142 18.14 16.49 -4.45
N HIS G 143 17.78 15.72 -3.41
CA HIS G 143 18.45 15.96 -2.13
C HIS G 143 18.85 14.68 -1.51
N GLY G 144 18.32 13.67 -2.16
CA GLY G 144 18.59 12.33 -1.79
C GLY G 144 18.10 11.91 -0.44
N GLN G 145 17.44 12.80 0.34
CA GLN G 145 16.96 12.41 1.66
C GLN G 145 15.63 11.67 1.70
N SER G 146 15.34 11.07 2.84
CA SER G 146 14.16 10.23 2.92
C SER G 146 12.90 10.98 3.33
N PHE G 147 13.04 12.31 3.41
CA PHE G 147 12.00 13.20 3.79
C PHE G 147 11.93 14.31 2.83
N LEU G 148 10.75 14.85 2.70
CA LEU G 148 10.56 15.92 1.78
C LEU G 148 11.32 17.15 2.18
N VAL G 149 11.22 17.41 3.47
CA VAL G 149 11.79 18.62 4.06
C VAL G 149 12.60 18.38 5.32
N GLY G 150 13.79 19.00 5.33
CA GLY G 150 14.72 18.97 6.47
C GLY G 150 15.16 17.62 7.08
N ASN G 151 15.25 16.61 6.26
CA ASN G 151 15.69 15.32 6.69
C ASN G 151 14.96 14.77 7.87
N GLN G 152 13.77 15.25 8.05
CA GLN G 152 12.97 14.65 9.07
C GLN G 152 11.51 14.56 8.67
N LEU G 153 10.84 13.58 9.25
CA LEU G 153 9.43 13.45 9.02
C LEU G 153 8.70 14.73 9.40
N SER G 154 7.82 15.08 8.49
CA SER G 154 6.98 16.22 8.60
C SER G 154 5.56 15.87 8.16
N LEU G 155 4.75 16.85 8.36
CA LEU G 155 3.39 16.73 8.01
C LEU G 155 3.23 16.48 6.55
N ALA G 156 4.09 17.15 5.74
CA ALA G 156 4.01 16.96 4.28
C ALA G 156 4.15 15.51 3.88
N ASP G 157 5.06 14.80 4.56
CA ASP G 157 5.30 13.42 4.29
C ASP G 157 4.08 12.61 4.63
N VAL G 158 3.48 12.87 5.75
CA VAL G 158 2.32 12.05 6.07
C VAL G 158 1.12 12.20 5.11
N ILE G 159 0.86 13.42 4.72
CA ILE G 159 -0.27 13.65 3.85
C ILE G 159 0.01 13.02 2.49
N LEU G 160 1.25 13.25 2.06
CA LEU G 160 1.66 12.68 0.81
C LEU G 160 1.51 11.19 0.80
N LEU G 161 2.00 10.56 1.84
CA LEU G 161 1.87 9.15 1.97
C LEU G 161 0.42 8.71 1.91
N GLN G 162 -0.35 9.33 2.76
CA GLN G 162 -1.75 9.07 2.87
C GLN G 162 -2.44 9.01 1.53
N THR G 163 -2.19 10.04 0.81
CA THR G 163 -2.77 10.27 -0.48
C THR G 163 -2.30 9.28 -1.52
N ILE G 164 -1.00 9.12 -1.56
CA ILE G 164 -0.46 8.21 -2.54
C ILE G 164 -1.06 6.83 -2.38
N LEU G 165 -1.17 6.42 -1.12
CA LEU G 165 -1.71 5.11 -0.97
C LEU G 165 -3.12 4.98 -1.42
N ALA G 166 -3.84 6.00 -1.06
CA ALA G 166 -5.24 6.12 -1.36
C ALA G 166 -5.44 6.09 -2.84
N LEU G 167 -4.51 6.76 -3.50
CA LEU G 167 -4.63 6.78 -4.92
C LEU G 167 -4.35 5.42 -5.48
N GLU G 168 -3.33 4.78 -4.90
CA GLU G 168 -2.97 3.47 -5.36
C GLU G 168 -4.08 2.52 -5.14
N GLU G 169 -4.93 2.83 -4.19
CA GLU G 169 -6.02 1.92 -4.06
C GLU G 169 -6.86 1.99 -5.33
N LYS G 170 -6.93 3.12 -5.98
CA LYS G 170 -7.75 3.17 -7.17
C LYS G 170 -6.93 2.93 -8.46
N ILE G 171 -5.69 3.36 -8.45
CA ILE G 171 -4.79 3.24 -9.60
C ILE G 171 -3.45 2.80 -9.09
N PRO G 172 -3.47 1.54 -8.99
CA PRO G 172 -2.48 0.69 -8.41
C PRO G 172 -1.09 0.91 -8.88
N ASN G 173 -0.94 1.35 -10.12
CA ASN G 173 0.36 1.58 -10.76
C ASN G 173 0.71 3.04 -10.90
N ILE G 174 -0.07 3.92 -10.32
CA ILE G 174 0.16 5.33 -10.45
C ILE G 174 1.63 5.79 -10.19
N LEU G 175 2.28 5.07 -9.31
CA LEU G 175 3.65 5.36 -8.94
C LEU G 175 4.74 4.97 -9.91
N SER G 176 4.42 3.97 -10.73
CA SER G 176 5.24 3.39 -11.80
C SER G 176 6.33 4.32 -12.30
N ALA G 177 5.95 5.47 -12.80
CA ALA G 177 6.99 6.34 -13.29
C ALA G 177 7.74 7.12 -12.23
N PHE G 178 7.57 6.76 -10.95
CA PHE G 178 8.18 7.57 -9.91
C PHE G 178 8.88 6.81 -8.80
N PRO G 179 9.89 6.14 -9.29
CA PRO G 179 10.88 5.36 -8.58
C PRO G 179 11.33 6.03 -7.28
N PHE G 180 11.60 7.36 -7.30
CA PHE G 180 11.87 8.01 -6.03
C PHE G 180 10.66 7.93 -5.13
N LEU G 181 9.53 8.40 -5.63
CA LEU G 181 8.31 8.31 -4.88
C LEU G 181 8.08 6.86 -4.41
N GLN G 182 8.44 5.90 -5.25
CA GLN G 182 8.25 4.53 -4.79
C GLN G 182 9.11 4.19 -3.59
N GLU G 183 10.37 4.57 -3.71
CA GLU G 183 11.24 4.27 -2.60
C GLU G 183 10.80 4.92 -1.32
N TYR G 184 10.64 6.27 -1.40
CA TYR G 184 10.16 7.11 -0.30
C TYR G 184 8.95 6.45 0.40
N THR G 185 7.97 6.08 -0.42
CA THR G 185 6.78 5.46 0.08
C THR G 185 7.08 4.23 0.88
N VAL G 186 7.95 3.46 0.35
CA VAL G 186 8.27 2.26 1.07
C VAL G 186 8.86 2.50 2.43
N LYS G 187 9.94 3.25 2.39
CA LYS G 187 10.57 3.58 3.64
C LYS G 187 9.64 4.18 4.71
N LEU G 188 8.87 5.17 4.30
CA LEU G 188 7.96 5.78 5.22
C LEU G 188 7.09 4.72 5.81
N SER G 189 6.58 3.86 4.91
CA SER G 189 5.65 2.92 5.45
C SER G 189 6.28 2.00 6.44
N ASN G 190 7.61 2.05 6.44
CA ASN G 190 8.35 1.23 7.37
C ASN G 190 8.51 1.79 8.74
N ILE G 191 8.35 3.09 8.86
CA ILE G 191 8.32 3.74 10.16
C ILE G 191 7.22 3.11 10.99
N PRO G 192 7.72 2.62 12.05
CA PRO G 192 7.06 1.78 13.01
C PRO G 192 5.66 2.15 13.31
N THR G 193 5.46 3.42 13.71
CA THR G 193 4.13 3.98 14.02
C THR G 193 3.20 3.66 12.86
N ILE G 194 3.70 4.11 11.71
CA ILE G 194 3.05 3.98 10.45
C ILE G 194 2.85 2.55 10.13
N LYS G 195 3.97 1.83 10.25
CA LYS G 195 3.95 0.43 9.95
C LYS G 195 2.78 -0.20 10.70
N ARG G 196 2.61 0.24 11.95
CA ARG G 196 1.53 -0.30 12.73
C ARG G 196 0.20 0.12 12.21
N PHE G 197 0.12 1.43 11.95
CA PHE G 197 -1.10 2.05 11.49
C PHE G 197 -1.56 1.31 10.26
N LEU G 198 -0.56 0.90 9.50
CA LEU G 198 -0.89 0.21 8.30
C LEU G 198 -1.33 -1.20 8.54
N GLU G 199 -0.81 -1.77 9.62
CA GLU G 199 -1.12 -3.11 10.05
C GLU G 199 -2.57 -3.16 10.53
N PRO G 200 -3.03 -4.33 10.96
CA PRO G 200 -4.39 -4.50 11.41
C PRO G 200 -4.63 -4.06 12.82
N GLY G 201 -5.93 -3.76 13.04
CA GLY G 201 -6.43 -3.25 14.30
C GLY G 201 -5.97 -1.82 14.61
N SER G 202 -5.80 -1.00 13.53
CA SER G 202 -5.40 0.39 13.63
C SER G 202 -6.68 1.18 13.52
N LYS G 203 -6.62 2.49 13.86
CA LYS G 203 -7.84 3.28 13.77
C LYS G 203 -8.05 3.75 12.33
N LYS G 204 -7.12 3.31 11.49
CA LYS G 204 -7.12 3.55 10.07
C LYS G 204 -8.40 3.01 9.45
N LYS G 205 -9.19 3.90 8.92
CA LYS G 205 -10.44 3.54 8.26
C LYS G 205 -10.23 3.12 6.81
N PRO G 206 -11.21 2.41 6.34
CA PRO G 206 -11.27 1.86 5.00
C PRO G 206 -12.01 2.73 4.04
N PRO G 207 -11.93 2.27 2.84
CA PRO G 207 -12.55 3.00 1.81
C PRO G 207 -13.99 2.84 2.07
N PRO G 208 -14.62 3.99 1.97
CA PRO G 208 -16.01 4.22 2.22
C PRO G 208 -16.86 3.36 1.33
N ASP G 209 -17.90 2.80 1.96
CA ASP G 209 -18.91 1.92 1.41
C ASP G 209 -20.22 2.64 1.36
N GLU G 210 -21.11 1.97 0.65
CA GLU G 210 -22.45 2.41 0.45
C GLU G 210 -23.09 2.89 1.76
N ILE G 211 -22.81 2.14 2.79
CA ILE G 211 -23.33 2.48 4.08
C ILE G 211 -22.88 3.84 4.56
N TYR G 212 -21.57 3.96 4.62
CA TYR G 212 -20.97 5.20 5.07
C TYR G 212 -21.62 6.41 4.39
N VAL G 213 -21.72 6.23 3.11
CA VAL G 213 -22.29 7.24 2.32
C VAL G 213 -23.68 7.57 2.78
N ARG G 214 -24.45 6.51 2.82
CA ARG G 214 -25.81 6.58 3.32
C ARG G 214 -25.89 7.32 4.64
N THR G 215 -25.14 6.84 5.58
CA THR G 215 -25.06 7.42 6.88
C THR G 215 -24.72 8.89 6.83
N VAL G 216 -23.78 9.19 5.97
CA VAL G 216 -23.32 10.55 5.90
C VAL G 216 -24.44 11.39 5.42
N TYR G 217 -25.07 10.85 4.43
CA TYR G 217 -26.22 11.51 3.89
C TYR G 217 -27.23 11.57 4.99
N ASN G 218 -27.22 10.58 5.83
CA ASN G 218 -28.21 10.65 6.86
C ASN G 218 -27.94 11.71 7.87
N ILE G 219 -26.73 11.77 8.35
CA ILE G 219 -26.41 12.73 9.37
C ILE G 219 -26.61 14.14 8.96
N PHE G 220 -26.51 14.37 7.65
CA PHE G 220 -26.58 15.72 7.07
C PHE G 220 -27.57 15.76 5.90
N ARG H 4 9.63 44.12 -3.33
CA ARG H 4 8.22 44.45 -3.62
C ARG H 4 7.45 43.24 -4.21
N PRO H 5 6.56 42.68 -3.39
CA PRO H 5 5.85 41.51 -3.79
C PRO H 5 5.06 41.67 -5.04
N LYS H 6 5.18 40.60 -5.85
CA LYS H 6 4.50 40.52 -7.11
C LYS H 6 3.45 39.41 -7.13
N LEU H 7 2.28 39.88 -7.48
CA LEU H 7 1.12 39.10 -7.53
C LEU H 7 0.78 38.68 -8.93
N HIS H 8 0.66 37.37 -9.09
CA HIS H 8 0.21 36.82 -10.34
C HIS H 8 -1.23 36.36 -10.34
N TYR H 9 -2.01 36.88 -11.23
CA TYR H 9 -3.39 36.53 -11.23
C TYR H 9 -4.07 37.43 -12.21
N PRO H 10 -5.25 36.99 -12.60
CA PRO H 10 -6.09 37.75 -13.48
C PRO H 10 -6.42 39.00 -12.77
N ASN H 11 -6.86 39.96 -13.54
CA ASN H 11 -7.21 41.18 -12.90
C ASN H 11 -8.63 41.09 -12.40
N GLY H 12 -8.74 40.74 -11.14
CA GLY H 12 -10.01 40.62 -10.49
C GLY H 12 -9.73 40.17 -9.08
N ARG H 13 -10.83 40.05 -8.35
CA ARG H 13 -10.79 39.64 -6.95
C ARG H 13 -10.27 38.23 -6.73
N GLY H 14 -11.07 37.29 -7.19
CA GLY H 14 -10.82 35.87 -7.09
C GLY H 14 -10.42 35.49 -5.71
N ARG H 15 -9.44 34.63 -5.68
CA ARG H 15 -8.90 34.22 -4.42
C ARG H 15 -7.75 35.08 -3.96
N MET H 16 -7.17 35.86 -4.88
CA MET H 16 -6.03 36.73 -4.60
C MET H 16 -6.41 37.90 -3.70
N GLU H 17 -7.71 38.19 -3.62
CA GLU H 17 -8.13 39.30 -2.84
C GLU H 17 -7.65 39.34 -1.43
N SER H 18 -7.74 38.21 -0.80
CA SER H 18 -7.34 38.16 0.58
C SER H 18 -5.88 38.43 0.68
N VAL H 19 -5.20 38.19 -0.39
CA VAL H 19 -3.81 38.50 -0.29
C VAL H 19 -3.54 39.98 -0.29
N ARG H 20 -4.19 40.64 -1.23
CA ARG H 20 -4.14 42.08 -1.31
C ARG H 20 -4.55 42.66 0.02
N TRP H 21 -5.60 42.12 0.57
CA TRP H 21 -6.05 42.57 1.84
C TRP H 21 -5.00 42.51 2.90
N VAL H 22 -4.37 41.39 3.05
CA VAL H 22 -3.40 41.33 4.09
C VAL H 22 -2.23 42.22 3.83
N LEU H 23 -1.76 42.18 2.60
CA LEU H 23 -0.60 42.97 2.26
C LEU H 23 -0.81 44.39 2.64
N ALA H 24 -1.97 44.89 2.17
CA ALA H 24 -2.41 46.25 2.42
C ALA H 24 -2.47 46.60 3.90
N ALA H 25 -3.06 45.73 4.65
CA ALA H 25 -3.23 46.00 6.04
C ALA H 25 -1.90 46.10 6.71
N ALA H 26 -0.97 45.26 6.24
CA ALA H 26 0.39 45.20 6.74
C ALA H 26 1.09 46.44 6.23
N GLY H 27 0.37 47.21 5.44
CA GLY H 27 0.96 48.38 4.89
C GLY H 27 2.16 48.04 4.00
N VAL H 28 2.07 46.90 3.32
CA VAL H 28 3.07 46.50 2.37
C VAL H 28 2.62 46.78 0.95
N GLU H 29 3.45 47.54 0.23
CA GLU H 29 3.16 47.85 -1.17
C GLU H 29 3.61 46.68 -1.99
N PHE H 30 2.88 46.42 -3.07
CA PHE H 30 3.21 45.26 -3.87
C PHE H 30 2.77 45.53 -5.26
N ASP H 31 3.14 44.68 -6.19
CA ASP H 31 2.73 44.90 -7.57
C ASP H 31 2.01 43.72 -8.12
N GLU H 32 1.48 43.93 -9.33
CA GLU H 32 0.67 42.95 -9.99
C GLU H 32 0.96 42.72 -11.44
N GLU H 33 0.93 41.45 -11.81
CA GLU H 33 1.11 40.99 -13.16
C GLU H 33 -0.12 40.20 -13.53
N PHE H 34 -0.89 40.77 -14.41
CA PHE H 34 -2.16 40.19 -14.70
C PHE H 34 -2.26 39.10 -15.68
N LEU H 35 -2.95 38.05 -15.32
CA LEU H 35 -3.21 37.15 -16.41
C LEU H 35 -4.41 37.61 -17.20
N GLU H 36 -4.30 37.54 -18.53
CA GLU H 36 -5.42 37.78 -19.49
C GLU H 36 -5.62 36.63 -20.48
N THR H 37 -4.62 35.74 -20.60
CA THR H 37 -4.67 34.62 -21.54
C THR H 37 -4.11 33.31 -21.06
N LYS H 38 -4.67 32.27 -21.68
CA LYS H 38 -4.24 30.91 -21.49
C LYS H 38 -2.73 30.84 -21.66
N GLU H 39 -2.36 31.51 -22.72
CA GLU H 39 -0.99 31.58 -23.07
C GLU H 39 -0.07 32.23 -22.05
N GLN H 40 -0.44 33.40 -21.58
CA GLN H 40 0.39 34.02 -20.55
C GLN H 40 0.55 33.09 -19.35
N LEU H 41 -0.54 32.34 -19.15
CA LEU H 41 -0.56 31.37 -18.14
C LEU H 41 0.46 30.31 -18.47
N TYR H 42 0.39 29.83 -19.73
CA TYR H 42 1.33 28.84 -20.16
C TYR H 42 2.75 29.20 -19.88
N LYS H 43 3.08 30.41 -20.19
CA LYS H 43 4.48 30.75 -20.00
C LYS H 43 4.89 30.71 -18.58
N LEU H 44 3.91 31.00 -17.82
CA LEU H 44 4.15 31.08 -16.44
C LEU H 44 4.46 29.69 -15.95
N GLN H 45 3.61 28.79 -16.39
CA GLN H 45 3.78 27.43 -15.98
C GLN H 45 4.98 26.92 -16.64
N ASP H 46 5.07 27.21 -17.94
CA ASP H 46 6.23 26.77 -18.69
C ASP H 46 7.54 27.18 -18.02
N GLY H 47 7.58 28.38 -17.49
CA GLY H 47 8.81 28.79 -16.88
C GLY H 47 9.11 28.07 -15.59
N ASN H 48 8.13 27.32 -15.10
CA ASN H 48 8.35 26.64 -13.84
C ASN H 48 8.23 27.58 -12.67
N HIS H 49 7.29 28.51 -12.81
CA HIS H 49 7.05 29.52 -11.81
C HIS H 49 5.99 29.19 -10.79
N LEU H 50 5.01 28.42 -11.25
CA LEU H 50 3.92 28.00 -10.46
C LEU H 50 4.20 26.62 -9.96
N LEU H 51 4.60 26.52 -8.69
CA LEU H 51 4.91 25.24 -8.07
C LEU H 51 3.99 24.14 -8.43
N PHE H 52 2.69 24.41 -8.51
CA PHE H 52 1.71 23.37 -8.80
C PHE H 52 0.80 23.72 -9.95
N GLN H 53 1.33 24.59 -10.81
CA GLN H 53 0.77 24.92 -12.07
C GLN H 53 -0.35 25.83 -11.99
N GLN H 54 -0.49 26.45 -10.83
CA GLN H 54 -1.64 27.33 -10.70
C GLN H 54 -1.35 28.58 -9.96
N VAL H 55 -2.30 29.54 -10.06
CA VAL H 55 -2.29 30.83 -9.33
C VAL H 55 -3.40 30.80 -8.28
N PRO H 56 -3.29 31.55 -7.22
CA PRO H 56 -2.32 32.52 -6.92
C PRO H 56 -0.91 32.07 -6.83
N MET H 57 -0.10 32.95 -7.36
CA MET H 57 1.30 32.83 -7.13
C MET H 57 1.75 34.19 -6.71
N VAL H 58 2.61 34.20 -5.73
CA VAL H 58 3.17 35.41 -5.24
C VAL H 58 4.63 35.30 -4.98
N GLU H 59 5.31 36.24 -5.61
CA GLU H 59 6.75 36.36 -5.51
C GLU H 59 7.06 37.25 -4.37
N ILE H 60 7.63 36.63 -3.38
CA ILE H 60 7.91 37.37 -2.21
C ILE H 60 9.12 36.82 -1.54
N ASP H 61 9.95 37.74 -1.12
CA ASP H 61 11.16 37.34 -0.38
C ASP H 61 11.99 36.30 -1.08
N GLY H 62 12.01 36.52 -2.40
CA GLY H 62 12.71 35.66 -3.33
C GLY H 62 12.08 34.29 -3.47
N MET H 63 10.78 34.19 -3.13
CA MET H 63 10.10 32.95 -3.25
C MET H 63 8.96 33.08 -4.21
N LYS H 64 8.45 31.92 -4.66
CA LYS H 64 7.28 32.03 -5.48
C LYS H 64 6.18 31.32 -4.77
N LEU H 65 5.52 32.03 -3.88
CA LEU H 65 4.53 31.32 -3.16
C LEU H 65 3.26 31.03 -3.91
N VAL H 66 2.78 29.82 -3.65
CA VAL H 66 1.51 29.30 -4.14
C VAL H 66 0.67 28.75 -2.99
N GLN H 67 -0.67 28.67 -3.14
CA GLN H 67 -1.57 28.21 -2.08
C GLN H 67 -1.86 29.36 -1.17
N THR H 68 -3.01 29.86 -1.40
CA THR H 68 -3.49 31.01 -0.72
C THR H 68 -3.34 30.97 0.79
N ARG H 69 -3.83 29.91 1.39
CA ARG H 69 -3.64 29.80 2.81
C ARG H 69 -2.16 29.85 3.18
N SER H 70 -1.38 29.22 2.34
CA SER H 70 0.01 29.12 2.52
C SER H 70 0.68 30.47 2.54
N ILE H 71 0.26 31.23 1.58
CA ILE H 71 0.76 32.56 1.42
C ILE H 71 0.38 33.46 2.56
N LEU H 72 -0.91 33.44 2.88
CA LEU H 72 -1.38 34.28 3.95
C LEU H 72 -0.65 33.96 5.20
N HIS H 73 -0.41 32.69 5.44
CA HIS H 73 0.30 32.36 6.66
C HIS H 73 1.71 32.95 6.63
N TYR H 74 2.32 32.97 5.45
CA TYR H 74 3.66 33.53 5.38
C TYR H 74 3.66 34.97 5.80
N ILE H 75 2.95 35.76 5.02
CA ILE H 75 2.86 37.14 5.31
C ILE H 75 2.48 37.45 6.73
N ALA H 76 1.52 36.71 7.26
CA ALA H 76 1.13 36.93 8.64
C ALA H 76 2.33 36.76 9.53
N ASP H 77 3.04 35.70 9.28
CA ASP H 77 4.20 35.44 10.07
C ASP H 77 5.28 36.45 9.85
N LYS H 78 5.37 36.98 8.66
CA LYS H 78 6.33 38.02 8.46
C LYS H 78 5.87 39.32 9.11
N HIS H 79 4.61 39.49 9.49
CA HIS H 79 4.24 40.77 10.01
C HIS H 79 3.39 40.77 11.24
N ASN H 80 3.60 39.84 12.14
CA ASN H 80 2.84 39.93 13.34
C ASN H 80 1.32 39.96 13.24
N LEU H 81 0.82 39.21 12.30
CA LEU H 81 -0.60 39.12 12.14
C LEU H 81 -1.02 37.76 12.58
N PHE H 82 -0.05 37.01 13.08
CA PHE H 82 -0.28 35.63 13.49
C PHE H 82 -0.27 35.37 15.00
N GLY H 83 -0.42 36.41 15.79
CA GLY H 83 -0.44 36.21 17.23
C GLY H 83 0.94 36.17 17.86
N LYS H 84 0.98 35.71 19.14
CA LYS H 84 2.19 35.66 19.97
C LYS H 84 2.39 34.33 20.66
N ASN H 85 1.53 33.39 20.35
CA ASN H 85 1.77 32.07 20.84
C ASN H 85 0.92 30.98 20.21
N LEU H 86 1.15 29.76 20.61
CA LEU H 86 0.42 28.71 20.03
C LEU H 86 -1.07 28.83 20.19
N LYS H 87 -1.49 29.13 21.42
CA LYS H 87 -2.90 29.26 21.72
C LYS H 87 -3.53 30.33 20.89
N GLU H 88 -2.82 31.46 20.85
CA GLU H 88 -3.24 32.54 19.99
C GLU H 88 -3.37 32.04 18.58
N ARG H 89 -2.23 31.63 18.07
CA ARG H 89 -2.04 31.12 16.74
C ARG H 89 -3.10 30.17 16.35
N THR H 90 -3.31 29.26 17.26
CA THR H 90 -4.29 28.27 17.03
C THR H 90 -5.72 28.80 16.74
N LEU H 91 -6.10 29.85 17.47
CA LEU H 91 -7.40 30.45 17.30
C LEU H 91 -7.51 31.14 15.99
N ILE H 92 -6.51 31.93 15.78
CA ILE H 92 -6.46 32.70 14.58
C ILE H 92 -6.65 31.81 13.39
N ASP H 93 -5.95 30.71 13.50
CA ASP H 93 -6.02 29.74 12.48
C ASP H 93 -7.46 29.22 12.22
N MET H 94 -8.07 28.71 13.27
CA MET H 94 -9.39 28.28 13.10
C MET H 94 -10.32 29.32 12.66
N TYR H 95 -10.20 30.52 13.18
CA TYR H 95 -11.08 31.58 12.73
C TYR H 95 -10.93 31.81 11.28
N VAL H 96 -9.68 31.82 10.90
CA VAL H 96 -9.40 31.99 9.50
C VAL H 96 -9.98 30.92 8.59
N GLU H 97 -9.71 29.67 8.92
CA GLU H 97 -10.23 28.59 8.12
C GLU H 97 -11.77 28.68 8.00
N GLY H 98 -12.42 28.84 9.16
CA GLY H 98 -13.85 28.96 9.13
C GLY H 98 -14.30 30.11 8.21
N THR H 99 -13.66 31.23 8.34
CA THR H 99 -14.13 32.33 7.53
C THR H 99 -13.99 32.10 6.05
N LEU H 100 -12.87 31.54 5.72
CA LEU H 100 -12.55 31.21 4.39
C LEU H 100 -13.66 30.33 3.81
N ASP H 101 -14.21 29.53 4.68
CA ASP H 101 -15.28 28.69 4.21
C ASP H 101 -16.52 29.46 3.79
N LEU H 102 -16.78 30.53 4.48
CA LEU H 102 -17.88 31.36 4.14
C LEU H 102 -17.52 32.20 2.95
N LEU H 103 -16.32 32.75 2.95
CA LEU H 103 -15.89 33.58 1.86
C LEU H 103 -16.04 32.91 0.52
N GLU H 104 -15.94 31.64 0.59
CA GLU H 104 -15.98 30.85 -0.58
C GLU H 104 -17.23 31.00 -1.40
N LEU H 105 -18.30 31.09 -0.69
CA LEU H 105 -19.54 31.25 -1.32
C LEU H 105 -19.53 32.45 -2.20
N LEU H 106 -18.79 33.40 -1.75
CA LEU H 106 -18.66 34.64 -2.47
C LEU H 106 -17.85 34.41 -3.70
N ILE H 107 -16.81 33.70 -3.44
CA ILE H 107 -15.88 33.33 -4.48
C ILE H 107 -16.50 32.54 -5.59
N MET H 108 -17.42 31.64 -5.26
CA MET H 108 -17.97 30.81 -6.29
C MET H 108 -19.10 31.46 -7.02
N HIS H 109 -19.67 32.39 -6.32
CA HIS H 109 -20.87 33.04 -6.72
C HIS H 109 -21.00 33.41 -8.19
N PRO H 110 -20.07 34.20 -8.66
CA PRO H 110 -20.04 34.66 -10.03
C PRO H 110 -20.09 33.57 -11.06
N PHE H 111 -19.70 32.39 -10.70
CA PHE H 111 -19.72 31.39 -11.74
C PHE H 111 -20.96 30.50 -11.72
N LEU H 112 -21.99 31.02 -11.13
CA LEU H 112 -23.21 30.30 -10.94
C LEU H 112 -24.13 30.59 -12.03
N LYS H 113 -25.06 29.70 -12.18
CA LYS H 113 -26.09 29.87 -13.17
C LYS H 113 -27.05 30.82 -12.54
N PRO H 114 -26.97 32.02 -13.01
CA PRO H 114 -27.78 33.19 -12.65
C PRO H 114 -29.01 32.90 -11.81
N ASP H 115 -29.63 31.80 -12.17
CA ASP H 115 -30.78 31.30 -11.48
C ASP H 115 -30.42 30.87 -10.05
N ASP H 116 -29.28 30.18 -9.95
CA ASP H 116 -28.76 29.68 -8.71
C ASP H 116 -28.13 30.78 -7.92
N GLN H 117 -27.74 31.81 -8.63
CA GLN H 117 -27.09 32.90 -7.97
C GLN H 117 -27.94 33.46 -6.84
N GLN H 118 -29.23 33.49 -7.11
CA GLN H 118 -30.08 34.01 -6.09
C GLN H 118 -30.26 33.18 -4.88
N LYS H 119 -30.53 31.92 -5.12
CA LYS H 119 -30.70 30.97 -4.04
C LYS H 119 -29.52 31.08 -3.09
N GLU H 120 -28.40 31.14 -3.75
CA GLU H 120 -27.14 31.22 -3.11
C GLU H 120 -26.88 32.41 -2.23
N VAL H 121 -27.43 33.54 -2.59
CA VAL H 121 -27.30 34.66 -1.76
C VAL H 121 -27.99 34.44 -0.46
N VAL H 122 -29.21 33.98 -0.64
CA VAL H 122 -29.97 33.63 0.53
C VAL H 122 -29.17 32.67 1.42
N ASN H 123 -28.53 31.68 0.77
CA ASN H 123 -27.76 30.80 1.60
C ASN H 123 -26.60 31.45 2.39
N MET H 124 -25.86 32.38 1.76
CA MET H 124 -24.78 33.05 2.44
C MET H 124 -25.34 33.68 3.69
N ALA H 125 -26.45 34.34 3.42
CA ALA H 125 -27.09 35.07 4.48
C ALA H 125 -27.35 34.17 5.66
N GLN H 126 -27.90 33.02 5.36
CA GLN H 126 -28.14 32.18 6.45
C GLN H 126 -26.87 31.67 7.14
N LYS H 127 -25.90 31.21 6.39
CA LYS H 127 -24.73 30.73 7.09
C LYS H 127 -24.08 31.80 7.90
N ALA H 128 -24.03 32.98 7.34
CA ALA H 128 -23.35 34.01 8.03
C ALA H 128 -23.97 34.24 9.38
N ILE H 129 -25.28 34.42 9.27
CA ILE H 129 -26.13 34.76 10.38
C ILE H 129 -26.17 33.68 11.40
N ILE H 130 -26.21 32.51 10.86
CA ILE H 130 -26.37 31.38 11.73
C ILE H 130 -25.10 30.74 12.23
N ARG H 131 -24.18 30.47 11.33
CA ARG H 131 -22.98 29.77 11.65
C ARG H 131 -21.81 30.58 12.16
N TYR H 132 -21.49 31.68 11.50
CA TYR H 132 -20.34 32.50 11.76
C TYR H 132 -20.45 33.72 12.66
N PHE H 133 -21.16 34.74 12.17
CA PHE H 133 -21.34 36.00 12.88
C PHE H 133 -21.55 35.84 14.39
N PRO H 134 -22.33 34.86 14.72
CA PRO H 134 -22.58 34.66 16.11
C PRO H 134 -21.34 34.32 16.94
N VAL H 135 -20.46 33.54 16.36
CA VAL H 135 -19.26 33.09 17.03
C VAL H 135 -18.41 34.30 17.37
N PHE H 136 -18.25 35.08 16.33
CA PHE H 136 -17.46 36.25 16.48
C PHE H 136 -18.04 37.25 17.43
N GLU H 137 -19.35 37.51 17.29
CA GLU H 137 -20.03 38.48 18.15
C GLU H 137 -19.75 38.12 19.59
N LYS H 138 -19.99 36.88 19.90
CA LYS H 138 -19.73 36.38 21.22
C LYS H 138 -18.31 36.64 21.71
N ILE H 139 -17.35 36.28 20.91
CA ILE H 139 -15.94 36.45 21.23
C ILE H 139 -15.65 37.87 21.62
N LEU H 140 -16.11 38.73 20.74
CA LEU H 140 -15.89 40.12 20.91
C LEU H 140 -16.55 40.64 22.16
N ARG H 141 -17.78 40.16 22.28
CA ARG H 141 -18.66 40.58 23.31
C ARG H 141 -18.10 40.18 24.62
N GLY H 142 -17.45 39.08 24.59
CA GLY H 142 -16.94 38.62 25.84
C GLY H 142 -15.55 39.11 26.24
N HIS H 143 -14.87 39.99 25.49
CA HIS H 143 -13.54 40.38 25.95
C HIS H 143 -13.36 41.85 25.84
N GLY H 144 -14.36 42.37 25.17
CA GLY H 144 -14.44 43.78 24.97
C GLY H 144 -13.36 44.40 24.13
N GLN H 145 -12.37 43.60 23.63
CA GLN H 145 -11.31 44.17 22.81
C GLN H 145 -11.64 44.41 21.35
N SER H 146 -10.79 45.19 20.69
CA SER H 146 -11.11 45.56 19.32
C SER H 146 -10.57 44.59 18.28
N PHE H 147 -10.04 43.48 18.79
CA PHE H 147 -9.45 42.44 18.00
C PHE H 147 -9.98 41.13 18.43
N LEU H 148 -10.02 40.22 17.49
CA LEU H 148 -10.53 38.92 17.80
C LEU H 148 -9.68 38.20 18.80
N VAL H 149 -8.38 38.32 18.54
CA VAL H 149 -7.37 37.60 19.31
C VAL H 149 -6.19 38.46 19.76
N GLY H 150 -5.89 38.31 21.07
CA GLY H 150 -4.76 38.98 21.71
C GLY H 150 -4.61 40.51 21.61
N ASN H 151 -5.71 41.21 21.57
CA ASN H 151 -5.71 42.64 21.53
C ASN H 151 -4.85 43.23 20.47
N GLN H 152 -4.63 42.46 19.45
CA GLN H 152 -3.92 43.03 18.34
C GLN H 152 -4.46 42.50 17.01
N LEU H 153 -4.30 43.32 16.00
CA LEU H 153 -4.67 42.90 14.67
C LEU H 153 -3.95 41.63 14.29
N SER H 154 -4.75 40.75 13.73
CA SER H 154 -4.32 39.47 13.25
C SER H 154 -4.97 39.19 11.90
N LEU H 155 -4.53 38.10 11.39
CA LEU H 155 -5.00 37.65 10.13
C LEU H 155 -6.47 37.39 10.19
N ALA H 156 -6.93 36.84 11.35
CA ALA H 156 -8.37 36.54 11.48
C ALA H 156 -9.23 37.77 11.27
N ASP H 157 -8.75 38.92 11.80
CA ASP H 157 -9.46 40.15 11.68
C ASP H 157 -9.51 40.58 10.23
N VAL H 158 -8.43 40.47 9.54
CA VAL H 158 -8.50 40.90 8.15
C VAL H 158 -9.44 40.08 7.24
N ILE H 159 -9.42 38.79 7.42
CA ILE H 159 -10.25 37.96 6.59
C ILE H 159 -11.71 38.20 6.93
N LEU H 160 -11.93 38.29 8.23
CA LEU H 160 -13.27 38.55 8.69
C LEU H 160 -13.80 39.83 8.12
N LEU H 161 -13.00 40.88 8.20
CA LEU H 161 -13.36 42.15 7.65
C LEU H 161 -13.68 42.02 6.18
N GLN H 162 -12.74 41.46 5.48
CA GLN H 162 -12.84 41.26 4.07
C GLN H 162 -14.17 40.69 3.65
N THR H 163 -14.47 39.63 4.31
CA THR H 163 -15.65 38.86 4.09
C THR H 163 -16.91 39.60 4.43
N ILE H 164 -16.91 40.15 5.61
CA ILE H 164 -18.10 40.86 6.04
C ILE H 164 -18.46 41.96 5.05
N LEU H 165 -17.44 42.64 4.58
CA LEU H 165 -17.79 43.69 3.66
C LEU H 165 -18.37 43.19 2.39
N ALA H 166 -17.74 42.14 1.95
CA ALA H 166 -18.08 41.48 0.72
C ALA H 166 -19.51 41.01 0.80
N LEU H 167 -19.82 40.53 1.98
CA LEU H 167 -21.16 40.05 2.15
C LEU H 167 -22.11 41.18 2.12
N GLU H 168 -21.71 42.27 2.79
CA GLU H 168 -22.55 43.43 2.83
C GLU H 168 -22.77 43.98 1.47
N GLU H 169 -21.84 43.69 0.59
CA GLU H 169 -22.12 44.18 -0.72
C GLU H 169 -23.35 43.46 -1.26
N LYS H 170 -23.58 42.23 -0.87
CA LYS H 170 -24.74 41.55 -1.40
C LYS H 170 -25.96 41.66 -0.47
N ILE H 171 -25.71 41.70 0.83
CA ILE H 171 -26.76 41.77 1.84
C ILE H 171 -26.32 42.76 2.89
N PRO H 172 -26.65 43.92 2.49
CA PRO H 172 -26.32 45.18 3.06
C PRO H 172 -26.57 45.31 4.51
N ASN H 173 -27.57 44.60 5.02
CA ASN H 173 -27.97 44.64 6.41
C ASN H 173 -27.59 43.42 7.20
N ILE H 174 -26.81 42.53 6.61
CA ILE H 174 -26.43 41.30 7.27
C ILE H 174 -25.91 41.47 8.72
N LEU H 175 -25.28 42.58 8.97
CA LEU H 175 -24.73 42.89 10.26
C LEU H 175 -25.68 43.33 11.36
N SER H 176 -26.82 43.86 10.91
CA SER H 176 -27.94 44.35 11.72
C SER H 176 -28.00 43.73 13.10
N ALA H 177 -28.12 42.42 13.17
CA ALA H 177 -28.21 41.85 14.49
C ALA H 177 -26.88 41.72 15.23
N PHE H 178 -25.81 42.35 14.72
CA PHE H 178 -24.51 42.15 15.33
C PHE H 178 -23.68 43.40 15.57
N PRO H 179 -24.28 44.19 16.42
CA PRO H 179 -23.80 45.43 16.98
C PRO H 179 -22.32 45.36 17.36
N PHE H 180 -21.87 44.26 18.00
CA PHE H 180 -20.43 44.15 18.20
C PHE H 180 -19.71 44.07 16.87
N LEU H 181 -20.11 43.13 16.04
CA LEU H 181 -19.53 43.02 14.73
C LEU H 181 -19.62 44.38 14.01
N GLN H 182 -20.70 45.11 14.22
CA GLN H 182 -20.74 46.40 13.57
C GLN H 182 -19.66 47.35 14.05
N GLU H 183 -19.54 47.40 15.37
CA GLU H 183 -18.54 48.28 15.88
C GLU H 183 -17.15 47.92 15.43
N TYR H 184 -16.78 46.66 15.68
CA TYR H 184 -15.51 46.06 15.26
C TYR H 184 -15.17 46.45 13.80
N THR H 185 -16.15 46.21 12.93
CA THR H 185 -15.99 46.52 11.54
C THR H 185 -15.64 47.95 11.32
N VAL H 186 -16.32 48.78 12.02
CA VAL H 186 -16.02 50.18 11.82
C VAL H 186 -14.62 50.56 12.20
N LYS H 187 -14.31 50.24 13.43
CA LYS H 187 -12.97 50.53 13.88
C LYS H 187 -11.85 50.00 12.99
N LEU H 188 -11.96 48.73 12.64
CA LEU H 188 -10.97 48.14 11.79
C LEU H 188 -10.85 48.98 10.56
N SER H 189 -12.01 49.31 9.99
CA SER H 189 -11.92 50.01 8.74
C SER H 189 -11.25 51.33 8.88
N ASN H 190 -11.12 51.73 10.14
CA ASN H 190 -10.48 52.98 10.43
C ASN H 190 -8.98 52.95 10.49
N ILE H 191 -8.44 51.77 10.69
CA ILE H 191 -7.01 51.56 10.61
C ILE H 191 -6.53 52.00 9.23
N PRO H 192 -5.65 52.92 9.37
CA PRO H 192 -5.10 53.73 8.33
C PRO H 192 -4.81 53.02 7.06
N THR H 193 -4.01 51.93 7.17
CA THR H 193 -3.65 51.08 6.03
C THR H 193 -4.91 50.71 5.27
N ILE H 194 -5.80 50.13 6.09
CA ILE H 194 -7.08 49.67 5.68
C ILE H 194 -7.89 50.79 5.14
N LYS H 195 -7.91 51.84 5.96
CA LYS H 195 -8.68 52.99 5.59
C LYS H 195 -8.29 53.38 4.18
N ARG H 196 -6.99 53.30 3.90
CA ARG H 196 -6.52 53.66 2.59
C ARG H 196 -6.97 52.69 1.55
N PHE H 197 -6.78 51.42 1.91
CA PHE H 197 -7.10 50.31 1.04
C PHE H 197 -8.54 50.46 0.62
N LEU H 198 -9.31 50.93 1.57
CA LEU H 198 -10.69 51.08 1.28
C LEU H 198 -10.99 52.27 0.42
N GLU H 199 -10.13 53.27 0.55
CA GLU H 199 -10.20 54.49 -0.22
C GLU H 199 -9.89 54.20 -1.68
N PRO H 200 -9.92 55.21 -2.52
CA PRO H 200 -9.67 55.05 -3.94
C PRO H 200 -8.23 54.99 -4.31
N GLY H 201 -8.02 54.34 -5.47
CA GLY H 201 -6.71 54.09 -6.04
C GLY H 201 -5.89 53.06 -5.24
N SER H 202 -6.61 52.07 -4.65
CA SER H 202 -6.01 50.99 -3.89
C SER H 202 -5.95 49.81 -4.84
N LYS H 203 -5.17 48.76 -4.47
CA LYS H 203 -5.10 47.63 -5.37
C LYS H 203 -6.31 46.72 -5.16
N LYS H 204 -7.16 47.17 -4.25
CA LYS H 204 -8.40 46.53 -3.92
C LYS H 204 -9.29 46.40 -5.16
N LYS H 205 -9.54 45.19 -5.55
CA LYS H 205 -10.38 44.89 -6.70
C LYS H 205 -11.87 44.91 -6.36
N PRO H 206 -12.63 45.08 -7.39
CA PRO H 206 -14.07 45.15 -7.35
C PRO H 206 -14.74 43.85 -7.63
N PRO H 207 -16.02 43.92 -7.46
CA PRO H 207 -16.78 42.76 -7.64
C PRO H 207 -16.70 42.49 -9.08
N PRO H 208 -16.46 41.23 -9.32
CA PRO H 208 -16.26 40.64 -10.61
C PRO H 208 -17.47 40.87 -11.49
N ASP H 209 -17.15 41.20 -12.74
CA ASP H 209 -18.05 41.48 -13.84
C ASP H 209 -17.96 40.38 -14.86
N GLU H 210 -18.90 40.47 -15.76
CA GLU H 210 -19.06 39.57 -16.85
C GLU H 210 -17.73 39.32 -17.55
N ILE H 211 -16.99 40.39 -17.70
CA ILE H 211 -15.71 40.29 -18.34
C ILE H 211 -14.75 39.36 -17.61
N TYR H 212 -14.55 39.71 -16.35
CA TYR H 212 -13.67 38.94 -15.51
C TYR H 212 -13.94 37.45 -15.64
N VAL H 213 -15.21 37.19 -15.56
CA VAL H 213 -15.65 35.86 -15.65
C VAL H 213 -15.23 35.24 -16.94
N ARG H 214 -15.61 35.94 -17.98
CA ARG H 214 -15.23 35.56 -19.34
C ARG H 214 -13.74 35.27 -19.44
N THR H 215 -12.97 36.23 -19.05
CA THR H 215 -11.55 36.12 -19.05
C THR H 215 -11.07 34.91 -18.29
N VAL H 216 -11.69 34.70 -17.16
CA VAL H 216 -11.25 33.62 -16.33
C VAL H 216 -11.53 32.35 -17.04
N TYR H 217 -12.68 32.32 -17.62
CA TYR H 217 -13.05 31.19 -18.40
C TYR H 217 -12.08 31.11 -19.53
N ASN H 218 -11.62 32.26 -19.96
CA ASN H 218 -10.73 32.17 -21.07
C ASN H 218 -9.40 31.61 -20.69
N ILE H 219 -8.83 32.10 -19.63
CA ILE H 219 -7.52 31.66 -19.24
C ILE H 219 -7.45 30.20 -18.95
N PHE H 220 -8.58 29.65 -18.54
CA PHE H 220 -8.68 28.24 -18.11
C PHE H 220 -9.83 27.53 -18.80
#